data_2J8B
# 
_entry.id   2J8B 
# 
_audit_conform.dict_name       mmcif_pdbx.dic 
_audit_conform.dict_version    5.397 
_audit_conform.dict_location   http://mmcif.pdb.org/dictionaries/ascii/mmcif_pdbx.dic 
# 
loop_
_database_2.database_id 
_database_2.database_code 
_database_2.pdbx_database_accession 
_database_2.pdbx_DOI 
PDB   2J8B         pdb_00002j8b 10.2210/pdb2j8b/pdb 
PDBE  EBI-30300    ?            ?                   
WWPDB D_1290030300 ?            ?                   
# 
loop_
_pdbx_audit_revision_history.ordinal 
_pdbx_audit_revision_history.data_content_type 
_pdbx_audit_revision_history.major_revision 
_pdbx_audit_revision_history.minor_revision 
_pdbx_audit_revision_history.revision_date 
1 'Structure model' 1 0 2007-08-07 
2 'Structure model' 1 1 2011-05-08 
3 'Structure model' 1 2 2011-07-13 
4 'Structure model' 1 3 2017-10-18 
5 'Structure model' 1 4 2023-12-13 
6 'Structure model' 1 5 2024-10-23 
# 
_pdbx_audit_revision_details.ordinal             1 
_pdbx_audit_revision_details.revision_ordinal    1 
_pdbx_audit_revision_details.data_content_type   'Structure model' 
_pdbx_audit_revision_details.provider            repository 
_pdbx_audit_revision_details.type                'Initial release' 
_pdbx_audit_revision_details.description         ? 
_pdbx_audit_revision_details.details             ? 
# 
loop_
_pdbx_audit_revision_group.ordinal 
_pdbx_audit_revision_group.revision_ordinal 
_pdbx_audit_revision_group.data_content_type 
_pdbx_audit_revision_group.group 
1 2 'Structure model' 'Version format compliance' 
2 3 'Structure model' 'Version format compliance' 
3 4 'Structure model' 'Data collection'           
4 5 'Structure model' 'Data collection'           
5 5 'Structure model' 'Database references'       
6 5 'Structure model' Other                       
7 5 'Structure model' 'Refinement description'    
8 6 'Structure model' 'Structure summary'         
# 
loop_
_pdbx_audit_revision_category.ordinal 
_pdbx_audit_revision_category.revision_ordinal 
_pdbx_audit_revision_category.data_content_type 
_pdbx_audit_revision_category.category 
1 4 'Structure model' diffrn                        
2 4 'Structure model' diffrn_source                 
3 5 'Structure model' chem_comp_atom                
4 5 'Structure model' chem_comp_bond                
5 5 'Structure model' database_2                    
6 5 'Structure model' pdbx_database_status          
7 5 'Structure model' pdbx_initial_refinement_model 
8 6 'Structure model' pdbx_entry_details            
9 6 'Structure model' pdbx_modification_feature     
# 
loop_
_pdbx_audit_revision_item.ordinal 
_pdbx_audit_revision_item.revision_ordinal 
_pdbx_audit_revision_item.data_content_type 
_pdbx_audit_revision_item.item 
1 5 'Structure model' '_database_2.pdbx_DOI'                 
2 5 'Structure model' '_database_2.pdbx_database_accession'  
3 5 'Structure model' '_pdbx_database_status.status_code_sf' 
# 
_pdbx_database_status.status_code                     REL 
_pdbx_database_status.entry_id                        2J8B 
_pdbx_database_status.deposit_site                    PDBE 
_pdbx_database_status.process_site                    PDBE 
_pdbx_database_status.SG_entry                        . 
_pdbx_database_status.recvd_initial_deposition_date   2006-10-24 
_pdbx_database_status.pdb_format_compatible           Y 
_pdbx_database_status.status_code_sf                  REL 
_pdbx_database_status.status_code_mr                  ? 
_pdbx_database_status.status_code_cs                  ? 
_pdbx_database_status.methods_development_category    ? 
_pdbx_database_status.status_code_nmr_data            ? 
# 
loop_
_pdbx_database_related.db_name 
_pdbx_database_related.db_id 
_pdbx_database_related.content_type 
_pdbx_database_related.details 
PDB 1CDQ unspecified 'CD59 (NMR, 20 STRUCTURES)'                                                                
PDB 1CDS unspecified 'CD59 COMPLEXED WITH GLCNAC-BETA-1,4-(FUC- ALPHA-1,6)- GLCNAC-BETA-1 (NMR, 10 STRUCTURES)' 
PDB 2UWR unspecified 'HIGH RESOLUTION STRUCTURE OF HUMAN CD59'                                                  
PDB 1CDR unspecified 'CD59 COMPLEXED WITH GLCNAC-BETA-1,4-GLCNAC -BETA-1 (NMR, 10 STRUCTURES)'                  
PDB 1ERG unspecified .                                                                                          
PDB 1ERH unspecified .                                                                                          
PDB 2UX2 unspecified 'HIGH RESOLUTION STRUCTURE OF HUMAN CD59'                                                  
# 
loop_
_audit_author.name 
_audit_author.pdbx_ordinal 
'Leath, K.J.'   1 
'Johnson, S.'   2 
'Roversi, P.'   3 
'Morgan, B.P.'  4 
'Smith, R.A.G.' 5 
'Lea, S.M.'     6 
# 
_citation.id                        primary 
_citation.title                     'High-Resolution Structures of Bacterially Expressed Soluble Human Cd59.' 
_citation.journal_abbrev            'Acta Crystallogr.,Sect.F' 
_citation.journal_volume            63 
_citation.page_first                648 
_citation.page_last                 ? 
_citation.year                      2007 
_citation.journal_id_ASTM           ? 
_citation.country                   DK 
_citation.journal_id_ISSN           1744-3091 
_citation.journal_id_CSD            ? 
_citation.book_publisher            ? 
_citation.pdbx_database_id_PubMed   17671359 
_citation.pdbx_database_id_DOI      10.1107/S1744309107033477 
# 
loop_
_citation_author.citation_id 
_citation_author.name 
_citation_author.ordinal 
_citation_author.identifier_ORCID 
primary 'Leath, K.J.'   1 ? 
primary 'Johnson, S.'   2 ? 
primary 'Roversi, P.'   3 ? 
primary 'Hughes, T.R.'  4 ? 
primary 'Smith, R.A.G.' 5 ? 
primary 'Mackenzie, L.' 6 ? 
primary 'Morgan, B.P.'  7 ? 
primary 'Lea, S.M.'     8 ? 
# 
loop_
_entity.id 
_entity.type 
_entity.src_method 
_entity.pdbx_description 
_entity.formula_weight 
_entity.pdbx_number_of_molecules 
_entity.pdbx_ec 
_entity.pdbx_mutation 
_entity.pdbx_fragment 
_entity.details 
1 polymer man 'CD59 GLYCOPROTEIN' 9158.354 1   ? ? 'MATURE POLYPEPTIDE, RESIDUES 26-103' ? 
2 water   nat water               18.015   117 ? ? ?                                     ? 
# 
_entity_name_com.entity_id   1 
_entity_name_com.name        
;MEMBRANE ATTACK COMPLEX INHIBITION FACTOR, MACIF, MAC-INHIBITORY PROTEIN, MAC-IP, PROTECTIN, MEM43 ANTIGEN, MEMBRANE INHIBITOR OF REACTIVE LYSIS, MIRL, 20 KDA HOMOLOGOUS RESTRICTION FACTOR, HRF-20,HRF20,1F5 ANTIGEN, CD59
;
# 
_entity_poly.entity_id                      1 
_entity_poly.type                           'polypeptide(L)' 
_entity_poly.nstd_linkage                   no 
_entity_poly.nstd_monomer                   no 
_entity_poly.pdbx_seq_one_letter_code       MLQCYNCPNPTADCKTAVNCSSDFDACLITKAGLQVYNKCWKFEHCNFNDVTTRLRENELTYYCCKKDLCNFNEQLENG 
_entity_poly.pdbx_seq_one_letter_code_can   MLQCYNCPNPTADCKTAVNCSSDFDACLITKAGLQVYNKCWKFEHCNFNDVTTRLRENELTYYCCKKDLCNFNEQLENG 
_entity_poly.pdbx_strand_id                 A 
_entity_poly.pdbx_target_identifier         ? 
# 
_pdbx_entity_nonpoly.entity_id   2 
_pdbx_entity_nonpoly.name        water 
_pdbx_entity_nonpoly.comp_id     HOH 
# 
loop_
_entity_poly_seq.entity_id 
_entity_poly_seq.num 
_entity_poly_seq.mon_id 
_entity_poly_seq.hetero 
1 1  MET n 
1 2  LEU n 
1 3  GLN n 
1 4  CYS n 
1 5  TYR n 
1 6  ASN n 
1 7  CYS n 
1 8  PRO n 
1 9  ASN n 
1 10 PRO n 
1 11 THR n 
1 12 ALA n 
1 13 ASP n 
1 14 CYS n 
1 15 LYS n 
1 16 THR n 
1 17 ALA n 
1 18 VAL n 
1 19 ASN n 
1 20 CYS n 
1 21 SER n 
1 22 SER n 
1 23 ASP n 
1 24 PHE n 
1 25 ASP n 
1 26 ALA n 
1 27 CYS n 
1 28 LEU n 
1 29 ILE n 
1 30 THR n 
1 31 LYS n 
1 32 ALA n 
1 33 GLY n 
1 34 LEU n 
1 35 GLN n 
1 36 VAL n 
1 37 TYR n 
1 38 ASN n 
1 39 LYS n 
1 40 CYS n 
1 41 TRP n 
1 42 LYS n 
1 43 PHE n 
1 44 GLU n 
1 45 HIS n 
1 46 CYS n 
1 47 ASN n 
1 48 PHE n 
1 49 ASN n 
1 50 ASP n 
1 51 VAL n 
1 52 THR n 
1 53 THR n 
1 54 ARG n 
1 55 LEU n 
1 56 ARG n 
1 57 GLU n 
1 58 ASN n 
1 59 GLU n 
1 60 LEU n 
1 61 THR n 
1 62 TYR n 
1 63 TYR n 
1 64 CYS n 
1 65 CYS n 
1 66 LYS n 
1 67 LYS n 
1 68 ASP n 
1 69 LEU n 
1 70 CYS n 
1 71 ASN n 
1 72 PHE n 
1 73 ASN n 
1 74 GLU n 
1 75 GLN n 
1 76 LEU n 
1 77 GLU n 
1 78 ASN n 
1 79 GLY n 
# 
_entity_src_gen.entity_id                          1 
_entity_src_gen.pdbx_src_id                        1 
_entity_src_gen.pdbx_alt_source_flag               sample 
_entity_src_gen.pdbx_seq_type                      ? 
_entity_src_gen.pdbx_beg_seq_num                   ? 
_entity_src_gen.pdbx_end_seq_num                   ? 
_entity_src_gen.gene_src_common_name               HUMAN 
_entity_src_gen.gene_src_genus                     ? 
_entity_src_gen.pdbx_gene_src_gene                 ? 
_entity_src_gen.gene_src_species                   ? 
_entity_src_gen.gene_src_strain                    ? 
_entity_src_gen.gene_src_tissue                    ? 
_entity_src_gen.gene_src_tissue_fraction           ? 
_entity_src_gen.gene_src_details                   ? 
_entity_src_gen.pdbx_gene_src_fragment             ? 
_entity_src_gen.pdbx_gene_src_scientific_name      'HOMO SAPIENS' 
_entity_src_gen.pdbx_gene_src_ncbi_taxonomy_id     9606 
_entity_src_gen.pdbx_gene_src_variant              ? 
_entity_src_gen.pdbx_gene_src_cell_line            ? 
_entity_src_gen.pdbx_gene_src_atcc                 ? 
_entity_src_gen.pdbx_gene_src_organ                ? 
_entity_src_gen.pdbx_gene_src_organelle            ? 
_entity_src_gen.pdbx_gene_src_cell                 'LYMPHOCYTES, ERYTHROCYTES, PLATELETS, ENDOTHELIA, EPITHELIA' 
_entity_src_gen.pdbx_gene_src_cellular_location    ? 
_entity_src_gen.host_org_common_name               ? 
_entity_src_gen.pdbx_host_org_scientific_name      'ESCHERICHIA COLI' 
_entity_src_gen.pdbx_host_org_ncbi_taxonomy_id     562 
_entity_src_gen.host_org_genus                     ? 
_entity_src_gen.pdbx_host_org_gene                 ? 
_entity_src_gen.pdbx_host_org_organ                ? 
_entity_src_gen.host_org_species                   ? 
_entity_src_gen.pdbx_host_org_tissue               ? 
_entity_src_gen.pdbx_host_org_tissue_fraction      ? 
_entity_src_gen.pdbx_host_org_strain               'UT5600 (DE3)' 
_entity_src_gen.pdbx_host_org_variant              ? 
_entity_src_gen.pdbx_host_org_cell_line            ? 
_entity_src_gen.pdbx_host_org_atcc                 ? 
_entity_src_gen.pdbx_host_org_culture_collection   ? 
_entity_src_gen.pdbx_host_org_cell                 ? 
_entity_src_gen.pdbx_host_org_organelle            ? 
_entity_src_gen.pdbx_host_org_cellular_location    ? 
_entity_src_gen.pdbx_host_org_vector_type          ? 
_entity_src_gen.pdbx_host_org_vector               ? 
_entity_src_gen.host_org_details                   ? 
_entity_src_gen.expression_system_id               ? 
_entity_src_gen.plasmid_name                       PET59-06 
_entity_src_gen.plasmid_details                    ? 
_entity_src_gen.pdbx_description                   'PURIFIED FROM INCLUSION BODIES AFTER EXPRESSION IN ESCHERICHIA COLI' 
# 
loop_
_chem_comp.id 
_chem_comp.type 
_chem_comp.mon_nstd_flag 
_chem_comp.name 
_chem_comp.pdbx_synonyms 
_chem_comp.formula 
_chem_comp.formula_weight 
ALA 'L-peptide linking' y ALANINE         ? 'C3 H7 N O2'     89.093  
ARG 'L-peptide linking' y ARGININE        ? 'C6 H15 N4 O2 1' 175.209 
ASN 'L-peptide linking' y ASPARAGINE      ? 'C4 H8 N2 O3'    132.118 
ASP 'L-peptide linking' y 'ASPARTIC ACID' ? 'C4 H7 N O4'     133.103 
CYS 'L-peptide linking' y CYSTEINE        ? 'C3 H7 N O2 S'   121.158 
GLN 'L-peptide linking' y GLUTAMINE       ? 'C5 H10 N2 O3'   146.144 
GLU 'L-peptide linking' y 'GLUTAMIC ACID' ? 'C5 H9 N O4'     147.129 
GLY 'peptide linking'   y GLYCINE         ? 'C2 H5 N O2'     75.067  
HIS 'L-peptide linking' y HISTIDINE       ? 'C6 H10 N3 O2 1' 156.162 
HOH non-polymer         . WATER           ? 'H2 O'           18.015  
ILE 'L-peptide linking' y ISOLEUCINE      ? 'C6 H13 N O2'    131.173 
LEU 'L-peptide linking' y LEUCINE         ? 'C6 H13 N O2'    131.173 
LYS 'L-peptide linking' y LYSINE          ? 'C6 H15 N2 O2 1' 147.195 
MET 'L-peptide linking' y METHIONINE      ? 'C5 H11 N O2 S'  149.211 
PHE 'L-peptide linking' y PHENYLALANINE   ? 'C9 H11 N O2'    165.189 
PRO 'L-peptide linking' y PROLINE         ? 'C5 H9 N O2'     115.130 
SER 'L-peptide linking' y SERINE          ? 'C3 H7 N O3'     105.093 
THR 'L-peptide linking' y THREONINE       ? 'C4 H9 N O3'     119.119 
TRP 'L-peptide linking' y TRYPTOPHAN      ? 'C11 H12 N2 O2'  204.225 
TYR 'L-peptide linking' y TYROSINE        ? 'C9 H11 N O3'    181.189 
VAL 'L-peptide linking' y VALINE          ? 'C5 H11 N O2'    117.146 
# 
loop_
_pdbx_poly_seq_scheme.asym_id 
_pdbx_poly_seq_scheme.entity_id 
_pdbx_poly_seq_scheme.seq_id 
_pdbx_poly_seq_scheme.mon_id 
_pdbx_poly_seq_scheme.ndb_seq_num 
_pdbx_poly_seq_scheme.pdb_seq_num 
_pdbx_poly_seq_scheme.auth_seq_num 
_pdbx_poly_seq_scheme.pdb_mon_id 
_pdbx_poly_seq_scheme.auth_mon_id 
_pdbx_poly_seq_scheme.pdb_strand_id 
_pdbx_poly_seq_scheme.pdb_ins_code 
_pdbx_poly_seq_scheme.hetero 
A 1 1  MET 1  0  0  MET MET A . n 
A 1 2  LEU 2  1  1  LEU LEU A . n 
A 1 3  GLN 3  2  2  GLN GLN A . n 
A 1 4  CYS 4  3  3  CYS CYS A . n 
A 1 5  TYR 5  4  4  TYR TYR A . n 
A 1 6  ASN 6  5  5  ASN ASN A . n 
A 1 7  CYS 7  6  6  CYS CYS A . n 
A 1 8  PRO 8  7  7  PRO PRO A . n 
A 1 9  ASN 9  8  8  ASN ASN A . n 
A 1 10 PRO 10 9  9  PRO PRO A . n 
A 1 11 THR 11 10 10 THR THR A . n 
A 1 12 ALA 12 11 11 ALA ALA A . n 
A 1 13 ASP 13 12 12 ASP ASP A . n 
A 1 14 CYS 14 13 13 CYS CYS A . n 
A 1 15 LYS 15 14 14 LYS LYS A . n 
A 1 16 THR 16 15 15 THR THR A . n 
A 1 17 ALA 17 16 16 ALA ALA A . n 
A 1 18 VAL 18 17 17 VAL VAL A . n 
A 1 19 ASN 19 18 18 ASN ASN A . n 
A 1 20 CYS 20 19 19 CYS CYS A . n 
A 1 21 SER 21 20 20 SER SER A . n 
A 1 22 SER 22 21 21 SER SER A . n 
A 1 23 ASP 23 22 22 ASP ASP A . n 
A 1 24 PHE 24 23 23 PHE PHE A . n 
A 1 25 ASP 25 24 24 ASP ASP A . n 
A 1 26 ALA 26 25 25 ALA ALA A . n 
A 1 27 CYS 27 26 26 CYS CYS A . n 
A 1 28 LEU 28 27 27 LEU LEU A . n 
A 1 29 ILE 29 28 28 ILE ILE A . n 
A 1 30 THR 30 29 29 THR THR A . n 
A 1 31 LYS 31 30 30 LYS LYS A . n 
A 1 32 ALA 32 31 31 ALA ALA A . n 
A 1 33 GLY 33 32 32 GLY GLY A . n 
A 1 34 LEU 34 33 33 LEU LEU A . n 
A 1 35 GLN 35 34 34 GLN GLN A . n 
A 1 36 VAL 36 35 35 VAL VAL A . n 
A 1 37 TYR 37 36 36 TYR TYR A . n 
A 1 38 ASN 38 37 37 ASN ASN A . n 
A 1 39 LYS 39 38 38 LYS LYS A . n 
A 1 40 CYS 40 39 39 CYS CYS A . n 
A 1 41 TRP 41 40 40 TRP TRP A . n 
A 1 42 LYS 42 41 41 LYS LYS A . n 
A 1 43 PHE 43 42 42 PHE PHE A . n 
A 1 44 GLU 44 43 43 GLU GLU A . n 
A 1 45 HIS 45 44 44 HIS HIS A . n 
A 1 46 CYS 46 45 45 CYS CYS A . n 
A 1 47 ASN 47 46 46 ASN ASN A . n 
A 1 48 PHE 48 47 47 PHE PHE A . n 
A 1 49 ASN 49 48 48 ASN ASN A . n 
A 1 50 ASP 50 49 49 ASP ASP A . n 
A 1 51 VAL 51 50 50 VAL VAL A . n 
A 1 52 THR 52 51 51 THR THR A . n 
A 1 53 THR 53 52 52 THR THR A . n 
A 1 54 ARG 54 53 53 ARG ARG A . n 
A 1 55 LEU 55 54 54 LEU LEU A . n 
A 1 56 ARG 56 55 55 ARG ARG A . n 
A 1 57 GLU 57 56 56 GLU GLU A . n 
A 1 58 ASN 58 57 57 ASN ASN A . n 
A 1 59 GLU 59 58 58 GLU GLU A . n 
A 1 60 LEU 60 59 59 LEU LEU A . n 
A 1 61 THR 61 60 60 THR THR A . n 
A 1 62 TYR 62 61 61 TYR TYR A . n 
A 1 63 TYR 63 62 62 TYR TYR A . n 
A 1 64 CYS 64 63 63 CYS CYS A . n 
A 1 65 CYS 65 64 64 CYS CYS A . n 
A 1 66 LYS 66 65 65 LYS LYS A . n 
A 1 67 LYS 67 66 66 LYS LYS A . n 
A 1 68 ASP 68 67 67 ASP ASP A . n 
A 1 69 LEU 69 68 68 LEU LEU A . n 
A 1 70 CYS 70 69 69 CYS CYS A . n 
A 1 71 ASN 71 70 70 ASN ASN A . n 
A 1 72 PHE 72 71 71 PHE PHE A . n 
A 1 73 ASN 73 72 72 ASN ASN A . n 
A 1 74 GLU 74 73 73 GLU GLU A . n 
A 1 75 GLN 75 74 74 GLN GLN A . n 
A 1 76 LEU 76 75 75 LEU LEU A . n 
A 1 77 GLU 77 76 76 GLU GLU A . n 
A 1 78 ASN 78 77 77 ASN ASN A . n 
A 1 79 GLY 79 78 ?  ?   ?   A . n 
# 
loop_
_pdbx_nonpoly_scheme.asym_id 
_pdbx_nonpoly_scheme.entity_id 
_pdbx_nonpoly_scheme.mon_id 
_pdbx_nonpoly_scheme.ndb_seq_num 
_pdbx_nonpoly_scheme.pdb_seq_num 
_pdbx_nonpoly_scheme.auth_seq_num 
_pdbx_nonpoly_scheme.pdb_mon_id 
_pdbx_nonpoly_scheme.auth_mon_id 
_pdbx_nonpoly_scheme.pdb_strand_id 
_pdbx_nonpoly_scheme.pdb_ins_code 
B 2 HOH 1   2001 2001 HOH HOH A . 
B 2 HOH 2   2002 2002 HOH HOH A . 
B 2 HOH 3   2003 2003 HOH HOH A . 
B 2 HOH 4   2004 2004 HOH HOH A . 
B 2 HOH 5   2005 2005 HOH HOH A . 
B 2 HOH 6   2006 2006 HOH HOH A . 
B 2 HOH 7   2007 2007 HOH HOH A . 
B 2 HOH 8   2008 2008 HOH HOH A . 
B 2 HOH 9   2009 2009 HOH HOH A . 
B 2 HOH 10  2010 2010 HOH HOH A . 
B 2 HOH 11  2011 2011 HOH HOH A . 
B 2 HOH 12  2012 2012 HOH HOH A . 
B 2 HOH 13  2013 2013 HOH HOH A . 
B 2 HOH 14  2014 2014 HOH HOH A . 
B 2 HOH 15  2015 2015 HOH HOH A . 
B 2 HOH 16  2016 2016 HOH HOH A . 
B 2 HOH 17  2017 2017 HOH HOH A . 
B 2 HOH 18  2018 2018 HOH HOH A . 
B 2 HOH 19  2019 2019 HOH HOH A . 
B 2 HOH 20  2020 2020 HOH HOH A . 
B 2 HOH 21  2021 2021 HOH HOH A . 
B 2 HOH 22  2022 2022 HOH HOH A . 
B 2 HOH 23  2023 2023 HOH HOH A . 
B 2 HOH 24  2024 2024 HOH HOH A . 
B 2 HOH 25  2025 2025 HOH HOH A . 
B 2 HOH 26  2026 2026 HOH HOH A . 
B 2 HOH 27  2027 2027 HOH HOH A . 
B 2 HOH 28  2028 2028 HOH HOH A . 
B 2 HOH 29  2029 2029 HOH HOH A . 
B 2 HOH 30  2030 2030 HOH HOH A . 
B 2 HOH 31  2031 2031 HOH HOH A . 
B 2 HOH 32  2032 2032 HOH HOH A . 
B 2 HOH 33  2033 2033 HOH HOH A . 
B 2 HOH 34  2034 2034 HOH HOH A . 
B 2 HOH 35  2035 2035 HOH HOH A . 
B 2 HOH 36  2036 2036 HOH HOH A . 
B 2 HOH 37  2037 2037 HOH HOH A . 
B 2 HOH 38  2038 2038 HOH HOH A . 
B 2 HOH 39  2039 2039 HOH HOH A . 
B 2 HOH 40  2040 2040 HOH HOH A . 
B 2 HOH 41  2041 2041 HOH HOH A . 
B 2 HOH 42  2042 2042 HOH HOH A . 
B 2 HOH 43  2043 2043 HOH HOH A . 
B 2 HOH 44  2044 2044 HOH HOH A . 
B 2 HOH 45  2045 2045 HOH HOH A . 
B 2 HOH 46  2046 2046 HOH HOH A . 
B 2 HOH 47  2047 2047 HOH HOH A . 
B 2 HOH 48  2048 2048 HOH HOH A . 
B 2 HOH 49  2049 2049 HOH HOH A . 
B 2 HOH 50  2050 2050 HOH HOH A . 
B 2 HOH 51  2051 2051 HOH HOH A . 
B 2 HOH 52  2052 2052 HOH HOH A . 
B 2 HOH 53  2053 2053 HOH HOH A . 
B 2 HOH 54  2054 2054 HOH HOH A . 
B 2 HOH 55  2055 2055 HOH HOH A . 
B 2 HOH 56  2056 2056 HOH HOH A . 
B 2 HOH 57  2057 2057 HOH HOH A . 
B 2 HOH 58  2058 2058 HOH HOH A . 
B 2 HOH 59  2059 2059 HOH HOH A . 
B 2 HOH 60  2060 2060 HOH HOH A . 
B 2 HOH 61  2061 2061 HOH HOH A . 
B 2 HOH 62  2062 2062 HOH HOH A . 
B 2 HOH 63  2063 2063 HOH HOH A . 
B 2 HOH 64  2064 2064 HOH HOH A . 
B 2 HOH 65  2065 2065 HOH HOH A . 
B 2 HOH 66  2066 2066 HOH HOH A . 
B 2 HOH 67  2067 2067 HOH HOH A . 
B 2 HOH 68  2068 2068 HOH HOH A . 
B 2 HOH 69  2069 2069 HOH HOH A . 
B 2 HOH 70  2070 2070 HOH HOH A . 
B 2 HOH 71  2071 2071 HOH HOH A . 
B 2 HOH 72  2072 2072 HOH HOH A . 
B 2 HOH 73  2073 2073 HOH HOH A . 
B 2 HOH 74  2074 2074 HOH HOH A . 
B 2 HOH 75  2075 2075 HOH HOH A . 
B 2 HOH 76  2076 2076 HOH HOH A . 
B 2 HOH 77  2077 2077 HOH HOH A . 
B 2 HOH 78  2078 2078 HOH HOH A . 
B 2 HOH 79  2079 2079 HOH HOH A . 
B 2 HOH 80  2080 2080 HOH HOH A . 
B 2 HOH 81  2081 2081 HOH HOH A . 
B 2 HOH 82  2082 2082 HOH HOH A . 
B 2 HOH 83  2083 2083 HOH HOH A . 
B 2 HOH 84  2084 2084 HOH HOH A . 
B 2 HOH 85  2085 2085 HOH HOH A . 
B 2 HOH 86  2086 2086 HOH HOH A . 
B 2 HOH 87  2087 2087 HOH HOH A . 
B 2 HOH 88  2088 2088 HOH HOH A . 
B 2 HOH 89  2089 2089 HOH HOH A . 
B 2 HOH 90  2090 2090 HOH HOH A . 
B 2 HOH 91  2091 2091 HOH HOH A . 
B 2 HOH 92  2092 2092 HOH HOH A . 
B 2 HOH 93  2093 2093 HOH HOH A . 
B 2 HOH 94  2094 2094 HOH HOH A . 
B 2 HOH 95  2095 2095 HOH HOH A . 
B 2 HOH 96  2096 2096 HOH HOH A . 
B 2 HOH 97  2097 2097 HOH HOH A . 
B 2 HOH 98  2098 2098 HOH HOH A . 
B 2 HOH 99  2099 2099 HOH HOH A . 
B 2 HOH 100 2100 2100 HOH HOH A . 
B 2 HOH 101 2101 2101 HOH HOH A . 
B 2 HOH 102 2102 2102 HOH HOH A . 
B 2 HOH 103 2103 2103 HOH HOH A . 
B 2 HOH 104 2104 2104 HOH HOH A . 
B 2 HOH 105 2105 2105 HOH HOH A . 
B 2 HOH 106 2106 2106 HOH HOH A . 
B 2 HOH 107 2107 2107 HOH HOH A . 
B 2 HOH 108 2108 2108 HOH HOH A . 
B 2 HOH 109 2109 2109 HOH HOH A . 
B 2 HOH 110 2110 2110 HOH HOH A . 
B 2 HOH 111 2111 2111 HOH HOH A . 
B 2 HOH 112 2112 2112 HOH HOH A . 
B 2 HOH 113 2113 2113 HOH HOH A . 
B 2 HOH 114 2114 2114 HOH HOH A . 
B 2 HOH 115 2115 2115 HOH HOH A . 
B 2 HOH 116 2116 2116 HOH HOH A . 
B 2 HOH 117 2117 2117 HOH HOH A . 
# 
loop_
_software.name 
_software.classification 
_software.version 
_software.citation_id 
_software.pdbx_ordinal 
_software.date 
_software.type 
_software.location 
_software.language 
REFMAC refinement       5.2.0019 ? 1 ? ? ? ? 
MOSFLM 'data reduction' .        ? 2 ? ? ? ? 
SCALA  'data scaling'   .        ? 3 ? ? ? ? 
MOLREP phasing          .        ? 4 ? ? ? ? 
# 
_cell.entry_id           2J8B 
_cell.length_a           31.948 
_cell.length_b           45.918 
_cell.length_c           46.033 
_cell.angle_alpha        90.00 
_cell.angle_beta         90.00 
_cell.angle_gamma        90.00 
_cell.Z_PDB              4 
_cell.pdbx_unique_axis   ? 
# 
_symmetry.entry_id                         2J8B 
_symmetry.space_group_name_H-M             'P 21 21 21' 
_symmetry.pdbx_full_space_group_name_H-M   ? 
_symmetry.cell_setting                     ? 
_symmetry.Int_Tables_number                19 
# 
_exptl.entry_id          2J8B 
_exptl.method            'X-RAY DIFFRACTION' 
_exptl.crystals_number   1 
# 
_exptl_crystal.id                    1 
_exptl_crystal.density_meas          ? 
_exptl_crystal.density_Matthews      1.84 
_exptl_crystal.density_percent_sol   33 
_exptl_crystal.description           NONE 
_exptl_crystal.preparation           ? 
# 
_exptl_crystal_grow.crystal_id      1 
_exptl_crystal_grow.method          ? 
_exptl_crystal_grow.temp            ? 
_exptl_crystal_grow.temp_details    ? 
_exptl_crystal_grow.pH              ? 
_exptl_crystal_grow.pdbx_pH_range   ? 
_exptl_crystal_grow.pdbx_details    '28 % PEG 4000 0.25M AMMONIUM SULPHATE' 
# 
_diffrn.id                     1 
_diffrn.ambient_temp           100 
_diffrn.ambient_temp_details   ? 
_diffrn.crystal_id             1 
# 
_diffrn_detector.diffrn_id              1 
_diffrn_detector.detector               CCD 
_diffrn_detector.type                   'ADSC CCD' 
_diffrn_detector.pdbx_collection_date   2006-05-21 
_diffrn_detector.details                ? 
# 
_diffrn_radiation.diffrn_id                        1 
_diffrn_radiation.wavelength_id                    1 
_diffrn_radiation.pdbx_monochromatic_or_laue_m_l   M 
_diffrn_radiation.monochromator                    ? 
_diffrn_radiation.pdbx_diffrn_protocol             'SINGLE WAVELENGTH' 
_diffrn_radiation.pdbx_scattering_type             x-ray 
# 
loop_
_diffrn_radiation_wavelength.id 
_diffrn_radiation_wavelength.wavelength 
_diffrn_radiation_wavelength.wt 
1 0.92 1.0 
2 1.24 1.0 
# 
_diffrn_source.diffrn_id                   1 
_diffrn_source.source                      SYNCHROTRON 
_diffrn_source.type                        'ESRF BEAMLINE ID29' 
_diffrn_source.pdbx_synchrotron_site       ESRF 
_diffrn_source.pdbx_synchrotron_beamline   ID29 
_diffrn_source.pdbx_wavelength             ? 
_diffrn_source.pdbx_wavelength_list        '0.92, 1.24' 
# 
_reflns.pdbx_diffrn_id               1 
_reflns.pdbx_ordinal                 1 
_reflns.entry_id                     2J8B 
_reflns.observed_criterion_sigma_I   0.0 
_reflns.observed_criterion_sigma_F   ? 
_reflns.d_resolution_low             26.20 
_reflns.d_resolution_high            1.10 
_reflns.number_obs                   27724 
_reflns.number_all                   ? 
_reflns.percent_possible_obs         99.0 
_reflns.pdbx_Rmerge_I_obs            0.10 
_reflns.pdbx_Rsym_value              ? 
_reflns.pdbx_netI_over_sigmaI        20.70 
_reflns.B_iso_Wilson_estimate        8.40 
_reflns.pdbx_redundancy              12.0 
# 
_reflns_shell.pdbx_diffrn_id         1 
_reflns_shell.pdbx_ordinal           1 
_reflns_shell.d_res_high             1.10 
_reflns_shell.d_res_low              1.16 
_reflns_shell.percent_possible_all   93.3 
_reflns_shell.Rmerge_I_obs           0.24 
_reflns_shell.pdbx_Rsym_value        ? 
_reflns_shell.meanI_over_sigI_obs    3.70 
_reflns_shell.pdbx_redundancy        3.5 
# 
_refine.pdbx_refine_id                           'X-RAY DIFFRACTION' 
_refine.entry_id                                 2J8B 
_refine.pdbx_diffrn_id                           1 
_refine.pdbx_TLS_residual_ADP_flag               ? 
_refine.ls_number_reflns_obs                     23463 
_refine.ls_number_reflns_all                     ? 
_refine.pdbx_ls_sigma_I                          ? 
_refine.pdbx_ls_sigma_F                          ? 
_refine.pdbx_data_cutoff_high_absF               ? 
_refine.pdbx_data_cutoff_low_absF                ? 
_refine.pdbx_data_cutoff_high_rms_absF           ? 
_refine.ls_d_res_low                             20.00 
_refine.ls_d_res_high                            1.15 
_refine.ls_percent_reflns_obs                    99.9 
_refine.ls_R_factor_obs                          0.165 
_refine.ls_R_factor_all                          ? 
_refine.ls_R_factor_R_work                       0.164 
_refine.ls_R_factor_R_free                       0.197 
_refine.ls_R_factor_R_free_error                 ? 
_refine.ls_R_factor_R_free_error_details         ? 
_refine.ls_percent_reflns_R_free                 5.000 
_refine.ls_number_reflns_R_free                  1238 
_refine.ls_number_parameters                     ? 
_refine.ls_number_restraints                     ? 
_refine.occupancy_min                            ? 
_refine.occupancy_max                            ? 
_refine.correlation_coeff_Fo_to_Fc               0.966 
_refine.correlation_coeff_Fo_to_Fc_free          0.949 
_refine.B_iso_mean                               12.96 
_refine.aniso_B[1][1]                            -0.79000 
_refine.aniso_B[2][2]                            -0.66000 
_refine.aniso_B[3][3]                            1.45000 
_refine.aniso_B[1][2]                            0.00000 
_refine.aniso_B[1][3]                            0.00000 
_refine.aniso_B[2][3]                            0.00000 
_refine.solvent_model_details                    MASK 
_refine.solvent_model_param_ksol                 ? 
_refine.solvent_model_param_bsol                 ? 
_refine.pdbx_solvent_vdw_probe_radii             1.40 
_refine.pdbx_solvent_ion_probe_radii             0.80 
_refine.pdbx_solvent_shrinkage_radii             0.80 
_refine.pdbx_ls_cross_valid_method               THROUGHOUT 
_refine.details                                  'HYDROGENS HAVE BEEN ADDED IN THE RIDING POSITIONS. RESIDUE 78 WAS NOT MODELLED' 
_refine.pdbx_starting_model                      'PDB ENTRY 1CDQ' 
_refine.pdbx_method_to_determine_struct          'MOLECULAR REPLACEMENT' 
_refine.pdbx_isotropic_thermal_model             ? 
_refine.pdbx_stereochemistry_target_values       'MAXIMUM LIKELIHOOD' 
_refine.pdbx_stereochem_target_val_spec_case     ? 
_refine.pdbx_R_Free_selection_details            RANDOM 
_refine.pdbx_overall_ESU_R                       0.042 
_refine.pdbx_overall_ESU_R_Free                  0.042 
_refine.overall_SU_ML                            0.023 
_refine.pdbx_overall_phase_error                 ? 
_refine.overall_SU_B                             1.043 
_refine.overall_SU_R_Cruickshank_DPI             ? 
_refine.pdbx_overall_SU_R_free_Cruickshank_DPI   ? 
_refine.pdbx_overall_SU_R_Blow_DPI               ? 
_refine.pdbx_overall_SU_R_free_Blow_DPI          ? 
# 
_refine_hist.pdbx_refine_id                   'X-RAY DIFFRACTION' 
_refine_hist.cycle_id                         LAST 
_refine_hist.pdbx_number_atoms_protein        629 
_refine_hist.pdbx_number_atoms_nucleic_acid   0 
_refine_hist.pdbx_number_atoms_ligand         0 
_refine_hist.number_atoms_solvent             117 
_refine_hist.number_atoms_total               746 
_refine_hist.d_res_high                       1.15 
_refine_hist.d_res_low                        20.00 
# 
loop_
_refine_ls_restr.type 
_refine_ls_restr.dev_ideal 
_refine_ls_restr.dev_ideal_target 
_refine_ls_restr.weight 
_refine_ls_restr.number 
_refine_ls_restr.pdbx_refine_id 
_refine_ls_restr.pdbx_restraint_function 
r_bond_refined_d             0.010  0.022  ? 698 'X-RAY DIFFRACTION' ? 
r_bond_other_d               ?      ?      ? ?   'X-RAY DIFFRACTION' ? 
r_angle_refined_deg          1.410  1.931  ? 950 'X-RAY DIFFRACTION' ? 
r_angle_other_deg            ?      ?      ? ?   'X-RAY DIFFRACTION' ? 
r_dihedral_angle_1_deg       7.145  5.000  ? 84  'X-RAY DIFFRACTION' ? 
r_dihedral_angle_2_deg       37.174 25.526 ? 38  'X-RAY DIFFRACTION' ? 
r_dihedral_angle_3_deg       12.342 15.000 ? 126 'X-RAY DIFFRACTION' ? 
r_dihedral_angle_4_deg       22.596 15.000 ? 3   'X-RAY DIFFRACTION' ? 
r_chiral_restr               0.099  0.200  ? 100 'X-RAY DIFFRACTION' ? 
r_gen_planes_refined         0.007  0.020  ? 538 'X-RAY DIFFRACTION' ? 
r_gen_planes_other           ?      ?      ? ?   'X-RAY DIFFRACTION' ? 
r_nbd_refined                0.218  0.300  ? 281 'X-RAY DIFFRACTION' ? 
r_nbd_other                  ?      ?      ? ?   'X-RAY DIFFRACTION' ? 
r_nbtor_refined              0.308  0.500  ? 486 'X-RAY DIFFRACTION' ? 
r_nbtor_other                ?      ?      ? ?   'X-RAY DIFFRACTION' ? 
r_xyhbond_nbd_refined        0.244  0.500  ? 123 'X-RAY DIFFRACTION' ? 
r_xyhbond_nbd_other          ?      ?      ? ?   'X-RAY DIFFRACTION' ? 
r_metal_ion_refined          ?      ?      ? ?   'X-RAY DIFFRACTION' ? 
r_metal_ion_other            ?      ?      ? ?   'X-RAY DIFFRACTION' ? 
r_symmetry_vdw_refined       0.200  0.300  ? 47  'X-RAY DIFFRACTION' ? 
r_symmetry_vdw_other         ?      ?      ? ?   'X-RAY DIFFRACTION' ? 
r_symmetry_hbond_refined     0.428  0.500  ? 52  'X-RAY DIFFRACTION' ? 
r_symmetry_hbond_other       ?      ?      ? ?   'X-RAY DIFFRACTION' ? 
r_symmetry_metal_ion_refined ?      ?      ? ?   'X-RAY DIFFRACTION' ? 
r_symmetry_metal_ion_other   ?      ?      ? ?   'X-RAY DIFFRACTION' ? 
r_mcbond_it                  1.700  2.000  ? 427 'X-RAY DIFFRACTION' ? 
r_mcbond_other               ?      ?      ? ?   'X-RAY DIFFRACTION' ? 
r_mcangle_it                 2.435  3.000  ? 677 'X-RAY DIFFRACTION' ? 
r_mcangle_other              ?      ?      ? ?   'X-RAY DIFFRACTION' ? 
r_scbond_it                  2.069  2.000  ? 308 'X-RAY DIFFRACTION' ? 
r_scbond_other               ?      ?      ? ?   'X-RAY DIFFRACTION' ? 
r_scangle_it                 2.728  3.000  ? 273 'X-RAY DIFFRACTION' ? 
r_scangle_other              ?      ?      ? ?   'X-RAY DIFFRACTION' ? 
r_long_range_B_refined       ?      ?      ? ?   'X-RAY DIFFRACTION' ? 
r_long_range_B_other         ?      ?      ? ?   'X-RAY DIFFRACTION' ? 
r_rigid_bond_restr           ?      ?      ? ?   'X-RAY DIFFRACTION' ? 
r_sphericity_free            ?      ?      ? ?   'X-RAY DIFFRACTION' ? 
r_sphericity_bonded          ?      ?      ? ?   'X-RAY DIFFRACTION' ? 
# 
_refine_ls_shell.pdbx_refine_id                   'X-RAY DIFFRACTION' 
_refine_ls_shell.pdbx_total_number_of_bins_used   20 
_refine_ls_shell.d_res_high                       1.15 
_refine_ls_shell.d_res_low                        1.18 
_refine_ls_shell.number_reflns_R_work             1709 
_refine_ls_shell.R_factor_R_work                  0.2030 
_refine_ls_shell.percent_reflns_obs               ? 
_refine_ls_shell.R_factor_R_free                  0.2020 
_refine_ls_shell.R_factor_R_free_error            ? 
_refine_ls_shell.percent_reflns_R_free            ? 
_refine_ls_shell.number_reflns_R_free             80 
_refine_ls_shell.number_reflns_all                ? 
_refine_ls_shell.R_factor_all                     ? 
# 
_struct.entry_id                  2J8B 
_struct.title                     'High resolution structure of human CD59' 
_struct.pdbx_model_details        ? 
_struct.pdbx_CASP_flag            ? 
_struct.pdbx_model_type_details   ? 
# 
_struct_keywords.entry_id        2J8B 
_struct_keywords.pdbx_keywords   'LIPID BINDING PROTEIN' 
_struct_keywords.text            
;LIPID-BINDING PROTEIN, GLYCOPROTEIN, LIPID-BINDING PROTEIN MAC, MEMBRANE, GPI-ANCHOR, COMPLEMENT, LIPOPROTEIN, LIPID BINDING PROTEIN
;
# 
loop_
_struct_asym.id 
_struct_asym.pdbx_blank_PDB_chainid_flag 
_struct_asym.pdbx_modified 
_struct_asym.entity_id 
_struct_asym.details 
A N N 1 ? 
B N N 2 ? 
# 
loop_
_struct_ref.id 
_struct_ref.db_name 
_struct_ref.db_code 
_struct_ref.entity_id 
_struct_ref.pdbx_seq_one_letter_code 
_struct_ref.pdbx_align_begin 
_struct_ref.pdbx_db_accession 
_struct_ref.pdbx_db_isoform 
1 PDB 2J8B       1 ? ? 2J8B   ? 
2 UNP CD59_HUMAN 1 ? ? P13987 ? 
# 
loop_
_struct_ref_seq.align_id 
_struct_ref_seq.ref_id 
_struct_ref_seq.pdbx_PDB_id_code 
_struct_ref_seq.pdbx_strand_id 
_struct_ref_seq.seq_align_beg 
_struct_ref_seq.pdbx_seq_align_beg_ins_code 
_struct_ref_seq.seq_align_end 
_struct_ref_seq.pdbx_seq_align_end_ins_code 
_struct_ref_seq.pdbx_db_accession 
_struct_ref_seq.db_align_beg 
_struct_ref_seq.pdbx_db_align_beg_ins_code 
_struct_ref_seq.db_align_end 
_struct_ref_seq.pdbx_db_align_end_ins_code 
_struct_ref_seq.pdbx_auth_seq_align_beg 
_struct_ref_seq.pdbx_auth_seq_align_end 
1 1 2J8B A 1 ? 1  ? 2J8B   0  ? 0   ? 0 0  
2 2 2J8B A 2 ? 79 ? P13987 26 ? 103 ? 1 78 
# 
_pdbx_struct_assembly.id                   1 
_pdbx_struct_assembly.details              author_and_software_defined_assembly 
_pdbx_struct_assembly.method_details       PQS 
_pdbx_struct_assembly.oligomeric_details   monomeric 
_pdbx_struct_assembly.oligomeric_count     1 
# 
_pdbx_struct_assembly_gen.assembly_id       1 
_pdbx_struct_assembly_gen.oper_expression   1 
_pdbx_struct_assembly_gen.asym_id_list      A,B 
# 
_pdbx_struct_oper_list.id                   1 
_pdbx_struct_oper_list.type                 'identity operation' 
_pdbx_struct_oper_list.name                 1_555 
_pdbx_struct_oper_list.symmetry_operation   x,y,z 
_pdbx_struct_oper_list.matrix[1][1]         1.0000000000 
_pdbx_struct_oper_list.matrix[1][2]         0.0000000000 
_pdbx_struct_oper_list.matrix[1][3]         0.0000000000 
_pdbx_struct_oper_list.vector[1]            0.0000000000 
_pdbx_struct_oper_list.matrix[2][1]         0.0000000000 
_pdbx_struct_oper_list.matrix[2][2]         1.0000000000 
_pdbx_struct_oper_list.matrix[2][3]         0.0000000000 
_pdbx_struct_oper_list.vector[2]            0.0000000000 
_pdbx_struct_oper_list.matrix[3][1]         0.0000000000 
_pdbx_struct_oper_list.matrix[3][2]         0.0000000000 
_pdbx_struct_oper_list.matrix[3][3]         1.0000000000 
_pdbx_struct_oper_list.vector[3]            0.0000000000 
# 
loop_
_struct_conf.conf_type_id 
_struct_conf.id 
_struct_conf.pdbx_PDB_helix_id 
_struct_conf.beg_label_comp_id 
_struct_conf.beg_label_asym_id 
_struct_conf.beg_label_seq_id 
_struct_conf.pdbx_beg_PDB_ins_code 
_struct_conf.end_label_comp_id 
_struct_conf.end_label_asym_id 
_struct_conf.end_label_seq_id 
_struct_conf.pdbx_end_PDB_ins_code 
_struct_conf.beg_auth_comp_id 
_struct_conf.beg_auth_asym_id 
_struct_conf.beg_auth_seq_id 
_struct_conf.end_auth_comp_id 
_struct_conf.end_auth_asym_id 
_struct_conf.end_auth_seq_id 
_struct_conf.pdbx_PDB_helix_class 
_struct_conf.details 
_struct_conf.pdbx_PDB_helix_length 
HELX_P HELX_P1 1 LYS A 42 ? CYS A 46 ? LYS A 41 CYS A 45 5 ? 5  
HELX_P HELX_P2 2 ASN A 47 ? ARG A 56 ? ASN A 46 ARG A 55 1 ? 10 
HELX_P HELX_P3 3 PHE A 72 ? LEU A 76 ? PHE A 71 LEU A 75 5 ? 5  
# 
_struct_conf_type.id          HELX_P 
_struct_conf_type.criteria    ? 
_struct_conf_type.reference   ? 
# 
loop_
_struct_conn.id 
_struct_conn.conn_type_id 
_struct_conn.pdbx_leaving_atom_flag 
_struct_conn.pdbx_PDB_id 
_struct_conn.ptnr1_label_asym_id 
_struct_conn.ptnr1_label_comp_id 
_struct_conn.ptnr1_label_seq_id 
_struct_conn.ptnr1_label_atom_id 
_struct_conn.pdbx_ptnr1_label_alt_id 
_struct_conn.pdbx_ptnr1_PDB_ins_code 
_struct_conn.pdbx_ptnr1_standard_comp_id 
_struct_conn.ptnr1_symmetry 
_struct_conn.ptnr2_label_asym_id 
_struct_conn.ptnr2_label_comp_id 
_struct_conn.ptnr2_label_seq_id 
_struct_conn.ptnr2_label_atom_id 
_struct_conn.pdbx_ptnr2_label_alt_id 
_struct_conn.pdbx_ptnr2_PDB_ins_code 
_struct_conn.ptnr1_auth_asym_id 
_struct_conn.ptnr1_auth_comp_id 
_struct_conn.ptnr1_auth_seq_id 
_struct_conn.ptnr2_auth_asym_id 
_struct_conn.ptnr2_auth_comp_id 
_struct_conn.ptnr2_auth_seq_id 
_struct_conn.ptnr2_symmetry 
_struct_conn.pdbx_ptnr3_label_atom_id 
_struct_conn.pdbx_ptnr3_label_seq_id 
_struct_conn.pdbx_ptnr3_label_comp_id 
_struct_conn.pdbx_ptnr3_label_asym_id 
_struct_conn.pdbx_ptnr3_label_alt_id 
_struct_conn.pdbx_ptnr3_PDB_ins_code 
_struct_conn.details 
_struct_conn.pdbx_dist_value 
_struct_conn.pdbx_value_order 
_struct_conn.pdbx_role 
disulf1 disulf ? ? A CYS 4  SG ? ? ? 1_555 A CYS 27 SG ? ? A CYS 3  A CYS 26 1_555 ? ? ? ? ? ? ? 2.039 ? ? 
disulf2 disulf ? ? A CYS 7  SG ? ? ? 1_555 A CYS 14 SG ? ? A CYS 6  A CYS 13 1_555 ? ? ? ? ? ? ? 2.056 ? ? 
disulf3 disulf ? ? A CYS 20 SG ? ? ? 1_555 A CYS 40 SG ? ? A CYS 19 A CYS 39 1_555 ? ? ? ? ? ? ? 2.029 ? ? 
disulf4 disulf ? ? A CYS 46 SG A ? ? 1_555 A CYS 64 SG ? ? A CYS 45 A CYS 63 1_555 ? ? ? ? ? ? ? 2.039 ? ? 
disulf5 disulf ? ? A CYS 46 SG B ? ? 1_555 A CYS 64 SG ? ? A CYS 45 A CYS 63 1_555 ? ? ? ? ? ? ? 1.971 ? ? 
disulf6 disulf ? ? A CYS 65 SG ? ? ? 1_555 A CYS 70 SG ? ? A CYS 64 A CYS 69 1_555 ? ? ? ? ? ? ? 2.020 ? ? 
# 
_struct_conn_type.id          disulf 
_struct_conn_type.criteria    ? 
_struct_conn_type.reference   ? 
# 
loop_
_pdbx_modification_feature.ordinal 
_pdbx_modification_feature.label_comp_id 
_pdbx_modification_feature.label_asym_id 
_pdbx_modification_feature.label_seq_id 
_pdbx_modification_feature.label_alt_id 
_pdbx_modification_feature.modified_residue_label_comp_id 
_pdbx_modification_feature.modified_residue_label_asym_id 
_pdbx_modification_feature.modified_residue_label_seq_id 
_pdbx_modification_feature.modified_residue_label_alt_id 
_pdbx_modification_feature.auth_comp_id 
_pdbx_modification_feature.auth_asym_id 
_pdbx_modification_feature.auth_seq_id 
_pdbx_modification_feature.PDB_ins_code 
_pdbx_modification_feature.symmetry 
_pdbx_modification_feature.modified_residue_auth_comp_id 
_pdbx_modification_feature.modified_residue_auth_asym_id 
_pdbx_modification_feature.modified_residue_auth_seq_id 
_pdbx_modification_feature.modified_residue_PDB_ins_code 
_pdbx_modification_feature.modified_residue_symmetry 
_pdbx_modification_feature.comp_id_linking_atom 
_pdbx_modification_feature.modified_residue_id_linking_atom 
_pdbx_modification_feature.modified_residue_id 
_pdbx_modification_feature.ref_pcm_id 
_pdbx_modification_feature.ref_comp_id 
_pdbx_modification_feature.type 
_pdbx_modification_feature.category 
1 CYS A 4  ? CYS A 27 ? CYS A 3  ? 1_555 CYS A 26 ? 1_555 SG SG . . . None 'Disulfide bridge' 
2 CYS A 7  ? CYS A 14 ? CYS A 6  ? 1_555 CYS A 13 ? 1_555 SG SG . . . None 'Disulfide bridge' 
3 CYS A 20 ? CYS A 40 ? CYS A 19 ? 1_555 CYS A 39 ? 1_555 SG SG . . . None 'Disulfide bridge' 
4 CYS A 46 A CYS A 64 ? CYS A 45 ? 1_555 CYS A 63 ? 1_555 SG SG . . . None 'Disulfide bridge' 
5 CYS A 46 B CYS A 64 ? CYS A 45 ? 1_555 CYS A 63 ? 1_555 SG SG . . . None 'Disulfide bridge' 
6 CYS A 65 ? CYS A 70 ? CYS A 64 ? 1_555 CYS A 69 ? 1_555 SG SG . . . None 'Disulfide bridge' 
# 
loop_
_struct_sheet.id 
_struct_sheet.type 
_struct_sheet.number_strands 
_struct_sheet.details 
AA ? 2 ? 
AB ? 3 ? 
# 
loop_
_struct_sheet_order.sheet_id 
_struct_sheet_order.range_id_1 
_struct_sheet_order.range_id_2 
_struct_sheet_order.offset 
_struct_sheet_order.sense 
AA 1 2 ? anti-parallel 
AB 1 2 ? anti-parallel 
AB 2 3 ? anti-parallel 
# 
loop_
_struct_sheet_range.sheet_id 
_struct_sheet_range.id 
_struct_sheet_range.beg_label_comp_id 
_struct_sheet_range.beg_label_asym_id 
_struct_sheet_range.beg_label_seq_id 
_struct_sheet_range.pdbx_beg_PDB_ins_code 
_struct_sheet_range.end_label_comp_id 
_struct_sheet_range.end_label_asym_id 
_struct_sheet_range.end_label_seq_id 
_struct_sheet_range.pdbx_end_PDB_ins_code 
_struct_sheet_range.beg_auth_comp_id 
_struct_sheet_range.beg_auth_asym_id 
_struct_sheet_range.beg_auth_seq_id 
_struct_sheet_range.end_auth_comp_id 
_struct_sheet_range.end_auth_asym_id 
_struct_sheet_range.end_auth_seq_id 
AA 1 GLN A 3  ? TYR A 5  ? GLN A 2  TYR A 4  
AA 2 ALA A 17 ? ASN A 19 ? ALA A 16 ASN A 18 
AB 1 GLN A 35 ? TRP A 41 ? GLN A 34 TRP A 40 
AB 2 ALA A 26 ? ALA A 32 ? ALA A 25 ALA A 31 
AB 3 THR A 61 ? CYS A 65 ? THR A 60 CYS A 64 
# 
loop_
_pdbx_struct_sheet_hbond.sheet_id 
_pdbx_struct_sheet_hbond.range_id_1 
_pdbx_struct_sheet_hbond.range_id_2 
_pdbx_struct_sheet_hbond.range_1_label_atom_id 
_pdbx_struct_sheet_hbond.range_1_label_comp_id 
_pdbx_struct_sheet_hbond.range_1_label_asym_id 
_pdbx_struct_sheet_hbond.range_1_label_seq_id 
_pdbx_struct_sheet_hbond.range_1_PDB_ins_code 
_pdbx_struct_sheet_hbond.range_1_auth_atom_id 
_pdbx_struct_sheet_hbond.range_1_auth_comp_id 
_pdbx_struct_sheet_hbond.range_1_auth_asym_id 
_pdbx_struct_sheet_hbond.range_1_auth_seq_id 
_pdbx_struct_sheet_hbond.range_2_label_atom_id 
_pdbx_struct_sheet_hbond.range_2_label_comp_id 
_pdbx_struct_sheet_hbond.range_2_label_asym_id 
_pdbx_struct_sheet_hbond.range_2_label_seq_id 
_pdbx_struct_sheet_hbond.range_2_PDB_ins_code 
_pdbx_struct_sheet_hbond.range_2_auth_atom_id 
_pdbx_struct_sheet_hbond.range_2_auth_comp_id 
_pdbx_struct_sheet_hbond.range_2_auth_asym_id 
_pdbx_struct_sheet_hbond.range_2_auth_seq_id 
AA 1 2 N CYS A 4  ? N CYS A 3  O VAL A 18 ? O VAL A 17 
AB 1 2 N TRP A 41 ? N TRP A 40 O ALA A 26 ? O ALA A 25 
AB 2 3 N LYS A 31 ? N LYS A 30 O THR A 61 ? O THR A 60 
# 
_pdbx_entry_details.entry_id                   2J8B 
_pdbx_entry_details.compound_details           ? 
_pdbx_entry_details.source_details             ? 
_pdbx_entry_details.nonpolymer_details         ? 
_pdbx_entry_details.sequence_details           ? 
_pdbx_entry_details.has_ligand_of_interest     ? 
_pdbx_entry_details.has_protein_modification   Y 
# 
loop_
_pdbx_validate_close_contact.id 
_pdbx_validate_close_contact.PDB_model_num 
_pdbx_validate_close_contact.auth_atom_id_1 
_pdbx_validate_close_contact.auth_asym_id_1 
_pdbx_validate_close_contact.auth_comp_id_1 
_pdbx_validate_close_contact.auth_seq_id_1 
_pdbx_validate_close_contact.PDB_ins_code_1 
_pdbx_validate_close_contact.label_alt_id_1 
_pdbx_validate_close_contact.auth_atom_id_2 
_pdbx_validate_close_contact.auth_asym_id_2 
_pdbx_validate_close_contact.auth_comp_id_2 
_pdbx_validate_close_contact.auth_seq_id_2 
_pdbx_validate_close_contact.PDB_ins_code_2 
_pdbx_validate_close_contact.label_alt_id_2 
_pdbx_validate_close_contact.dist 
1 1 O   A HOH 2082 ? ? O A HOH 2086 ? ? 1.75 
2 1 NZ  A LYS 65   ? ? O A HOH 2101 ? ? 1.83 
3 1 O   A HOH 2101 ? ? O A HOH 2103 ? ? 1.83 
4 1 OE1 A GLU 58   ? ? O A HOH 2090 ? ? 1.89 
5 1 O   A HOH 2055 ? ? O A HOH 2113 ? ? 2.07 
6 1 O   A HOH 2030 ? ? O A HOH 2063 ? ? 2.11 
# 
loop_
_pdbx_validate_symm_contact.id 
_pdbx_validate_symm_contact.PDB_model_num 
_pdbx_validate_symm_contact.auth_atom_id_1 
_pdbx_validate_symm_contact.auth_asym_id_1 
_pdbx_validate_symm_contact.auth_comp_id_1 
_pdbx_validate_symm_contact.auth_seq_id_1 
_pdbx_validate_symm_contact.PDB_ins_code_1 
_pdbx_validate_symm_contact.label_alt_id_1 
_pdbx_validate_symm_contact.site_symmetry_1 
_pdbx_validate_symm_contact.auth_atom_id_2 
_pdbx_validate_symm_contact.auth_asym_id_2 
_pdbx_validate_symm_contact.auth_comp_id_2 
_pdbx_validate_symm_contact.auth_seq_id_2 
_pdbx_validate_symm_contact.PDB_ins_code_2 
_pdbx_validate_symm_contact.label_alt_id_2 
_pdbx_validate_symm_contact.site_symmetry_2 
_pdbx_validate_symm_contact.dist 
1 1 O A HOH 2054 ? ? 1_555 O A HOH 2093 ? ? 4_446 1.33 
2 1 O A HOH 2016 ? ? 1_555 O A HOH 2107 ? ? 3_545 1.52 
3 1 O A HOH 2049 ? ? 1_555 O A HOH 2087 ? ? 1_455 2.00 
4 1 O A HOH 2041 ? ? 1_555 O A HOH 2103 ? ? 1_655 2.10 
# 
_pdbx_unobs_or_zero_occ_residues.id               1 
_pdbx_unobs_or_zero_occ_residues.PDB_model_num    1 
_pdbx_unobs_or_zero_occ_residues.polymer_flag     Y 
_pdbx_unobs_or_zero_occ_residues.occupancy_flag   1 
_pdbx_unobs_or_zero_occ_residues.auth_asym_id     A 
_pdbx_unobs_or_zero_occ_residues.auth_comp_id     GLY 
_pdbx_unobs_or_zero_occ_residues.auth_seq_id      78 
_pdbx_unobs_or_zero_occ_residues.PDB_ins_code     ? 
_pdbx_unobs_or_zero_occ_residues.label_asym_id    A 
_pdbx_unobs_or_zero_occ_residues.label_comp_id    GLY 
_pdbx_unobs_or_zero_occ_residues.label_seq_id     79 
# 
loop_
_chem_comp_atom.comp_id 
_chem_comp_atom.atom_id 
_chem_comp_atom.type_symbol 
_chem_comp_atom.pdbx_aromatic_flag 
_chem_comp_atom.pdbx_stereo_config 
_chem_comp_atom.pdbx_ordinal 
ALA N    N N N 1   
ALA CA   C N S 2   
ALA C    C N N 3   
ALA O    O N N 4   
ALA CB   C N N 5   
ALA OXT  O N N 6   
ALA H    H N N 7   
ALA H2   H N N 8   
ALA HA   H N N 9   
ALA HB1  H N N 10  
ALA HB2  H N N 11  
ALA HB3  H N N 12  
ALA HXT  H N N 13  
ARG N    N N N 14  
ARG CA   C N S 15  
ARG C    C N N 16  
ARG O    O N N 17  
ARG CB   C N N 18  
ARG CG   C N N 19  
ARG CD   C N N 20  
ARG NE   N N N 21  
ARG CZ   C N N 22  
ARG NH1  N N N 23  
ARG NH2  N N N 24  
ARG OXT  O N N 25  
ARG H    H N N 26  
ARG H2   H N N 27  
ARG HA   H N N 28  
ARG HB2  H N N 29  
ARG HB3  H N N 30  
ARG HG2  H N N 31  
ARG HG3  H N N 32  
ARG HD2  H N N 33  
ARG HD3  H N N 34  
ARG HE   H N N 35  
ARG HH11 H N N 36  
ARG HH12 H N N 37  
ARG HH21 H N N 38  
ARG HH22 H N N 39  
ARG HXT  H N N 40  
ASN N    N N N 41  
ASN CA   C N S 42  
ASN C    C N N 43  
ASN O    O N N 44  
ASN CB   C N N 45  
ASN CG   C N N 46  
ASN OD1  O N N 47  
ASN ND2  N N N 48  
ASN OXT  O N N 49  
ASN H    H N N 50  
ASN H2   H N N 51  
ASN HA   H N N 52  
ASN HB2  H N N 53  
ASN HB3  H N N 54  
ASN HD21 H N N 55  
ASN HD22 H N N 56  
ASN HXT  H N N 57  
ASP N    N N N 58  
ASP CA   C N S 59  
ASP C    C N N 60  
ASP O    O N N 61  
ASP CB   C N N 62  
ASP CG   C N N 63  
ASP OD1  O N N 64  
ASP OD2  O N N 65  
ASP OXT  O N N 66  
ASP H    H N N 67  
ASP H2   H N N 68  
ASP HA   H N N 69  
ASP HB2  H N N 70  
ASP HB3  H N N 71  
ASP HD2  H N N 72  
ASP HXT  H N N 73  
CYS N    N N N 74  
CYS CA   C N R 75  
CYS C    C N N 76  
CYS O    O N N 77  
CYS CB   C N N 78  
CYS SG   S N N 79  
CYS OXT  O N N 80  
CYS H    H N N 81  
CYS H2   H N N 82  
CYS HA   H N N 83  
CYS HB2  H N N 84  
CYS HB3  H N N 85  
CYS HG   H N N 86  
CYS HXT  H N N 87  
GLN N    N N N 88  
GLN CA   C N S 89  
GLN C    C N N 90  
GLN O    O N N 91  
GLN CB   C N N 92  
GLN CG   C N N 93  
GLN CD   C N N 94  
GLN OE1  O N N 95  
GLN NE2  N N N 96  
GLN OXT  O N N 97  
GLN H    H N N 98  
GLN H2   H N N 99  
GLN HA   H N N 100 
GLN HB2  H N N 101 
GLN HB3  H N N 102 
GLN HG2  H N N 103 
GLN HG3  H N N 104 
GLN HE21 H N N 105 
GLN HE22 H N N 106 
GLN HXT  H N N 107 
GLU N    N N N 108 
GLU CA   C N S 109 
GLU C    C N N 110 
GLU O    O N N 111 
GLU CB   C N N 112 
GLU CG   C N N 113 
GLU CD   C N N 114 
GLU OE1  O N N 115 
GLU OE2  O N N 116 
GLU OXT  O N N 117 
GLU H    H N N 118 
GLU H2   H N N 119 
GLU HA   H N N 120 
GLU HB2  H N N 121 
GLU HB3  H N N 122 
GLU HG2  H N N 123 
GLU HG3  H N N 124 
GLU HE2  H N N 125 
GLU HXT  H N N 126 
GLY N    N N N 127 
GLY CA   C N N 128 
GLY C    C N N 129 
GLY O    O N N 130 
GLY OXT  O N N 131 
GLY H    H N N 132 
GLY H2   H N N 133 
GLY HA2  H N N 134 
GLY HA3  H N N 135 
GLY HXT  H N N 136 
HIS N    N N N 137 
HIS CA   C N S 138 
HIS C    C N N 139 
HIS O    O N N 140 
HIS CB   C N N 141 
HIS CG   C Y N 142 
HIS ND1  N Y N 143 
HIS CD2  C Y N 144 
HIS CE1  C Y N 145 
HIS NE2  N Y N 146 
HIS OXT  O N N 147 
HIS H    H N N 148 
HIS H2   H N N 149 
HIS HA   H N N 150 
HIS HB2  H N N 151 
HIS HB3  H N N 152 
HIS HD1  H N N 153 
HIS HD2  H N N 154 
HIS HE1  H N N 155 
HIS HE2  H N N 156 
HIS HXT  H N N 157 
HOH O    O N N 158 
HOH H1   H N N 159 
HOH H2   H N N 160 
ILE N    N N N 161 
ILE CA   C N S 162 
ILE C    C N N 163 
ILE O    O N N 164 
ILE CB   C N S 165 
ILE CG1  C N N 166 
ILE CG2  C N N 167 
ILE CD1  C N N 168 
ILE OXT  O N N 169 
ILE H    H N N 170 
ILE H2   H N N 171 
ILE HA   H N N 172 
ILE HB   H N N 173 
ILE HG12 H N N 174 
ILE HG13 H N N 175 
ILE HG21 H N N 176 
ILE HG22 H N N 177 
ILE HG23 H N N 178 
ILE HD11 H N N 179 
ILE HD12 H N N 180 
ILE HD13 H N N 181 
ILE HXT  H N N 182 
LEU N    N N N 183 
LEU CA   C N S 184 
LEU C    C N N 185 
LEU O    O N N 186 
LEU CB   C N N 187 
LEU CG   C N N 188 
LEU CD1  C N N 189 
LEU CD2  C N N 190 
LEU OXT  O N N 191 
LEU H    H N N 192 
LEU H2   H N N 193 
LEU HA   H N N 194 
LEU HB2  H N N 195 
LEU HB3  H N N 196 
LEU HG   H N N 197 
LEU HD11 H N N 198 
LEU HD12 H N N 199 
LEU HD13 H N N 200 
LEU HD21 H N N 201 
LEU HD22 H N N 202 
LEU HD23 H N N 203 
LEU HXT  H N N 204 
LYS N    N N N 205 
LYS CA   C N S 206 
LYS C    C N N 207 
LYS O    O N N 208 
LYS CB   C N N 209 
LYS CG   C N N 210 
LYS CD   C N N 211 
LYS CE   C N N 212 
LYS NZ   N N N 213 
LYS OXT  O N N 214 
LYS H    H N N 215 
LYS H2   H N N 216 
LYS HA   H N N 217 
LYS HB2  H N N 218 
LYS HB3  H N N 219 
LYS HG2  H N N 220 
LYS HG3  H N N 221 
LYS HD2  H N N 222 
LYS HD3  H N N 223 
LYS HE2  H N N 224 
LYS HE3  H N N 225 
LYS HZ1  H N N 226 
LYS HZ2  H N N 227 
LYS HZ3  H N N 228 
LYS HXT  H N N 229 
MET N    N N N 230 
MET CA   C N S 231 
MET C    C N N 232 
MET O    O N N 233 
MET CB   C N N 234 
MET CG   C N N 235 
MET SD   S N N 236 
MET CE   C N N 237 
MET OXT  O N N 238 
MET H    H N N 239 
MET H2   H N N 240 
MET HA   H N N 241 
MET HB2  H N N 242 
MET HB3  H N N 243 
MET HG2  H N N 244 
MET HG3  H N N 245 
MET HE1  H N N 246 
MET HE2  H N N 247 
MET HE3  H N N 248 
MET HXT  H N N 249 
PHE N    N N N 250 
PHE CA   C N S 251 
PHE C    C N N 252 
PHE O    O N N 253 
PHE CB   C N N 254 
PHE CG   C Y N 255 
PHE CD1  C Y N 256 
PHE CD2  C Y N 257 
PHE CE1  C Y N 258 
PHE CE2  C Y N 259 
PHE CZ   C Y N 260 
PHE OXT  O N N 261 
PHE H    H N N 262 
PHE H2   H N N 263 
PHE HA   H N N 264 
PHE HB2  H N N 265 
PHE HB3  H N N 266 
PHE HD1  H N N 267 
PHE HD2  H N N 268 
PHE HE1  H N N 269 
PHE HE2  H N N 270 
PHE HZ   H N N 271 
PHE HXT  H N N 272 
PRO N    N N N 273 
PRO CA   C N S 274 
PRO C    C N N 275 
PRO O    O N N 276 
PRO CB   C N N 277 
PRO CG   C N N 278 
PRO CD   C N N 279 
PRO OXT  O N N 280 
PRO H    H N N 281 
PRO HA   H N N 282 
PRO HB2  H N N 283 
PRO HB3  H N N 284 
PRO HG2  H N N 285 
PRO HG3  H N N 286 
PRO HD2  H N N 287 
PRO HD3  H N N 288 
PRO HXT  H N N 289 
SER N    N N N 290 
SER CA   C N S 291 
SER C    C N N 292 
SER O    O N N 293 
SER CB   C N N 294 
SER OG   O N N 295 
SER OXT  O N N 296 
SER H    H N N 297 
SER H2   H N N 298 
SER HA   H N N 299 
SER HB2  H N N 300 
SER HB3  H N N 301 
SER HG   H N N 302 
SER HXT  H N N 303 
THR N    N N N 304 
THR CA   C N S 305 
THR C    C N N 306 
THR O    O N N 307 
THR CB   C N R 308 
THR OG1  O N N 309 
THR CG2  C N N 310 
THR OXT  O N N 311 
THR H    H N N 312 
THR H2   H N N 313 
THR HA   H N N 314 
THR HB   H N N 315 
THR HG1  H N N 316 
THR HG21 H N N 317 
THR HG22 H N N 318 
THR HG23 H N N 319 
THR HXT  H N N 320 
TRP N    N N N 321 
TRP CA   C N S 322 
TRP C    C N N 323 
TRP O    O N N 324 
TRP CB   C N N 325 
TRP CG   C Y N 326 
TRP CD1  C Y N 327 
TRP CD2  C Y N 328 
TRP NE1  N Y N 329 
TRP CE2  C Y N 330 
TRP CE3  C Y N 331 
TRP CZ2  C Y N 332 
TRP CZ3  C Y N 333 
TRP CH2  C Y N 334 
TRP OXT  O N N 335 
TRP H    H N N 336 
TRP H2   H N N 337 
TRP HA   H N N 338 
TRP HB2  H N N 339 
TRP HB3  H N N 340 
TRP HD1  H N N 341 
TRP HE1  H N N 342 
TRP HE3  H N N 343 
TRP HZ2  H N N 344 
TRP HZ3  H N N 345 
TRP HH2  H N N 346 
TRP HXT  H N N 347 
TYR N    N N N 348 
TYR CA   C N S 349 
TYR C    C N N 350 
TYR O    O N N 351 
TYR CB   C N N 352 
TYR CG   C Y N 353 
TYR CD1  C Y N 354 
TYR CD2  C Y N 355 
TYR CE1  C Y N 356 
TYR CE2  C Y N 357 
TYR CZ   C Y N 358 
TYR OH   O N N 359 
TYR OXT  O N N 360 
TYR H    H N N 361 
TYR H2   H N N 362 
TYR HA   H N N 363 
TYR HB2  H N N 364 
TYR HB3  H N N 365 
TYR HD1  H N N 366 
TYR HD2  H N N 367 
TYR HE1  H N N 368 
TYR HE2  H N N 369 
TYR HH   H N N 370 
TYR HXT  H N N 371 
VAL N    N N N 372 
VAL CA   C N S 373 
VAL C    C N N 374 
VAL O    O N N 375 
VAL CB   C N N 376 
VAL CG1  C N N 377 
VAL CG2  C N N 378 
VAL OXT  O N N 379 
VAL H    H N N 380 
VAL H2   H N N 381 
VAL HA   H N N 382 
VAL HB   H N N 383 
VAL HG11 H N N 384 
VAL HG12 H N N 385 
VAL HG13 H N N 386 
VAL HG21 H N N 387 
VAL HG22 H N N 388 
VAL HG23 H N N 389 
VAL HXT  H N N 390 
# 
loop_
_chem_comp_bond.comp_id 
_chem_comp_bond.atom_id_1 
_chem_comp_bond.atom_id_2 
_chem_comp_bond.value_order 
_chem_comp_bond.pdbx_aromatic_flag 
_chem_comp_bond.pdbx_stereo_config 
_chem_comp_bond.pdbx_ordinal 
ALA N   CA   sing N N 1   
ALA N   H    sing N N 2   
ALA N   H2   sing N N 3   
ALA CA  C    sing N N 4   
ALA CA  CB   sing N N 5   
ALA CA  HA   sing N N 6   
ALA C   O    doub N N 7   
ALA C   OXT  sing N N 8   
ALA CB  HB1  sing N N 9   
ALA CB  HB2  sing N N 10  
ALA CB  HB3  sing N N 11  
ALA OXT HXT  sing N N 12  
ARG N   CA   sing N N 13  
ARG N   H    sing N N 14  
ARG N   H2   sing N N 15  
ARG CA  C    sing N N 16  
ARG CA  CB   sing N N 17  
ARG CA  HA   sing N N 18  
ARG C   O    doub N N 19  
ARG C   OXT  sing N N 20  
ARG CB  CG   sing N N 21  
ARG CB  HB2  sing N N 22  
ARG CB  HB3  sing N N 23  
ARG CG  CD   sing N N 24  
ARG CG  HG2  sing N N 25  
ARG CG  HG3  sing N N 26  
ARG CD  NE   sing N N 27  
ARG CD  HD2  sing N N 28  
ARG CD  HD3  sing N N 29  
ARG NE  CZ   sing N N 30  
ARG NE  HE   sing N N 31  
ARG CZ  NH1  sing N N 32  
ARG CZ  NH2  doub N N 33  
ARG NH1 HH11 sing N N 34  
ARG NH1 HH12 sing N N 35  
ARG NH2 HH21 sing N N 36  
ARG NH2 HH22 sing N N 37  
ARG OXT HXT  sing N N 38  
ASN N   CA   sing N N 39  
ASN N   H    sing N N 40  
ASN N   H2   sing N N 41  
ASN CA  C    sing N N 42  
ASN CA  CB   sing N N 43  
ASN CA  HA   sing N N 44  
ASN C   O    doub N N 45  
ASN C   OXT  sing N N 46  
ASN CB  CG   sing N N 47  
ASN CB  HB2  sing N N 48  
ASN CB  HB3  sing N N 49  
ASN CG  OD1  doub N N 50  
ASN CG  ND2  sing N N 51  
ASN ND2 HD21 sing N N 52  
ASN ND2 HD22 sing N N 53  
ASN OXT HXT  sing N N 54  
ASP N   CA   sing N N 55  
ASP N   H    sing N N 56  
ASP N   H2   sing N N 57  
ASP CA  C    sing N N 58  
ASP CA  CB   sing N N 59  
ASP CA  HA   sing N N 60  
ASP C   O    doub N N 61  
ASP C   OXT  sing N N 62  
ASP CB  CG   sing N N 63  
ASP CB  HB2  sing N N 64  
ASP CB  HB3  sing N N 65  
ASP CG  OD1  doub N N 66  
ASP CG  OD2  sing N N 67  
ASP OD2 HD2  sing N N 68  
ASP OXT HXT  sing N N 69  
CYS N   CA   sing N N 70  
CYS N   H    sing N N 71  
CYS N   H2   sing N N 72  
CYS CA  C    sing N N 73  
CYS CA  CB   sing N N 74  
CYS CA  HA   sing N N 75  
CYS C   O    doub N N 76  
CYS C   OXT  sing N N 77  
CYS CB  SG   sing N N 78  
CYS CB  HB2  sing N N 79  
CYS CB  HB3  sing N N 80  
CYS SG  HG   sing N N 81  
CYS OXT HXT  sing N N 82  
GLN N   CA   sing N N 83  
GLN N   H    sing N N 84  
GLN N   H2   sing N N 85  
GLN CA  C    sing N N 86  
GLN CA  CB   sing N N 87  
GLN CA  HA   sing N N 88  
GLN C   O    doub N N 89  
GLN C   OXT  sing N N 90  
GLN CB  CG   sing N N 91  
GLN CB  HB2  sing N N 92  
GLN CB  HB3  sing N N 93  
GLN CG  CD   sing N N 94  
GLN CG  HG2  sing N N 95  
GLN CG  HG3  sing N N 96  
GLN CD  OE1  doub N N 97  
GLN CD  NE2  sing N N 98  
GLN NE2 HE21 sing N N 99  
GLN NE2 HE22 sing N N 100 
GLN OXT HXT  sing N N 101 
GLU N   CA   sing N N 102 
GLU N   H    sing N N 103 
GLU N   H2   sing N N 104 
GLU CA  C    sing N N 105 
GLU CA  CB   sing N N 106 
GLU CA  HA   sing N N 107 
GLU C   O    doub N N 108 
GLU C   OXT  sing N N 109 
GLU CB  CG   sing N N 110 
GLU CB  HB2  sing N N 111 
GLU CB  HB3  sing N N 112 
GLU CG  CD   sing N N 113 
GLU CG  HG2  sing N N 114 
GLU CG  HG3  sing N N 115 
GLU CD  OE1  doub N N 116 
GLU CD  OE2  sing N N 117 
GLU OE2 HE2  sing N N 118 
GLU OXT HXT  sing N N 119 
GLY N   CA   sing N N 120 
GLY N   H    sing N N 121 
GLY N   H2   sing N N 122 
GLY CA  C    sing N N 123 
GLY CA  HA2  sing N N 124 
GLY CA  HA3  sing N N 125 
GLY C   O    doub N N 126 
GLY C   OXT  sing N N 127 
GLY OXT HXT  sing N N 128 
HIS N   CA   sing N N 129 
HIS N   H    sing N N 130 
HIS N   H2   sing N N 131 
HIS CA  C    sing N N 132 
HIS CA  CB   sing N N 133 
HIS CA  HA   sing N N 134 
HIS C   O    doub N N 135 
HIS C   OXT  sing N N 136 
HIS CB  CG   sing N N 137 
HIS CB  HB2  sing N N 138 
HIS CB  HB3  sing N N 139 
HIS CG  ND1  sing Y N 140 
HIS CG  CD2  doub Y N 141 
HIS ND1 CE1  doub Y N 142 
HIS ND1 HD1  sing N N 143 
HIS CD2 NE2  sing Y N 144 
HIS CD2 HD2  sing N N 145 
HIS CE1 NE2  sing Y N 146 
HIS CE1 HE1  sing N N 147 
HIS NE2 HE2  sing N N 148 
HIS OXT HXT  sing N N 149 
HOH O   H1   sing N N 150 
HOH O   H2   sing N N 151 
ILE N   CA   sing N N 152 
ILE N   H    sing N N 153 
ILE N   H2   sing N N 154 
ILE CA  C    sing N N 155 
ILE CA  CB   sing N N 156 
ILE CA  HA   sing N N 157 
ILE C   O    doub N N 158 
ILE C   OXT  sing N N 159 
ILE CB  CG1  sing N N 160 
ILE CB  CG2  sing N N 161 
ILE CB  HB   sing N N 162 
ILE CG1 CD1  sing N N 163 
ILE CG1 HG12 sing N N 164 
ILE CG1 HG13 sing N N 165 
ILE CG2 HG21 sing N N 166 
ILE CG2 HG22 sing N N 167 
ILE CG2 HG23 sing N N 168 
ILE CD1 HD11 sing N N 169 
ILE CD1 HD12 sing N N 170 
ILE CD1 HD13 sing N N 171 
ILE OXT HXT  sing N N 172 
LEU N   CA   sing N N 173 
LEU N   H    sing N N 174 
LEU N   H2   sing N N 175 
LEU CA  C    sing N N 176 
LEU CA  CB   sing N N 177 
LEU CA  HA   sing N N 178 
LEU C   O    doub N N 179 
LEU C   OXT  sing N N 180 
LEU CB  CG   sing N N 181 
LEU CB  HB2  sing N N 182 
LEU CB  HB3  sing N N 183 
LEU CG  CD1  sing N N 184 
LEU CG  CD2  sing N N 185 
LEU CG  HG   sing N N 186 
LEU CD1 HD11 sing N N 187 
LEU CD1 HD12 sing N N 188 
LEU CD1 HD13 sing N N 189 
LEU CD2 HD21 sing N N 190 
LEU CD2 HD22 sing N N 191 
LEU CD2 HD23 sing N N 192 
LEU OXT HXT  sing N N 193 
LYS N   CA   sing N N 194 
LYS N   H    sing N N 195 
LYS N   H2   sing N N 196 
LYS CA  C    sing N N 197 
LYS CA  CB   sing N N 198 
LYS CA  HA   sing N N 199 
LYS C   O    doub N N 200 
LYS C   OXT  sing N N 201 
LYS CB  CG   sing N N 202 
LYS CB  HB2  sing N N 203 
LYS CB  HB3  sing N N 204 
LYS CG  CD   sing N N 205 
LYS CG  HG2  sing N N 206 
LYS CG  HG3  sing N N 207 
LYS CD  CE   sing N N 208 
LYS CD  HD2  sing N N 209 
LYS CD  HD3  sing N N 210 
LYS CE  NZ   sing N N 211 
LYS CE  HE2  sing N N 212 
LYS CE  HE3  sing N N 213 
LYS NZ  HZ1  sing N N 214 
LYS NZ  HZ2  sing N N 215 
LYS NZ  HZ3  sing N N 216 
LYS OXT HXT  sing N N 217 
MET N   CA   sing N N 218 
MET N   H    sing N N 219 
MET N   H2   sing N N 220 
MET CA  C    sing N N 221 
MET CA  CB   sing N N 222 
MET CA  HA   sing N N 223 
MET C   O    doub N N 224 
MET C   OXT  sing N N 225 
MET CB  CG   sing N N 226 
MET CB  HB2  sing N N 227 
MET CB  HB3  sing N N 228 
MET CG  SD   sing N N 229 
MET CG  HG2  sing N N 230 
MET CG  HG3  sing N N 231 
MET SD  CE   sing N N 232 
MET CE  HE1  sing N N 233 
MET CE  HE2  sing N N 234 
MET CE  HE3  sing N N 235 
MET OXT HXT  sing N N 236 
PHE N   CA   sing N N 237 
PHE N   H    sing N N 238 
PHE N   H2   sing N N 239 
PHE CA  C    sing N N 240 
PHE CA  CB   sing N N 241 
PHE CA  HA   sing N N 242 
PHE C   O    doub N N 243 
PHE C   OXT  sing N N 244 
PHE CB  CG   sing N N 245 
PHE CB  HB2  sing N N 246 
PHE CB  HB3  sing N N 247 
PHE CG  CD1  doub Y N 248 
PHE CG  CD2  sing Y N 249 
PHE CD1 CE1  sing Y N 250 
PHE CD1 HD1  sing N N 251 
PHE CD2 CE2  doub Y N 252 
PHE CD2 HD2  sing N N 253 
PHE CE1 CZ   doub Y N 254 
PHE CE1 HE1  sing N N 255 
PHE CE2 CZ   sing Y N 256 
PHE CE2 HE2  sing N N 257 
PHE CZ  HZ   sing N N 258 
PHE OXT HXT  sing N N 259 
PRO N   CA   sing N N 260 
PRO N   CD   sing N N 261 
PRO N   H    sing N N 262 
PRO CA  C    sing N N 263 
PRO CA  CB   sing N N 264 
PRO CA  HA   sing N N 265 
PRO C   O    doub N N 266 
PRO C   OXT  sing N N 267 
PRO CB  CG   sing N N 268 
PRO CB  HB2  sing N N 269 
PRO CB  HB3  sing N N 270 
PRO CG  CD   sing N N 271 
PRO CG  HG2  sing N N 272 
PRO CG  HG3  sing N N 273 
PRO CD  HD2  sing N N 274 
PRO CD  HD3  sing N N 275 
PRO OXT HXT  sing N N 276 
SER N   CA   sing N N 277 
SER N   H    sing N N 278 
SER N   H2   sing N N 279 
SER CA  C    sing N N 280 
SER CA  CB   sing N N 281 
SER CA  HA   sing N N 282 
SER C   O    doub N N 283 
SER C   OXT  sing N N 284 
SER CB  OG   sing N N 285 
SER CB  HB2  sing N N 286 
SER CB  HB3  sing N N 287 
SER OG  HG   sing N N 288 
SER OXT HXT  sing N N 289 
THR N   CA   sing N N 290 
THR N   H    sing N N 291 
THR N   H2   sing N N 292 
THR CA  C    sing N N 293 
THR CA  CB   sing N N 294 
THR CA  HA   sing N N 295 
THR C   O    doub N N 296 
THR C   OXT  sing N N 297 
THR CB  OG1  sing N N 298 
THR CB  CG2  sing N N 299 
THR CB  HB   sing N N 300 
THR OG1 HG1  sing N N 301 
THR CG2 HG21 sing N N 302 
THR CG2 HG22 sing N N 303 
THR CG2 HG23 sing N N 304 
THR OXT HXT  sing N N 305 
TRP N   CA   sing N N 306 
TRP N   H    sing N N 307 
TRP N   H2   sing N N 308 
TRP CA  C    sing N N 309 
TRP CA  CB   sing N N 310 
TRP CA  HA   sing N N 311 
TRP C   O    doub N N 312 
TRP C   OXT  sing N N 313 
TRP CB  CG   sing N N 314 
TRP CB  HB2  sing N N 315 
TRP CB  HB3  sing N N 316 
TRP CG  CD1  doub Y N 317 
TRP CG  CD2  sing Y N 318 
TRP CD1 NE1  sing Y N 319 
TRP CD1 HD1  sing N N 320 
TRP CD2 CE2  doub Y N 321 
TRP CD2 CE3  sing Y N 322 
TRP NE1 CE2  sing Y N 323 
TRP NE1 HE1  sing N N 324 
TRP CE2 CZ2  sing Y N 325 
TRP CE3 CZ3  doub Y N 326 
TRP CE3 HE3  sing N N 327 
TRP CZ2 CH2  doub Y N 328 
TRP CZ2 HZ2  sing N N 329 
TRP CZ3 CH2  sing Y N 330 
TRP CZ3 HZ3  sing N N 331 
TRP CH2 HH2  sing N N 332 
TRP OXT HXT  sing N N 333 
TYR N   CA   sing N N 334 
TYR N   H    sing N N 335 
TYR N   H2   sing N N 336 
TYR CA  C    sing N N 337 
TYR CA  CB   sing N N 338 
TYR CA  HA   sing N N 339 
TYR C   O    doub N N 340 
TYR C   OXT  sing N N 341 
TYR CB  CG   sing N N 342 
TYR CB  HB2  sing N N 343 
TYR CB  HB3  sing N N 344 
TYR CG  CD1  doub Y N 345 
TYR CG  CD2  sing Y N 346 
TYR CD1 CE1  sing Y N 347 
TYR CD1 HD1  sing N N 348 
TYR CD2 CE2  doub Y N 349 
TYR CD2 HD2  sing N N 350 
TYR CE1 CZ   doub Y N 351 
TYR CE1 HE1  sing N N 352 
TYR CE2 CZ   sing Y N 353 
TYR CE2 HE2  sing N N 354 
TYR CZ  OH   sing N N 355 
TYR OH  HH   sing N N 356 
TYR OXT HXT  sing N N 357 
VAL N   CA   sing N N 358 
VAL N   H    sing N N 359 
VAL N   H2   sing N N 360 
VAL CA  C    sing N N 361 
VAL CA  CB   sing N N 362 
VAL CA  HA   sing N N 363 
VAL C   O    doub N N 364 
VAL C   OXT  sing N N 365 
VAL CB  CG1  sing N N 366 
VAL CB  CG2  sing N N 367 
VAL CB  HB   sing N N 368 
VAL CG1 HG11 sing N N 369 
VAL CG1 HG12 sing N N 370 
VAL CG1 HG13 sing N N 371 
VAL CG2 HG21 sing N N 372 
VAL CG2 HG22 sing N N 373 
VAL CG2 HG23 sing N N 374 
VAL OXT HXT  sing N N 375 
# 
_pdbx_initial_refinement_model.id               1 
_pdbx_initial_refinement_model.entity_id_list   ? 
_pdbx_initial_refinement_model.type             'experimental model' 
_pdbx_initial_refinement_model.source_name      PDB 
_pdbx_initial_refinement_model.accession_code   1CDQ 
_pdbx_initial_refinement_model.details          'PDB ENTRY 1CDQ' 
# 
_atom_sites.entry_id                    2J8B 
_atom_sites.fract_transf_matrix[1][1]   -0.00494080 
_atom_sites.fract_transf_matrix[1][2]   0.03015329 
_atom_sites.fract_transf_matrix[1][3]   0.00679120 
_atom_sites.fract_transf_matrix[2][1]   0.00215304 
_atom_sites.fract_transf_matrix[2][2]   -0.00442524 
_atom_sites.fract_transf_matrix[2][3]   0.02121469 
_atom_sites.fract_transf_matrix[3][1]   0.02134387 
_atom_sites.fract_transf_matrix[3][2]   0.00380637 
_atom_sites.fract_transf_matrix[3][3]   -0.00137217 
_atom_sites.fract_transf_vector[1]      0.003605 
_atom_sites.fract_transf_vector[2]      -0.164762 
_atom_sites.fract_transf_vector[3]      0.251292 
# 
loop_
_atom_type.symbol 
C 
N 
O 
S 
# 
loop_
_atom_site.group_PDB 
_atom_site.id 
_atom_site.type_symbol 
_atom_site.label_atom_id 
_atom_site.label_alt_id 
_atom_site.label_comp_id 
_atom_site.label_asym_id 
_atom_site.label_entity_id 
_atom_site.label_seq_id 
_atom_site.pdbx_PDB_ins_code 
_atom_site.Cartn_x 
_atom_site.Cartn_y 
_atom_site.Cartn_z 
_atom_site.occupancy 
_atom_site.B_iso_or_equiv 
_atom_site.pdbx_formal_charge 
_atom_site.auth_seq_id 
_atom_site.auth_comp_id 
_atom_site.auth_asym_id 
_atom_site.auth_atom_id 
_atom_site.pdbx_PDB_model_num 
ATOM   1   N N   A MET A 1 1  ? 0.605   -17.034 -4.191  0.50 9.00  ? 0    MET A N   1 
ATOM   2   N N   B MET A 1 1  ? 0.908   -16.939 -4.282  0.50 11.96 ? 0    MET A N   1 
ATOM   3   C CA  A MET A 1 1  ? 0.357   -15.589 -4.474  0.50 9.76  ? 0    MET A CA  1 
ATOM   4   C CA  B MET A 1 1  ? 0.342   -15.571 -4.485  0.50 12.58 ? 0    MET A CA  1 
ATOM   5   C C   A MET A 1 1  ? 0.642   -14.754 -3.225  0.50 9.15  ? 0    MET A C   1 
ATOM   6   C C   B MET A 1 1  ? 0.518   -14.726 -3.229  0.50 11.16 ? 0    MET A C   1 
ATOM   7   O O   A MET A 1 1  ? 0.685   -15.280 -2.111  0.50 9.80  ? 0    MET A O   1 
ATOM   8   O O   B MET A 1 1  ? 0.338   -15.212 -2.112  0.50 11.54 ? 0    MET A O   1 
ATOM   9   C CB  A MET A 1 1  ? -1.082  -15.375 -4.953  0.50 9.90  ? 0    MET A CB  1 
ATOM   10  C CB  B MET A 1 1  ? -1.140  -15.647 -4.853  0.50 14.90 ? 0    MET A CB  1 
ATOM   11  C CG  A MET A 1 1  ? -1.442  -16.173 -6.206  0.50 10.90 ? 0    MET A CG  1 
ATOM   12  C CG  B MET A 1 1  ? -1.431  -16.506 -6.073  0.50 17.86 ? 0    MET A CG  1 
ATOM   13  S SD  A MET A 1 1  ? -3.173  -16.047 -6.705  0.50 12.30 ? 0    MET A SD  1 
ATOM   14  S SD  B MET A 1 1  ? -1.025  -15.688 -7.628  0.50 21.75 ? 0    MET A SD  1 
ATOM   15  C CE  A MET A 1 1  ? -3.178  -14.472 -7.551  0.50 13.71 ? 0    MET A CE  1 
ATOM   16  C CE  B MET A 1 1  ? -2.472  -14.658 -7.839  0.50 21.22 ? 0    MET A CE  1 
ATOM   17  N N   . LEU A 1 2  ? 0.867   -13.458 -3.416  1.00 10.57 ? 1    LEU A N   1 
ATOM   18  C CA  . LEU A 1 2  ? 0.982   -12.511 -2.305  1.00 9.56  ? 1    LEU A CA  1 
ATOM   19  C C   . LEU A 1 2  ? -0.391  -11.919 -2.025  1.00 9.35  ? 1    LEU A C   1 
ATOM   20  O O   . LEU A 1 2  ? -1.019  -11.354 -2.915  1.00 10.86 ? 1    LEU A O   1 
ATOM   21  C CB  . LEU A 1 2  ? 1.980   -11.405 -2.653  1.00 10.30 ? 1    LEU A CB  1 
ATOM   22  C CG  . LEU A 1 2  ? 2.148   -10.301 -1.604  1.00 9.90  ? 1    LEU A CG  1 
ATOM   23  C CD1 . LEU A 1 2  ? 2.666   -10.841 -0.279  1.00 11.11 ? 1    LEU A CD1 1 
ATOM   24  C CD2 . LEU A 1 2  ? 3.080   -9.224  -2.143  1.00 11.56 ? 1    LEU A CD2 1 
ATOM   25  N N   A GLN A 1 3  ? -0.875  -12.053 -0.796  0.50 8.92  ? 2    GLN A N   1 
ATOM   26  N N   B GLN A 1 3  ? -0.818  -12.052 -0.770  0.50 9.50  ? 2    GLN A N   1 
ATOM   27  C CA  A GLN A 1 3  ? -2.161  -11.463 -0.423  0.50 9.04  ? 2    GLN A CA  1 
ATOM   28  C CA  B GLN A 1 3  ? -2.030  -11.426 -0.261  0.50 9.76  ? 2    GLN A CA  1 
ATOM   29  C C   A GLN A 1 3  ? -1.898  -10.175 0.355   0.50 8.34  ? 2    GLN A C   1 
ATOM   30  C C   B GLN A 1 3  ? -1.707  -10.060 0.291   0.50 8.73  ? 2    GLN A C   1 
ATOM   31  O O   A GLN A 1 3  ? -1.149  -10.191 1.329   0.50 8.47  ? 2    GLN A O   1 
ATOM   32  O O   B GLN A 1 3  ? -0.759  -9.899  1.070   0.50 8.74  ? 2    GLN A O   1 
ATOM   33  C CB  A GLN A 1 3  ? -2.994  -12.463 0.397   0.50 10.04 ? 2    GLN A CB  1 
ATOM   34  C CB  B GLN A 1 3  ? -2.621  -12.256 0.875   0.50 12.33 ? 2    GLN A CB  1 
ATOM   35  C CG  A GLN A 1 3  ? -4.460  -12.055 0.565   0.50 10.35 ? 2    GLN A CG  1 
ATOM   36  C CG  B GLN A 1 3  ? -3.303  -13.513 0.423   0.50 14.99 ? 2    GLN A CG  1 
ATOM   37  C CD  A GLN A 1 3  ? -5.277  -12.969 1.472   0.50 10.84 ? 2    GLN A CD  1 
ATOM   38  C CD  B GLN A 1 3  ? -4.121  -14.140 1.521   0.50 17.05 ? 2    GLN A CD  1 
ATOM   39  O OE1 A GLN A 1 3  ? -4.758  -13.560 2.396   0.50 10.94 ? 2    GLN A OE1 1 
ATOM   40  O OE1 B GLN A 1 3  ? -3.867  -13.910 2.705   0.50 18.00 ? 2    GLN A OE1 1 
ATOM   41  N NE2 A GLN A 1 3  ? -6.570  -13.054 1.216   0.50 12.94 ? 2    GLN A NE2 1 
ATOM   42  N NE2 B GLN A 1 3  ? -5.105  -14.948 1.138   0.50 18.08 ? 2    GLN A NE2 1 
ATOM   43  N N   . CYS A 1 4  ? -2.509  -9.076  -0.091  1.00 7.93  ? 3    CYS A N   1 
ATOM   44  C CA  . CYS A 1 4  ? -2.347  -7.749  0.497   1.00 7.53  ? 3    CYS A CA  1 
ATOM   45  C C   . CYS A 1 4  ? -3.709  -7.186  0.854   1.00 7.19  ? 3    CYS A C   1 
ATOM   46  O O   . CYS A 1 4  ? -4.726  -7.551  0.247   1.00 8.14  ? 3    CYS A O   1 
ATOM   47  C CB  . CYS A 1 4  ? -1.702  -6.793  -0.518  1.00 7.44  ? 3    CYS A CB  1 
ATOM   48  S SG  . CYS A 1 4  ? -0.043  -7.247  -1.096  1.00 7.65  ? 3    CYS A SG  1 
ATOM   49  N N   . TYR A 1 5  ? -3.725  -6.251  1.791   1.00 6.69  ? 4    TYR A N   1 
ATOM   50  C CA  . TYR A 1 5  ? -4.888  -5.396  1.905   1.00 6.95  ? 4    TYR A CA  1 
ATOM   51  C C   . TYR A 1 5  ? -4.922  -4.496  0.677   1.00 6.26  ? 4    TYR A C   1 
ATOM   52  O O   . TYR A 1 5  ? -3.908  -3.896  0.299   1.00 6.90  ? 4    TYR A O   1 
ATOM   53  C CB  . TYR A 1 5  ? -4.860  -4.569  3.195   1.00 7.87  ? 4    TYR A CB  1 
ATOM   54  C CG  . TYR A 1 5  ? -4.986  -5.433  4.430   1.00 8.31  ? 4    TYR A CG  1 
ATOM   55  C CD1 . TYR A 1 5  ? -6.187  -6.108  4.705   1.00 8.43  ? 4    TYR A CD1 1 
ATOM   56  C CD2 . TYR A 1 5  ? -3.927  -5.595  5.321   1.00 8.98  ? 4    TYR A CD2 1 
ATOM   57  C CE1 . TYR A 1 5  ? -6.312  -6.912  5.821   1.00 10.17 ? 4    TYR A CE1 1 
ATOM   58  C CE2 . TYR A 1 5  ? -4.058  -6.395  6.442   1.00 10.32 ? 4    TYR A CE2 1 
ATOM   59  C CZ  . TYR A 1 5  ? -5.249  -7.048  6.685   1.00 9.89  ? 4    TYR A CZ  1 
ATOM   60  O OH  . TYR A 1 5  ? -5.397  -7.851  7.791   1.00 12.00 ? 4    TYR A OH  1 
ATOM   61  N N   . ASN A 1 6  ? -6.074  -4.432  0.019   1.00 6.99  ? 5    ASN A N   1 
ATOM   62  C CA  . ASN A 1 6  ? -6.177  -3.661  -1.216  1.00 7.91  ? 5    ASN A CA  1 
ATOM   63  C C   . ASN A 1 6  ? -7.563  -3.029  -1.272  1.00 8.42  ? 5    ASN A C   1 
ATOM   64  O O   . ASN A 1 6  ? -8.562  -3.714  -1.496  1.00 11.26 ? 5    ASN A O   1 
ATOM   65  C CB  . ASN A 1 6  ? -5.905  -4.538  -2.445  1.00 9.61  ? 5    ASN A CB  1 
ATOM   66  C CG  . ASN A 1 6  ? -5.888  -3.737  -3.725  1.00 10.42 ? 5    ASN A CG  1 
ATOM   67  O OD1 . ASN A 1 6  ? -4.890  -3.085  -4.059  1.00 11.22 ? 5    ASN A OD1 1 
ATOM   68  N ND2 . ASN A 1 6  ? -7.010  -3.744  -4.431  1.00 15.19 ? 5    ASN A ND2 1 
ATOM   69  N N   . CYS A 1 7  ? -7.640  -1.730  -1.020  1.00 8.98  ? 6    CYS A N   1 
ATOM   70  C CA  . CYS A 1 7  ? -8.894  -0.997  -1.079  1.00 10.60 ? 6    CYS A CA  1 
ATOM   71  C C   . CYS A 1 7  ? -8.778  0.010   -2.229  1.00 9.87  ? 6    CYS A C   1 
ATOM   72  O O   . CYS A 1 7  ? -7.770  0.695   -2.382  1.00 11.08 ? 6    CYS A O   1 
ATOM   73  C CB  . CYS A 1 7  ? -9.167  -0.294  0.273   1.00 11.07 ? 6    CYS A CB  1 
ATOM   74  S SG  . CYS A 1 7  ? -9.782  -1.421  1.617   1.00 12.51 ? 6    CYS A SG  1 
ATOM   75  N N   . PRO A 1 8  ? -9.815  0.104   -3.073  1.00 12.15 ? 7    PRO A N   1 
ATOM   76  C CA  . PRO A 1 8  ? -9.700  1.027   -4.216  1.00 13.02 ? 7    PRO A CA  1 
ATOM   77  C C   . PRO A 1 8  ? -9.701  2.500   -3.823  1.00 13.01 ? 7    PRO A C   1 
ATOM   78  O O   . PRO A 1 8  ? -9.153  3.313   -4.548  1.00 14.43 ? 7    PRO A O   1 
ATOM   79  C CB  . PRO A 1 8  ? -10.940 0.715   -5.060  1.00 14.71 ? 7    PRO A CB  1 
ATOM   80  C CG  . PRO A 1 8  ? -11.897 0.177   -4.106  1.00 14.86 ? 7    PRO A CG  1 
ATOM   81  C CD  . PRO A 1 8  ? -11.099 -0.599  -3.072  1.00 13.79 ? 7    PRO A CD  1 
ATOM   82  N N   . ASN A 1 9  ? -10.311 2.815   -2.679  1.00 12.40 ? 8    ASN A N   1 
ATOM   83  C CA  . ASN A 1 9  ? -10.394 4.176   -2.161  1.00 13.71 ? 8    ASN A CA  1 
ATOM   84  C C   . ASN A 1 9  ? -9.686  4.265   -0.792  1.00 12.85 ? 8    ASN A C   1 
ATOM   85  O O   . ASN A 1 9  ? -9.613  3.269   -0.082  1.00 13.49 ? 8    ASN A O   1 
ATOM   86  C CB  . ASN A 1 9  ? -11.874 4.595   -1.965  1.00 14.98 ? 8    ASN A CB  1 
ATOM   87  C CG  . ASN A 1 9  ? -12.836 4.115   -3.106  1.00 15.82 ? 8    ASN A CG  1 
ATOM   88  O OD1 . ASN A 1 9  ? -13.907 3.509   -2.858  1.00 17.11 ? 8    ASN A OD1 1 
ATOM   89  N ND2 . ASN A 1 9  ? -12.478 4.427   -4.338  1.00 15.01 ? 8    ASN A ND2 1 
ATOM   90  N N   . PRO A 1 10 ? -9.213  5.457   -0.389  1.00 12.33 ? 9    PRO A N   1 
ATOM   91  C CA  . PRO A 1 10 ? -8.683  5.554   0.982   1.00 12.15 ? 9    PRO A CA  1 
ATOM   92  C C   . PRO A 1 10 ? -9.758  5.198   2.007   1.00 11.41 ? 9    PRO A C   1 
ATOM   93  O O   . PRO A 1 10 ? -10.936 5.544   1.837   1.00 12.69 ? 9    PRO A O   1 
ATOM   94  C CB  . PRO A 1 10 ? -8.219  7.010   1.104   1.00 14.46 ? 9    PRO A CB  1 
ATOM   95  C CG  . PRO A 1 10 ? -8.788  7.725   -0.077  1.00 14.76 ? 9    PRO A CG  1 
ATOM   96  C CD  . PRO A 1 10 ? -9.103  6.721   -1.137  1.00 13.89 ? 9    PRO A CD  1 
ATOM   97  N N   . THR A 1 11 ? -9.342  4.505   3.060   1.00 11.44 ? 10   THR A N   1 
ATOM   98  C CA  . THR A 1 11 ? -10.260 3.857   3.987   1.00 14.01 ? 10   THR A CA  1 
ATOM   99  C C   . THR A 1 11 ? -9.568  3.877   5.345   1.00 12.33 ? 10   THR A C   1 
ATOM   100 O O   . THR A 1 11 ? -8.378  3.574   5.418   1.00 11.94 ? 10   THR A O   1 
ATOM   101 C CB  . THR A 1 11 ? -10.486 2.373   3.541   1.00 15.47 ? 10   THR A CB  1 
ATOM   102 O OG1 . THR A 1 11 ? -10.954 2.343   2.186   1.00 18.19 ? 10   THR A OG1 1 
ATOM   103 C CG2 . THR A 1 11 ? -11.490 1.661   4.433   1.00 16.73 ? 10   THR A CG2 1 
ATOM   104 N N   . ALA A 1 12 ? -10.283 4.214   6.418   1.00 12.63 ? 11   ALA A N   1 
ATOM   105 C CA  . ALA A 1 12 ? -9.661  4.325   7.740   1.00 13.32 ? 11   ALA A CA  1 
ATOM   106 C C   . ALA A 1 12 ? -8.998  3.032   8.200   1.00 11.85 ? 11   ALA A C   1 
ATOM   107 O O   . ALA A 1 12 ? -7.953  3.060   8.857   1.00 12.98 ? 11   ALA A O   1 
ATOM   108 C CB  . ALA A 1 12 ? -10.687 4.793   8.769   1.00 14.57 ? 11   ALA A CB  1 
ATOM   109 N N   . ASP A 1 13 ? -9.619  1.899   7.905   1.00 11.04 ? 12   ASP A N   1 
ATOM   110 C CA  . ASP A 1 13 ? -9.027  0.617   8.261   1.00 11.95 ? 12   ASP A CA  1 
ATOM   111 C C   . ASP A 1 13 ? -9.420  -0.456  7.278   1.00 11.17 ? 12   ASP A C   1 
ATOM   112 O O   . ASP A 1 13 ? -10.353 -1.226  7.489   1.00 12.38 ? 12   ASP A O   1 
ATOM   113 C CB  . ASP A 1 13 ? -9.295  0.172   9.690   1.00 15.43 ? 12   ASP A CB  1 
ATOM   114 C CG  . ASP A 1 13 ? -8.293  -0.881  10.131  1.00 16.31 ? 12   ASP A CG  1 
ATOM   115 O OD1 . ASP A 1 13 ? -7.072  -0.597  10.065  1.00 18.21 ? 12   ASP A OD1 1 
ATOM   116 O OD2 . ASP A 1 13 ? -8.714  -1.987  10.491  1.00 16.79 ? 12   ASP A OD2 1 
ATOM   117 N N   . CYS A 1 14 ? -8.661  -0.514  6.202   1.00 10.46 ? 13   CYS A N   1 
ATOM   118 C CA  . CYS A 1 14 ? -8.918  -1.438  5.117   1.00 9.44  ? 13   CYS A CA  1 
ATOM   119 C C   . CYS A 1 14 ? -8.812  -2.876  5.598   1.00 11.13 ? 13   CYS A C   1 
ATOM   120 O O   . CYS A 1 14 ? -7.803  -3.269  6.189   1.00 13.15 ? 13   CYS A O   1 
ATOM   121 C CB  . CYS A 1 14 ? -7.912  -1.180  4.003   1.00 10.01 ? 13   CYS A CB  1 
ATOM   122 S SG  . CYS A 1 14 ? -8.122  -2.209  2.540   1.00 10.72 ? 13   CYS A SG  1 
ATOM   123 N N   . LYS A 1 15 ? -9.873  -3.648  5.374   1.00 11.88 ? 14   LYS A N   1 
ATOM   124 C CA  . LYS A 1 15 ? -9.930  -5.057  5.762   1.00 13.82 ? 14   LYS A CA  1 
ATOM   125 C C   . LYS A 1 15 ? -10.075 -5.979  4.560   1.00 14.33 ? 14   LYS A C   1 
ATOM   126 O O   . LYS A 1 15 ? -10.209 -7.192  4.723   1.00 16.54 ? 14   LYS A O   1 
ATOM   127 C CB  . LYS A 1 15 ? -11.080 -5.301  6.746   1.00 15.86 ? 14   LYS A CB  1 
ATOM   128 C CG  A LYS A 1 15 ? -10.739 -4.882  8.162   0.65 17.27 ? 14   LYS A CG  1 
ATOM   129 C CG  B LYS A 1 15 ? -10.955 -4.561  8.066   0.35 15.74 ? 14   LYS A CG  1 
ATOM   130 C CD  A LYS A 1 15 ? -11.945 -4.953  9.077   0.65 18.47 ? 14   LYS A CD  1 
ATOM   131 C CD  B LYS A 1 15 ? -9.919  -5.205  8.982   0.35 16.14 ? 14   LYS A CD  1 
ATOM   132 C CE  A LYS A 1 15 ? -12.910 -3.809  8.811   0.65 19.82 ? 14   LYS A CE  1 
ATOM   133 C CE  B LYS A 1 15 ? -10.444 -6.473  9.641   0.35 15.97 ? 14   LYS A CE  1 
ATOM   134 N NZ  A LYS A 1 15 ? -14.143 -3.895  9.636   0.65 20.97 ? 14   LYS A NZ  1 
ATOM   135 N NZ  B LYS A 1 15 ? -9.522  -7.004  10.696  0.35 15.44 ? 14   LYS A NZ  1 
ATOM   136 N N   . THR A 1 16 ? -10.053 -5.392  3.366   1.00 12.05 ? 15   THR A N   1 
ATOM   137 C CA  . THR A 1 16 ? -10.246 -6.132  2.131   1.00 12.80 ? 15   THR A CA  1 
ATOM   138 C C   . THR A 1 16 ? -8.936  -6.797  1.728   1.00 11.87 ? 15   THR A C   1 
ATOM   139 O O   . THR A 1 16 ? -7.987  -6.143  1.295   1.00 12.57 ? 15   THR A O   1 
ATOM   140 C CB  . THR A 1 16 ? -10.732 -5.205  1.013   1.00 13.57 ? 15   THR A CB  1 
ATOM   141 O OG1 . THR A 1 16 ? -11.928 -4.544  1.441   1.00 16.72 ? 15   THR A OG1 1 
ATOM   142 C CG2 . THR A 1 16 ? -11.008 -5.999  -0.256  1.00 14.29 ? 15   THR A CG2 1 
ATOM   143 N N   . ALA A 1 17 ? -8.895  -8.113  1.882   1.00 12.24 ? 16   ALA A N   1 
ATOM   144 C CA  . ALA A 1 17 ? -7.742  -8.922  1.496   1.00 12.80 ? 16   ALA A CA  1 
ATOM   145 C C   . ALA A 1 17 ? -7.918  -9.431  0.075   1.00 12.32 ? 16   ALA A C   1 
ATOM   146 O O   . ALA A 1 17 ? -8.970  -9.974  -0.252  1.00 14.47 ? 16   ALA A O   1 
ATOM   147 C CB  . ALA A 1 17 ? -7.610  -10.095 2.445   1.00 15.09 ? 16   ALA A CB  1 
ATOM   148 N N   . VAL A 1 18 ? -6.901  -9.289  -0.765  1.00 11.47 ? 17   VAL A N   1 
ATOM   149 C CA  . VAL A 1 18 ? -6.961  -9.784  -2.140  1.00 11.92 ? 17   VAL A CA  1 
ATOM   150 C C   . VAL A 1 18 ? -5.682  -10.514 -2.480  1.00 11.41 ? 17   VAL A C   1 
ATOM   151 O O   . VAL A 1 18 ? -4.629  -10.210 -1.936  1.00 12.15 ? 17   VAL A O   1 
ATOM   152 C CB  . VAL A 1 18 ? -7.120  -8.654  -3.163  1.00 14.23 ? 17   VAL A CB  1 
ATOM   153 C CG1 . VAL A 1 18 ? -8.293  -7.761  -2.819  1.00 15.48 ? 17   VAL A CG1 1 
ATOM   154 C CG2 . VAL A 1 18 ? -5.843  -7.858  -3.267  1.00 16.08 ? 17   VAL A CG2 1 
ATOM   155 N N   . ASN A 1 19 ? -5.771  -11.490 -3.374  1.00 10.34 ? 18   ASN A N   1 
ATOM   156 C CA  . ASN A 1 19 ? -4.579  -12.106 -3.923  1.00 11.56 ? 18   ASN A CA  1 
ATOM   157 C C   . ASN A 1 19 ? -4.091  -11.225 -5.059  1.00 11.77 ? 18   ASN A C   1 
ATOM   158 O O   . ASN A 1 19 ? -4.765  -11.109 -6.087  1.00 14.29 ? 18   ASN A O   1 
ATOM   159 C CB  . ASN A 1 19 ? -4.888  -13.494 -4.475  1.00 12.90 ? 18   ASN A CB  1 
ATOM   160 C CG  . ASN A 1 19 ? -5.268  -14.479 -3.398  1.00 13.46 ? 18   ASN A CG  1 
ATOM   161 O OD1 . ASN A 1 19 ? -4.924  -14.322 -2.228  1.00 14.57 ? 18   ASN A OD1 1 
ATOM   162 N ND2 . ASN A 1 19 ? -5.968  -15.531 -3.800  1.00 15.35 ? 18   ASN A ND2 1 
ATOM   163 N N   . CYS A 1 20 ? -2.938  -10.589 -4.886  1.00 10.61 ? 19   CYS A N   1 
ATOM   164 C CA  . CYS A 1 20 ? -2.415  -9.721  -5.936  1.00 11.63 ? 19   CYS A CA  1 
ATOM   165 C C   . CYS A 1 20 ? -2.022  -10.524 -7.164  1.00 12.09 ? 19   CYS A C   1 
ATOM   166 O O   . CYS A 1 20 ? -1.565  -11.654 -7.064  1.00 13.10 ? 19   CYS A O   1 
ATOM   167 C CB  . CYS A 1 20 ? -1.211  -8.926  -5.431  1.00 10.89 ? 19   CYS A CB  1 
ATOM   168 S SG  . CYS A 1 20 ? -1.545  -7.922  -3.931  1.00 11.04 ? 19   CYS A SG  1 
ATOM   169 N N   . SER A 1 21 ? -2.176  -9.944  -8.340  1.00 13.02 ? 20   SER A N   1 
ATOM   170 C CA  . SER A 1 21 ? -1.675  -10.652 -9.511  1.00 14.92 ? 20   SER A CA  1 
ATOM   171 C C   . SER A 1 21 ? -0.149  -10.654 -9.518  1.00 14.15 ? 20   SER A C   1 
ATOM   172 O O   . SER A 1 21 ? 0.497   -9.902  -8.771  1.00 13.39 ? 20   SER A O   1 
ATOM   173 C CB  . SER A 1 21 ? -2.244  -10.089 -10.809 1.00 17.08 ? 20   SER A CB  1 
ATOM   174 O OG  . SER A 1 21 ? -1.351  -9.166  -11.390 1.00 18.26 ? 20   SER A OG  1 
ATOM   175 N N   . SER A 1 22 ? 0.420   -11.518 -10.350 1.00 14.26 ? 21   SER A N   1 
ATOM   176 C CA  . SER A 1 22 ? 1.862   -11.668 -10.422 1.00 15.50 ? 21   SER A CA  1 
ATOM   177 C C   . SER A 1 22 ? 2.566   -10.434 -10.993 1.00 14.59 ? 21   SER A C   1 
ATOM   178 O O   . SER A 1 22 ? 3.785   -10.364 -10.961 1.00 15.20 ? 21   SER A O   1 
ATOM   179 C CB  . SER A 1 22 ? 2.242   -12.924 -11.212 1.00 17.41 ? 21   SER A CB  1 
ATOM   180 O OG  . SER A 1 22 ? 1.863   -12.807 -12.571 1.00 19.75 ? 21   SER A OG  1 
ATOM   181 N N   . ASP A 1 23 ? 1.802   -9.474  -11.505 1.00 13.90 ? 22   ASP A N   1 
ATOM   182 C CA  . ASP A 1 23 ? 2.371   -8.176  -11.893 1.00 13.56 ? 22   ASP A CA  1 
ATOM   183 C C   . ASP A 1 23 ? 2.940   -7.425  -10.687 1.00 12.30 ? 22   ASP A C   1 
ATOM   184 O O   . ASP A 1 23 ? 3.814   -6.568  -10.846 1.00 14.22 ? 22   ASP A O   1 
ATOM   185 C CB  . ASP A 1 23 ? 1.320   -7.274  -12.543 1.00 15.09 ? 22   ASP A CB  1 
ATOM   186 C CG  . ASP A 1 23 ? 1.032   -7.630  -13.980 1.00 16.32 ? 22   ASP A CG  1 
ATOM   187 O OD1 . ASP A 1 23 ? 1.412   -8.735  -14.444 1.00 18.09 ? 22   ASP A OD1 1 
ATOM   188 O OD2 . ASP A 1 23 ? 0.407   -6.790  -14.649 1.00 17.59 ? 22   ASP A OD2 1 
ATOM   189 N N   A PHE A 1 24 ? 2.423   -7.705  -9.504  0.50 11.05 ? 23   PHE A N   1 
ATOM   190 N N   B PHE A 1 24 ? 2.450   -7.773  -9.489  0.50 11.61 ? 23   PHE A N   1 
ATOM   191 C CA  A PHE A 1 24 ? 2.806   -6.936  -8.349  0.50 9.29  ? 23   PHE A CA  1 
ATOM   192 C CA  B PHE A 1 24 ? 2.706   -7.041  -8.238  0.50 10.50 ? 23   PHE A CA  1 
ATOM   193 C C   A PHE A 1 24 ? 3.715   -7.834  -7.519  0.50 9.19  ? 23   PHE A C   1 
ATOM   194 C C   B PHE A 1 24 ? 3.556   -7.837  -7.251  0.50 10.40 ? 23   PHE A C   1 
ATOM   195 O O   A PHE A 1 24 ? 3.676   -9.061  -7.670  0.50 9.05  ? 23   PHE A O   1 
ATOM   196 O O   B PHE A 1 24 ? 3.250   -8.985  -6.912  0.50 11.72 ? 23   PHE A O   1 
ATOM   197 C CB  A PHE A 1 24 ? 1.538   -6.395  -7.668  0.50 9.10  ? 23   PHE A CB  1 
ATOM   198 C CB  B PHE A 1 24 ? 1.384   -6.705  -7.547  0.50 10.54 ? 23   PHE A CB  1 
ATOM   199 C CG  A PHE A 1 24 ? 0.672   -5.601  -8.622  0.50 8.49  ? 23   PHE A CG  1 
ATOM   200 C CG  B PHE A 1 24 ? 0.449   -5.897  -8.386  0.50 10.96 ? 23   PHE A CG  1 
ATOM   201 C CD1 A PHE A 1 24 ? 1.238   -4.594  -9.399  0.50 8.00  ? 23   PHE A CD1 1 
ATOM   202 C CD1 B PHE A 1 24 ? 0.370   -4.532  -8.229  0.50 10.73 ? 23   PHE A CD1 1 
ATOM   203 C CD2 A PHE A 1 24 ? -0.668  -5.899  -8.803  0.50 9.21  ? 23   PHE A CD2 1 
ATOM   204 C CD2 B PHE A 1 24 ? -0.355  -6.505  -9.334  0.50 12.04 ? 23   PHE A CD2 1 
ATOM   205 C CE1 A PHE A 1 24 ? 0.487   -3.881  -10.306 0.50 9.46  ? 23   PHE A CE1 1 
ATOM   206 C CE1 B PHE A 1 24 ? -0.492  -3.781  -9.001  0.50 11.12 ? 23   PHE A CE1 1 
ATOM   207 C CE2 A PHE A 1 24 ? -1.433  -5.171  -9.708  0.50 10.24 ? 23   PHE A CE2 1 
ATOM   208 C CE2 B PHE A 1 24 ? -1.219  -5.763  -10.115 0.50 11.97 ? 23   PHE A CE2 1 
ATOM   209 C CZ  A PHE A 1 24 ? -0.841  -4.168  -10.470 0.50 9.84  ? 23   PHE A CZ  1 
ATOM   210 C CZ  B PHE A 1 24 ? -1.293  -4.400  -9.943  0.50 11.74 ? 23   PHE A CZ  1 
ATOM   211 N N   . ASP A 1 25 ? 4.607   -7.215  -6.749  1.00 8.47  ? 24   ASP A N   1 
ATOM   212 C CA  . ASP A 1 25 ? 5.512   -7.927  -5.861  1.00 9.34  ? 24   ASP A CA  1 
ATOM   213 C C   . ASP A 1 25 ? 5.524   -7.395  -4.428  1.00 8.31  ? 24   ASP A C   1 
ATOM   214 O O   . ASP A 1 25 ? 6.309   -7.873  -3.601  1.00 9.37  ? 24   ASP A O   1 
ATOM   215 C CB  . ASP A 1 25 ? 6.936   -7.957  -6.455  1.00 10.21 ? 24   ASP A CB  1 
ATOM   216 C CG  . ASP A 1 25 ? 7.550   -6.571  -6.649  1.00 9.61  ? 24   ASP A CG  1 
ATOM   217 O OD1 . ASP A 1 25 ? 6.947   -5.584  -6.226  1.00 9.37  ? 24   ASP A OD1 1 
ATOM   218 O OD2 . ASP A 1 25 ? 8.682   -6.479  -7.192  1.00 12.38 ? 24   ASP A OD2 1 
ATOM   219 N N   . ALA A 1 26 ? 4.681   -6.407  -4.136  1.00 7.50  ? 25   ALA A N   1 
ATOM   220 C CA  . ALA A 1 26 ? 4.693   -5.761  -2.833  1.00 7.15  ? 25   ALA A CA  1 
ATOM   221 C C   . ALA A 1 26 ? 3.292   -5.429  -2.382  1.00 6.36  ? 25   ALA A C   1 
ATOM   222 O O   . ALA A 1 26 ? 2.396   -5.231  -3.200  1.00 7.18  ? 25   ALA A O   1 
ATOM   223 C CB  . ALA A 1 26 ? 5.503   -4.473  -2.889  1.00 7.93  ? 25   ALA A CB  1 
ATOM   224 N N   . CYS A 1 27 ? 3.145   -5.336  -1.064  1.00 6.14  ? 26   CYS A N   1 
ATOM   225 C CA  . CYS A 1 27 ? 1.990   -4.682  -0.443  1.00 6.23  ? 26   CYS A CA  1 
ATOM   226 C C   . CYS A 1 27 ? 2.435   -3.309  0.030   1.00 6.12  ? 26   CYS A C   1 
ATOM   227 O O   . CYS A 1 27 ? 3.479   -3.197  0.680   1.00 8.00  ? 26   CYS A O   1 
ATOM   228 C CB  . CYS A 1 27 ? 1.498   -5.451  0.799   1.00 7.24  ? 26   CYS A CB  1 
ATOM   229 S SG  . CYS A 1 27 ? 1.100   -7.223  0.592   1.00 7.71  ? 26   CYS A SG  1 
ATOM   230 N N   . LEU A 1 28 ? 1.639   -2.283  -0.271  1.00 5.64  ? 27   LEU A N   1 
ATOM   231 C CA  . LEU A 1 28 ? 1.912   -0.901  0.115   1.00 5.50  ? 27   LEU A CA  1 
ATOM   232 C C   . LEU A 1 28 ? 0.887   -0.444  1.158   1.00 5.13  ? 27   LEU A C   1 
ATOM   233 O O   . LEU A 1 28 ? -0.321  -0.678  0.983   1.00 5.15  ? 27   LEU A O   1 
ATOM   234 C CB  . LEU A 1 28 ? 1.765   0.006   -1.121  1.00 6.09  ? 27   LEU A CB  1 
ATOM   235 C CG  . LEU A 1 28 ? 1.771   1.512   -0.869  1.00 6.11  ? 27   LEU A CG  1 
ATOM   236 C CD1 . LEU A 1 28 ? 3.142   2.015   -0.434  1.00 7.62  ? 27   LEU A CD1 1 
ATOM   237 C CD2 . LEU A 1 28 ? 1.282   2.255   -2.098  1.00 7.90  ? 27   LEU A CD2 1 
ATOM   238 N N   . ILE A 1 29 ? 1.337   0.228   2.205   1.00 4.95  ? 28   ILE A N   1 
ATOM   239 C CA  . ILE A 1 29 ? 0.466   1.079   3.002   1.00 5.37  ? 28   ILE A CA  1 
ATOM   240 C C   . ILE A 1 29 ? 1.048   2.493   3.006   1.00 5.61  ? 28   ILE A C   1 
ATOM   241 O O   . ILE A 1 29 ? 2.257   2.667   3.169   1.00 6.22  ? 28   ILE A O   1 
ATOM   242 C CB  . ILE A 1 29 ? 0.221   0.539   4.431   1.00 6.15  ? 28   ILE A CB  1 
ATOM   243 C CG1 . ILE A 1 29 ? -0.710  1.497   5.195   1.00 7.35  ? 28   ILE A CG1 1 
ATOM   244 C CG2 . ILE A 1 29 ? 1.535   0.226   5.193   1.00 6.69  ? 28   ILE A CG2 1 
ATOM   245 C CD1 . ILE A 1 29 ? -1.164  1.026   6.533   1.00 9.22  ? 28   ILE A CD1 1 
ATOM   246 N N   . THR A 1 30 ? 0.184   3.486   2.815   1.00 6.05  ? 29   THR A N   1 
ATOM   247 C CA  . THR A 1 30 ? 0.582   4.879   2.841   1.00 7.34  ? 29   THR A CA  1 
ATOM   248 C C   . THR A 1 30 ? -0.387  5.653   3.730   1.00 6.13  ? 29   THR A C   1 
ATOM   249 O O   . THR A 1 30 ? -1.591  5.441   3.647   1.00 7.62  ? 29   THR A O   1 
ATOM   250 C CB  . THR A 1 30 ? 0.527   5.499   1.415   1.00 9.90  ? 29   THR A CB  1 
ATOM   251 O OG1 . THR A 1 30 ? 1.402   4.814   0.524   1.00 12.13 ? 29   THR A OG1 1 
ATOM   252 C CG2 . THR A 1 30 ? 0.960   6.936   1.435   1.00 11.83 ? 29   THR A CG2 1 
ATOM   253 N N   . LYS A 1 31 ? 0.152   6.527   4.571   1.00 6.51  ? 30   LYS A N   1 
ATOM   254 C CA  . LYS A 1 31 ? -0.619  7.444   5.408   1.00 7.34  ? 30   LYS A CA  1 
ATOM   255 C C   . LYS A 1 31 ? -0.367  8.872   4.956   1.00 7.19  ? 30   LYS A C   1 
ATOM   256 O O   . LYS A 1 31 ? 0.770   9.326   4.952   1.00 7.63  ? 30   LYS A O   1 
ATOM   257 C CB  . LYS A 1 31 ? -0.225  7.293   6.877   1.00 7.84  ? 30   LYS A CB  1 
ATOM   258 C CG  . LYS A 1 31 ? -0.642  5.961   7.489   1.00 8.15  ? 30   LYS A CG  1 
ATOM   259 C CD  . LYS A 1 31 ? -0.136  5.822   8.936   1.00 9.05  ? 30   LYS A CD  1 
ATOM   260 C CE  . LYS A 1 31 ? -0.738  4.612   9.641   1.00 10.15 ? 30   LYS A CE  1 
ATOM   261 N NZ  . LYS A 1 31 ? -0.268  4.522   11.058  1.00 10.66 ? 30   LYS A NZ  1 
ATOM   262 N N   . ALA A 1 32 ? -1.420  9.570   4.564   1.00 9.07  ? 31   ALA A N   1 
ATOM   263 C CA  . ALA A 1 32 ? -1.341  10.959  4.128   1.00 10.35 ? 31   ALA A CA  1 
ATOM   264 C C   . ALA A 1 32 ? -2.397  11.719  4.937   1.00 10.67 ? 31   ALA A C   1 
ATOM   265 O O   . ALA A 1 32 ? -3.576  11.722  4.592   1.00 10.47 ? 31   ALA A O   1 
ATOM   266 C CB  . ALA A 1 32 ? -1.630  11.052  2.652   1.00 10.89 ? 31   ALA A CB  1 
ATOM   267 N N   . GLY A 1 33 ? -1.987  12.347  6.034   1.00 13.17 ? 32   GLY A N   1 
ATOM   268 C CA  . GLY A 1 33 ? -2.975  12.940  6.943   1.00 14.40 ? 32   GLY A CA  1 
ATOM   269 C C   . GLY A 1 33 ? -3.843  11.845  7.551   1.00 15.11 ? 32   GLY A C   1 
ATOM   270 O O   . GLY A 1 33 ? -3.310  10.867  8.082   1.00 18.10 ? 32   GLY A O   1 
ATOM   271 N N   . LEU A 1 34 ? -5.173  11.983  7.459   1.00 14.33 ? 33   LEU A N   1 
ATOM   272 C CA  . LEU A 1 34 ? -6.089  10.933  7.928   1.00 14.53 ? 33   LEU A CA  1 
ATOM   273 C C   . LEU A 1 34 ? -6.394  9.902   6.857   1.00 14.27 ? 33   LEU A C   1 
ATOM   274 O O   . LEU A 1 34 ? -7.069  8.905   7.127   1.00 16.02 ? 33   LEU A O   1 
ATOM   275 C CB  . LEU A 1 34 ? -7.401  11.524  8.462   1.00 16.48 ? 33   LEU A CB  1 
ATOM   276 C CG  . LEU A 1 34 ? -7.241  12.362  9.734   1.00 18.32 ? 33   LEU A CG  1 
ATOM   277 C CD1 . LEU A 1 34 ? -8.550  13.041  10.098  1.00 19.50 ? 33   LEU A CD1 1 
ATOM   278 C CD2 . LEU A 1 34 ? -6.705  11.528  10.909  1.00 19.39 ? 33   LEU A CD2 1 
ATOM   279 N N   . GLN A 1 35 ? -5.939  10.149  5.634   1.00 11.84 ? 34   GLN A N   1 
ATOM   280 C CA  . GLN A 1 35 ? -6.176  9.210   4.553   1.00 11.46 ? 34   GLN A CA  1 
ATOM   281 C C   . GLN A 1 35 ? -5.175  8.068   4.622   1.00 9.82  ? 34   GLN A C   1 
ATOM   282 O O   . GLN A 1 35 ? -3.971  8.282   4.735   1.00 13.11 ? 34   GLN A O   1 
ATOM   283 C CB  . GLN A 1 35 ? -6.086  9.912   3.201   1.00 11.83 ? 34   GLN A CB  1 
ATOM   284 C CG  . GLN A 1 35 ? -7.288  10.796  2.846   1.00 12.23 ? 34   GLN A CG  1 
ATOM   285 C CD  . GLN A 1 35 ? -7.483  11.954  3.797   1.00 12.52 ? 34   GLN A CD  1 
ATOM   286 O OE1 . GLN A 1 35 ? -6.581  12.764  4.002   1.00 12.20 ? 34   GLN A OE1 1 
ATOM   287 N NE2 . GLN A 1 35 ? -8.668  12.040  4.380   1.00 13.62 ? 34   GLN A NE2 1 
ATOM   288 N N   . VAL A 1 36 ? -5.684  6.848   4.574   1.00 8.53  ? 35   VAL A N   1 
ATOM   289 C CA  . VAL A 1 36 ? -4.836  5.669   4.555   1.00 7.21  ? 35   VAL A CA  1 
ATOM   290 C C   . VAL A 1 36 ? -5.122  4.875   3.290   1.00 6.81  ? 35   VAL A C   1 
ATOM   291 O O   . VAL A 1 36 ? -6.285  4.603   2.977   1.00 7.79  ? 35   VAL A O   1 
ATOM   292 C CB  . VAL A 1 36 ? -5.030  4.800   5.815   1.00 7.97  ? 35   VAL A CB  1 
ATOM   293 C CG1 . VAL A 1 36 ? -4.043  3.657   5.807   1.00 8.62  ? 35   VAL A CG1 1 
ATOM   294 C CG2 . VAL A 1 36 ? -4.896  5.642   7.096   1.00 9.69  ? 35   VAL A CG2 1 
ATOM   295 N N   . TYR A 1 37 ? -4.060  4.516   2.572   1.00 6.89  ? 36   TYR A N   1 
ATOM   296 C CA  . TYR A 1 37 ? -4.156  3.754   1.330   1.00 6.58  ? 36   TYR A CA  1 
ATOM   297 C C   . TYR A 1 37 ? -3.485  2.404   1.520   1.00 5.85  ? 36   TYR A C   1 
ATOM   298 O O   . TYR A 1 37 ? -2.429  2.316   2.162   1.00 6.65  ? 36   TYR A O   1 
ATOM   299 C CB  . TYR A 1 37 ? -3.465  4.488   0.178   1.00 8.04  ? 36   TYR A CB  1 
ATOM   300 C CG  . TYR A 1 37 ? -3.973  5.895   -0.096  1.00 9.08  ? 36   TYR A CG  1 
ATOM   301 C CD1 . TYR A 1 37 ? -4.853  6.154   -1.150  1.00 10.56 ? 36   TYR A CD1 1 
ATOM   302 C CD2 . TYR A 1 37 ? -3.562  6.977   0.688   1.00 9.05  ? 36   TYR A CD2 1 
ATOM   303 C CE1 . TYR A 1 37 ? -5.316  7.455   -1.403  1.00 11.76 ? 36   TYR A CE1 1 
ATOM   304 C CE2 . TYR A 1 37 ? -4.039  8.275   0.436   1.00 10.98 ? 36   TYR A CE2 1 
ATOM   305 C CZ  . TYR A 1 37 ? -4.898  8.497   -0.612  1.00 10.81 ? 36   TYR A CZ  1 
ATOM   306 O OH  . TYR A 1 37 ? -5.375  9.763   -0.880  1.00 12.70 ? 36   TYR A OH  1 
ATOM   307 N N   . ASN A 1 38 ? -4.101  1.352   0.983   1.00 6.07  ? 37   ASN A N   1 
ATOM   308 C CA  . ASN A 1 38 ? -3.581  -0.013  1.066   1.00 6.01  ? 37   ASN A CA  1 
ATOM   309 C C   . ASN A 1 38 ? -3.733  -0.619  -0.312  1.00 5.79  ? 37   ASN A C   1 
ATOM   310 O O   . ASN A 1 38 ? -4.855  -0.691  -0.832  1.00 7.07  ? 37   ASN A O   1 
ATOM   311 C CB  . ASN A 1 38 ? -4.396  -0.837  2.079   1.00 7.31  ? 37   ASN A CB  1 
ATOM   312 C CG  . ASN A 1 38 ? -4.374  -0.268  3.494   1.00 7.42  ? 37   ASN A CG  1 
ATOM   313 O OD1 . ASN A 1 38 ? -3.623  -0.734  4.374   1.00 11.07 ? 37   ASN A OD1 1 
ATOM   314 N ND2 . ASN A 1 38 ? -5.172  0.727   3.730   1.00 6.12  ? 37   ASN A ND2 1 
ATOM   315 N N   . LYS A 1 39 ? -2.621  -1.051  -0.916  1.00 5.82  ? 38   LYS A N   1 
ATOM   316 C CA  . LYS A 1 39 ? -2.638  -1.477  -2.320  1.00 6.85  ? 38   LYS A CA  1 
ATOM   317 C C   . LYS A 1 39 ? -1.697  -2.642  -2.577  1.00 6.33  ? 38   LYS A C   1 
ATOM   318 O O   . LYS A 1 39 ? -0.611  -2.711  -1.999  1.00 7.36  ? 38   LYS A O   1 
ATOM   319 C CB  . LYS A 1 39 ? -2.153  -0.345  -3.247  1.00 8.36  ? 38   LYS A CB  1 
ATOM   320 C CG  . LYS A 1 39 ? -2.806  1.005   -3.105  1.00 8.85  ? 38   LYS A CG  1 
ATOM   321 C CD  . LYS A 1 39 ? -4.177  1.017   -3.723  1.00 10.33 ? 38   LYS A CD  1 
ATOM   322 C CE  . LYS A 1 39 ? -4.807  2.402   -3.577  1.00 11.52 ? 38   LYS A CE  1 
ATOM   323 N NZ  . LYS A 1 39 ? -6.161  2.473   -4.166  1.00 12.55 ? 38   LYS A NZ  1 
ATOM   324 N N   . CYS A 1 40 ? -2.031  -3.496  -3.544  1.00 6.61  ? 39   CYS A N   1 
ATOM   325 C CA  . CYS A 1 40 ? -1.038  -4.277  -4.284  1.00 6.28  ? 39   CYS A CA  1 
ATOM   326 C C   . CYS A 1 40 ? -0.150  -3.310  -5.071  1.00 6.34  ? 39   CYS A C   1 
ATOM   327 O O   . CYS A 1 40 ? -0.670  -2.384  -5.710  1.00 6.36  ? 39   CYS A O   1 
ATOM   328 C CB  . CYS A 1 40 ? -1.730  -5.216  -5.278  1.00 7.23  ? 39   CYS A CB  1 
ATOM   329 S SG  . CYS A 1 40 ? -2.828  -6.477  -4.552  1.00 9.22  ? 39   CYS A SG  1 
ATOM   330 N N   . TRP A 1 41 ? 1.165   -3.521  -5.048  1.00 5.53  ? 40   TRP A N   1 
ATOM   331 C CA  . TRP A 1 41 ? 2.081   -2.504  -5.592  1.00 5.79  ? 40   TRP A CA  1 
ATOM   332 C C   . TRP A 1 41 ? 3.336   -3.172  -6.103  1.00 5.74  ? 40   TRP A C   1 
ATOM   333 O O   . TRP A 1 41 ? 3.461   -4.394  -6.093  1.00 6.43  ? 40   TRP A O   1 
ATOM   334 C CB  . TRP A 1 41 ? 2.402   -1.475  -4.486  1.00 6.69  ? 40   TRP A CB  1 
ATOM   335 C CG  . TRP A 1 41 ? 2.691   -0.052  -4.896  1.00 6.26  ? 40   TRP A CG  1 
ATOM   336 C CD1 . TRP A 1 41 ? 3.887   0.585   -4.824  1.00 6.88  ? 40   TRP A CD1 1 
ATOM   337 C CD2 . TRP A 1 41 ? 1.736   0.923   -5.347  1.00 6.22  ? 40   TRP A CD2 1 
ATOM   338 N NE1 . TRP A 1 41 ? 3.746   1.902   -5.217  1.00 7.73  ? 40   TRP A NE1 1 
ATOM   339 C CE2 . TRP A 1 41 ? 2.435   2.132   -5.536  1.00 6.91  ? 40   TRP A CE2 1 
ATOM   340 C CE3 . TRP A 1 41 ? 0.362   0.888   -5.592  1.00 6.96  ? 40   TRP A CE3 1 
ATOM   341 C CZ2 . TRP A 1 41 ? 1.794   3.305   -5.946  1.00 7.89  ? 40   TRP A CZ2 1 
ATOM   342 C CZ3 . TRP A 1 41 ? -0.271  2.053   -6.019  1.00 8.02  ? 40   TRP A CZ3 1 
ATOM   343 C CH2 . TRP A 1 41 ? 0.446   3.244   -6.195  1.00 8.45  ? 40   TRP A CH2 1 
ATOM   344 N N   . LYS A 1 42 ? 4.270   -2.355  -6.574  1.00 7.21  ? 41   LYS A N   1 
ATOM   345 C CA  . LYS A 1 42 ? 5.581   -2.850  -6.989  1.00 7.37  ? 41   LYS A CA  1 
ATOM   346 C C   . LYS A 1 42 ? 6.660   -2.169  -6.179  1.00 7.28  ? 41   LYS A C   1 
ATOM   347 O O   . LYS A 1 42 ? 6.627   -0.946  -6.005  1.00 7.07  ? 41   LYS A O   1 
ATOM   348 C CB  . LYS A 1 42 ? 5.819   -2.580  -8.473  1.00 8.73  ? 41   LYS A CB  1 
ATOM   349 C CG  . LYS A 1 42 ? 4.821   -3.286  -9.368  1.00 11.64 ? 41   LYS A CG  1 
ATOM   350 C CD  . LYS A 1 42 ? 5.175   -3.143  -10.837 1.00 15.83 ? 41   LYS A CD  1 
ATOM   351 C CE  . LYS A 1 42 ? 6.367   -4.018  -11.215 1.00 18.14 ? 41   LYS A CE  1 
ATOM   352 N NZ  . LYS A 1 42 ? 6.627   -3.965  -12.680 1.00 20.65 ? 41   LYS A NZ  1 
ATOM   353 N N   . PHE A 1 43 ? 7.656   -2.944  -5.738  1.00 7.57  ? 42   PHE A N   1 
ATOM   354 C CA  . PHE A 1 43 ? 8.799   -2.361  -5.025  1.00 7.52  ? 42   PHE A CA  1 
ATOM   355 C C   . PHE A 1 43 ? 9.503   -1.274  -5.836  1.00 7.25  ? 42   PHE A C   1 
ATOM   356 O O   . PHE A 1 43 ? 9.975   -0.300  -5.254  1.00 7.54  ? 42   PHE A O   1 
ATOM   357 C CB  . PHE A 1 43 ? 9.804   -3.417  -4.572  1.00 7.98  ? 42   PHE A CB  1 
ATOM   358 C CG  . PHE A 1 43 ? 9.425   -4.119  -3.289  1.00 7.74  ? 42   PHE A CG  1 
ATOM   359 C CD1 . PHE A 1 43 ? 9.510   -3.470  -2.063  1.00 9.41  ? 42   PHE A CD1 1 
ATOM   360 C CD2 . PHE A 1 43 ? 9.027   -5.439  -3.307  1.00 8.92  ? 42   PHE A CD2 1 
ATOM   361 C CE1 . PHE A 1 43 ? 9.202   -4.139  -0.876  1.00 10.35 ? 42   PHE A CE1 1 
ATOM   362 C CE2 . PHE A 1 43 ? 8.713   -6.097  -2.131  1.00 9.56  ? 42   PHE A CE2 1 
ATOM   363 C CZ  . PHE A 1 43 ? 8.806   -5.437  -0.927  1.00 9.55  ? 42   PHE A CZ  1 
ATOM   364 N N   . GLU A 1 44 ? 9.534   -1.391  -7.163  1.00 7.85  ? 43   GLU A N   1 
ATOM   365 C CA  . GLU A 1 44 ? 10.180  -0.355  -7.975  1.00 9.33  ? 43   GLU A CA  1 
ATOM   366 C C   . GLU A 1 44 ? 9.469   1.005   -7.844  1.00 7.85  ? 43   GLU A C   1 
ATOM   367 O O   . GLU A 1 44 ? 10.055  2.041   -8.169  1.00 9.10  ? 43   GLU A O   1 
ATOM   368 C CB  . GLU A 1 44 ? 10.280  -0.790  -9.444  1.00 10.79 ? 43   GLU A CB  1 
ATOM   369 C CG  . GLU A 1 44 ? 8.980   -0.884  -10.180 1.00 14.16 ? 43   GLU A CG  1 
ATOM   370 C CD  . GLU A 1 44 ? 9.139   -1.307  -11.635 1.00 15.88 ? 43   GLU A CD  1 
ATOM   371 O OE1 . GLU A 1 44 ? 10.297  -1.419  -12.102 1.00 19.92 ? 43   GLU A OE1 1 
ATOM   372 O OE2 . GLU A 1 44 ? 8.104   -1.535  -12.288 1.00 20.11 ? 43   GLU A OE2 1 
ATOM   373 N N   . HIS A 1 45 ? 8.224   1.007   -7.359  1.00 7.49  ? 44   HIS A N   1 
ATOM   374 C CA  . HIS A 1 45 ? 7.483   2.240   -7.135  1.00 7.29  ? 44   HIS A CA  1 
ATOM   375 C C   . HIS A 1 45 ? 7.224   2.499   -5.658  1.00 7.05  ? 44   HIS A C   1 
ATOM   376 O O   . HIS A 1 45 ? 6.391   3.340   -5.314  1.00 7.54  ? 44   HIS A O   1 
ATOM   377 C CB  . HIS A 1 45 ? 6.176   2.244   -7.928  1.00 7.86  ? 44   HIS A CB  1 
ATOM   378 C CG  . HIS A 1 45 ? 6.396   2.068   -9.395  1.00 8.24  ? 44   HIS A CG  1 
ATOM   379 N ND1 . HIS A 1 45 ? 5.660   1.188   -10.156 1.00 8.78  ? 44   HIS A ND1 1 
ATOM   380 C CD2 . HIS A 1 45 ? 7.322   2.605   -10.225 1.00 9.32  ? 44   HIS A CD2 1 
ATOM   381 C CE1 . HIS A 1 45 ? 6.104   1.213   -11.400 1.00 9.41  ? 44   HIS A CE1 1 
ATOM   382 N NE2 . HIS A 1 45 ? 7.109   2.066   -11.470 1.00 9.64  ? 44   HIS A NE2 1 
ATOM   383 N N   . CYS A 1 46 ? 7.926   1.787   -4.779  1.00 7.54  ? 45   CYS A N   1 
ATOM   384 C CA  . CYS A 1 46 ? 7.830   2.043   -3.357  1.00 8.48  ? 45   CYS A CA  1 
ATOM   385 C C   . CYS A 1 46 ? 8.878   3.063   -2.940  1.00 8.81  ? 45   CYS A C   1 
ATOM   386 O O   . CYS A 1 46 ? 9.873   2.743   -2.304  1.00 9.52  ? 45   CYS A O   1 
ATOM   387 C CB  A CYS A 1 46 ? 8.047   0.741   -2.569  0.65 8.72  ? 45   CYS A CB  1 
ATOM   388 C CB  B CYS A 1 46 ? 7.918   0.766   -2.547  0.35 9.82  ? 45   CYS A CB  1 
ATOM   389 S SG  A CYS A 1 46 ? 6.662   -0.415  -2.652  0.65 7.29  ? 45   CYS A SG  1 
ATOM   390 S SG  B CYS A 1 46 ? 7.111   1.091   -1.018  0.35 11.44 ? 45   CYS A SG  1 
ATOM   391 N N   . ASN A 1 47 ? 8.635   4.313   -3.314  1.00 8.33  ? 46   ASN A N   1 
ATOM   392 C CA  . ASN A 1 47 ? 9.545   5.427   -3.016  1.00 9.05  ? 46   ASN A CA  1 
ATOM   393 C C   . ASN A 1 47 ? 8.650   6.669   -2.986  1.00 8.56  ? 46   ASN A C   1 
ATOM   394 O O   . ASN A 1 47 ? 7.558   6.669   -3.560  1.00 8.39  ? 46   ASN A O   1 
ATOM   395 C CB  . ASN A 1 47 ? 10.753  5.533   -4.025  1.00 11.91 ? 46   ASN A CB  1 
ATOM   396 C CG  . ASN A 1 47 ? 10.263  5.718   -5.447  1.00 10.06 ? 46   ASN A CG  1 
ATOM   397 O OD1 . ASN A 1 47 ? 9.802   6.802   -5.818  1.00 10.36 ? 46   ASN A OD1 1 
ATOM   398 N ND2 . ASN A 1 47 ? 10.266  4.633   -6.220  1.00 10.57 ? 46   ASN A ND2 1 
ATOM   399 N N   . PHE A 1 48 ? 9.102   7.720   -2.314  1.00 8.91  ? 47   PHE A N   1 
ATOM   400 C CA  . PHE A 1 48 ? 8.269   8.878   -2.061  1.00 8.98  ? 47   PHE A CA  1 
ATOM   401 C C   . PHE A 1 48 ? 7.740   9.491   -3.346  1.00 8.33  ? 47   PHE A C   1 
ATOM   402 O O   . PHE A 1 48 ? 6.537   9.753   -3.463  1.00 8.63  ? 47   PHE A O   1 
ATOM   403 C CB  . PHE A 1 48 ? 9.049   9.926   -1.244  1.00 9.41  ? 47   PHE A CB  1 
ATOM   404 C CG  . PHE A 1 48 ? 8.219   11.107  -0.836  1.00 8.80  ? 47   PHE A CG  1 
ATOM   405 C CD1 . PHE A 1 48 ? 7.548   11.113  0.381   1.00 10.21 ? 47   PHE A CD1 1 
ATOM   406 C CD2 . PHE A 1 48 ? 8.102   12.216  -1.664  1.00 9.22  ? 47   PHE A CD2 1 
ATOM   407 C CE1 . PHE A 1 48 ? 6.806   12.207  0.769   1.00 10.57 ? 47   PHE A CE1 1 
ATOM   408 C CE2 . PHE A 1 48 ? 7.329   13.313  -1.281  1.00 9.97  ? 47   PHE A CE2 1 
ATOM   409 C CZ  . PHE A 1 48 ? 6.677   13.289  -0.055  1.00 10.82 ? 47   PHE A CZ  1 
ATOM   410 N N   . ASN A 1 49 ? 8.619   9.741   -4.306  1.00 8.86  ? 48   ASN A N   1 
ATOM   411 C CA  . ASN A 1 49 ? 8.181   10.363  -5.538  1.00 8.39  ? 48   ASN A CA  1 
ATOM   412 C C   . ASN A 1 49 ? 7.120   9.555   -6.277  1.00 7.99  ? 48   ASN A C   1 
ATOM   413 O O   . ASN A 1 49 ? 6.108   10.104  -6.733  1.00 8.59  ? 48   ASN A O   1 
ATOM   414 C CB  . ASN A 1 49 ? 9.382   10.651  -6.441  1.00 10.76 ? 48   ASN A CB  1 
ATOM   415 C CG  . ASN A 1 49 ? 9.006   11.453  -7.658  1.00 12.23 ? 48   ASN A CG  1 
ATOM   416 O OD1 . ASN A 1 49 ? 8.505   12.567  -7.550  1.00 13.83 ? 48   ASN A OD1 1 
ATOM   417 N ND2 . ASN A 1 49 ? 9.220   10.874  -8.829  1.00 15.77 ? 48   ASN A ND2 1 
ATOM   418 N N   . ASP A 1 50 ? 7.350   8.261   -6.421  1.00 8.11  ? 49   ASP A N   1 
ATOM   419 C CA  . ASP A 1 50 ? 6.417   7.438   -7.171  1.00 7.67  ? 49   ASP A CA  1 
ATOM   420 C C   . ASP A 1 50 ? 5.068   7.268   -6.467  1.00 7.27  ? 49   ASP A C   1 
ATOM   421 O O   . ASP A 1 50 ? 4.026   7.220   -7.120  1.00 8.55  ? 49   ASP A O   1 
ATOM   422 C CB  . ASP A 1 50 ? 7.045   6.080   -7.503  1.00 9.86  ? 49   ASP A CB  1 
ATOM   423 C CG  . ASP A 1 50 ? 8.161   6.176   -8.547  1.00 11.86 ? 49   ASP A CG  1 
ATOM   424 O OD1 . ASP A 1 50 ? 8.307   7.237   -9.206  1.00 14.89 ? 49   ASP A OD1 1 
ATOM   425 O OD2 . ASP A 1 50 ? 8.896   5.179   -8.708  1.00 12.37 ? 49   ASP A OD2 1 
ATOM   426 N N   . VAL A 1 51 ? 5.079   7.215   -5.136  1.00 6.55  ? 50   VAL A N   1 
ATOM   427 C CA  . VAL A 1 51 ? 3.822   7.095   -4.389  1.00 7.31  ? 50   VAL A CA  1 
ATOM   428 C C   . VAL A 1 51 ? 3.045   8.423   -4.468  1.00 7.31  ? 50   VAL A C   1 
ATOM   429 O O   . VAL A 1 51 ? 1.843   8.419   -4.719  1.00 8.14  ? 50   VAL A O   1 
ATOM   430 C CB  . VAL A 1 51 ? 4.056   6.612   -2.935  1.00 7.44  ? 50   VAL A CB  1 
ATOM   431 C CG1 . VAL A 1 51 ? 2.767   6.663   -2.131  1.00 8.78  ? 50   VAL A CG1 1 
ATOM   432 C CG2 . VAL A 1 51 ? 4.628   5.196   -2.918  1.00 8.29  ? 50   VAL A CG2 1 
ATOM   433 N N   . THR A 1 52 ? 3.713   9.558   -4.273  1.00 8.14  ? 51   THR A N   1 
ATOM   434 C CA  . THR A 1 52 ? 3.007   10.842  -4.343  1.00 8.96  ? 51   THR A CA  1 
ATOM   435 C C   . THR A 1 52 ? 2.379   11.099  -5.718  1.00 8.98  ? 51   THR A C   1 
ATOM   436 O O   . THR A 1 52 ? 1.263   11.608  -5.794  1.00 9.08  ? 51   THR A O   1 
ATOM   437 C CB  . THR A 1 52 ? 3.874   12.045  -3.948  1.00 10.56 ? 51   THR A CB  1 
ATOM   438 O OG1 . THR A 1 52 ? 5.034   12.086  -4.771  1.00 13.00 ? 51   THR A OG1 1 
ATOM   439 C CG2 . THR A 1 52 ? 4.269   12.001  -2.458  1.00 12.43 ? 51   THR A CG2 1 
ATOM   440 N N   A THR A 1 53 ? 3.067   10.737  -6.802  0.50 8.88  ? 52   THR A N   1 
ATOM   441 N N   B THR A 1 53 ? 3.096   10.747  -6.774  0.50 8.79  ? 52   THR A N   1 
ATOM   442 C CA  A THR A 1 53 ? 2.518   11.003  -8.149  0.50 9.62  ? 52   THR A CA  1 
ATOM   443 C CA  B THR A 1 53 ? 2.595   10.970  -8.120  0.50 9.58  ? 52   THR A CA  1 
ATOM   444 C C   A THR A 1 53 ? 1.386   10.057  -8.533  0.50 8.70  ? 52   THR A C   1 
ATOM   445 C C   B THR A 1 53 ? 1.332   10.124  -8.353  0.50 8.51  ? 52   THR A C   1 
ATOM   446 O O   A THR A 1 53 ? 0.509   10.400  -9.336  0.50 9.15  ? 52   THR A O   1 
ATOM   447 O O   B THR A 1 53 ? 0.295   10.625  -8.813  0.50 9.10  ? 52   THR A O   1 
ATOM   448 C CB  A THR A 1 53 ? 3.580   10.966  -9.273  0.50 10.43 ? 52   THR A CB  1 
ATOM   449 C CB  B THR A 1 53 ? 3.685   10.660  -9.167  0.50 10.29 ? 52   THR A CB  1 
ATOM   450 O OG1 A THR A 1 53 ? 4.036   9.621   -9.495  0.50 10.75 ? 52   THR A OG1 1 
ATOM   451 O OG1 B THR A 1 53 ? 4.828   11.496  -8.930  0.50 11.86 ? 52   THR A OG1 1 
ATOM   452 C CG2 A THR A 1 53 ? 4.746   11.890  -8.947  0.50 11.05 ? 52   THR A CG2 1 
ATOM   453 C CG2 B THR A 1 53 ? 3.178   10.940  -10.547 0.50 11.28 ? 52   THR A CG2 1 
ATOM   454 N N   . ARG A 1 54 ? 1.426   8.848   -7.990  1.00 7.69  ? 53   ARG A N   1 
ATOM   455 C CA  . ARG A 1 54 ? 0.376   7.872   -8.270  1.00 7.88  ? 53   ARG A CA  1 
ATOM   456 C C   . ARG A 1 54 ? -0.878  8.084   -7.446  1.00 8.46  ? 53   ARG A C   1 
ATOM   457 O O   . ARG A 1 54 ? -1.991  7.967   -7.962  1.00 10.36 ? 53   ARG A O   1 
ATOM   458 C CB  . ARG A 1 54 ? 0.932   6.451   -8.135  1.00 8.08  ? 53   ARG A CB  1 
ATOM   459 C CG  A ARG A 1 54 ? 1.967   6.077   -9.130  0.50 7.12  ? 53   ARG A CG  1 
ATOM   460 C CG  B ARG A 1 54 ? 1.796   6.141   -9.382  0.50 8.96  ? 53   ARG A CG  1 
ATOM   461 C CD  A ARG A 1 54 ? 2.639   4.735   -8.797  0.50 6.68  ? 53   ARG A CD  1 
ATOM   462 C CD  B ARG A 1 54 ? 2.907   5.075   -9.275  0.50 9.09  ? 53   ARG A CD  1 
ATOM   463 N NE  A ARG A 1 54 ? 3.325   4.264   -9.991  0.50 6.51  ? 53   ARG A NE  1 
ATOM   464 N NE  B ARG A 1 54 ? 3.963   5.384   -10.257 0.50 9.88  ? 53   ARG A NE  1 
ATOM   465 C CZ  A ARG A 1 54 ? 4.356   4.902   -10.537 0.50 6.08  ? 53   ARG A CZ  1 
ATOM   466 C CZ  B ARG A 1 54 ? 4.375   4.608   -11.259 0.50 10.05 ? 53   ARG A CZ  1 
ATOM   467 N NH1 A ARG A 1 54 ? 4.893   4.437   -11.655 0.50 7.77  ? 53   ARG A NH1 1 
ATOM   468 N NH1 B ARG A 1 54 ? 5.311   5.066   -12.076 0.50 10.93 ? 53   ARG A NH1 1 
ATOM   469 N NH2 A ARG A 1 54 ? 4.849   6.006   -9.969  0.50 7.26  ? 53   ARG A NH2 1 
ATOM   470 N NH2 B ARG A 1 54 ? 3.888   3.387   -11.452 0.50 9.02  ? 53   ARG A NH2 1 
ATOM   471 N N   . LEU A 1 55 ? -0.712  8.405   -6.164  1.00 9.19  ? 54   LEU A N   1 
ATOM   472 C CA  . LEU A 1 55 ? -1.850  8.627   -5.278  1.00 11.00 ? 54   LEU A CA  1 
ATOM   473 C C   . LEU A 1 55 ? -2.298  10.088  -5.248  1.00 11.66 ? 54   LEU A C   1 
ATOM   474 O O   . LEU A 1 55 ? -3.335  10.398  -4.652  1.00 13.71 ? 54   LEU A O   1 
ATOM   475 C CB  . LEU A 1 55 ? -1.533  8.140   -3.863  1.00 12.16 ? 54   LEU A CB  1 
ATOM   476 C CG  . LEU A 1 55 ? -1.130  6.677   -3.727  1.00 12.76 ? 54   LEU A CG  1 
ATOM   477 C CD1 . LEU A 1 55 ? -0.863  6.295   -2.279  1.00 13.89 ? 54   LEU A CD1 1 
ATOM   478 C CD2 . LEU A 1 55 ? -2.155  5.757   -4.368  1.00 14.47 ? 54   LEU A CD2 1 
ATOM   479 N N   . ARG A 1 56 ? -1.530  10.970  -5.882  1.00 11.29 ? 55   ARG A N   1 
ATOM   480 C CA  . ARG A 1 56 ? -1.831  12.406  -5.961  1.00 13.01 ? 55   ARG A CA  1 
ATOM   481 C C   . ARG A 1 56 ? -2.011  13.033  -4.561  1.00 12.61 ? 55   ARG A C   1 
ATOM   482 O O   . ARG A 1 56 ? -2.970  13.774  -4.286  1.00 14.32 ? 55   ARG A O   1 
ATOM   483 C CB  . ARG A 1 56 ? -2.997  12.683  -6.920  1.00 13.98 ? 55   ARG A CB  1 
ATOM   484 C CG  . ARG A 1 56 ? -2.722  12.184  -8.361  1.00 15.01 ? 55   ARG A CG  1 
ATOM   485 C CD  . ARG A 1 56 ? -3.889  12.489  -9.310  1.00 16.35 ? 55   ARG A CD  1 
ATOM   486 N NE  . ARG A 1 56 ? -5.115  11.832  -8.872  1.00 19.52 ? 55   ARG A NE  1 
ATOM   487 C CZ  . ARG A 1 56 ? -5.491  10.608  -9.227  1.00 20.31 ? 55   ARG A CZ  1 
ATOM   488 N NH1 . ARG A 1 56 ? -4.745  9.888   -10.059 1.00 21.04 ? 55   ARG A NH1 1 
ATOM   489 N NH2 . ARG A 1 56 ? -6.629  10.108  -8.760  1.00 21.63 ? 55   ARG A NH2 1 
ATOM   490 N N   . GLU A 1 57 ? -1.054  12.721  -3.690  1.00 11.74 ? 56   GLU A N   1 
ATOM   491 C CA  . GLU A 1 57 ? -0.931  13.276  -2.341  1.00 12.69 ? 56   GLU A CA  1 
ATOM   492 C C   . GLU A 1 57 ? 0.441   13.919  -2.217  1.00 13.65 ? 56   GLU A C   1 
ATOM   493 O O   . GLU A 1 57 ? 1.430   13.298  -2.610  1.00 15.78 ? 56   GLU A O   1 
ATOM   494 C CB  . GLU A 1 57 ? -1.031  12.149  -1.308  1.00 12.05 ? 56   GLU A CB  1 
ATOM   495 C CG  . GLU A 1 57 ? -2.414  11.568  -1.142  1.00 12.58 ? 56   GLU A CG  1 
ATOM   496 C CD  . GLU A 1 57 ? -3.287  12.376  -0.179  1.00 12.76 ? 56   GLU A CD  1 
ATOM   497 O OE1 . GLU A 1 57 ? -2.938  13.533  0.133   1.00 13.70 ? 56   GLU A OE1 1 
ATOM   498 O OE2 . GLU A 1 57 ? -4.320  11.841  0.282   1.00 14.57 ? 56   GLU A OE2 1 
ATOM   499 N N   . ASN A 1 58 ? 0.505   15.130  -1.647  1.00 14.43 ? 57   ASN A N   1 
ATOM   500 C CA  . ASN A 1 58 ? 1.739   15.911  -1.477  1.00 15.89 ? 57   ASN A CA  1 
ATOM   501 C C   . ASN A 1 58 ? 2.636   15.405  -0.369  1.00 14.45 ? 57   ASN A C   1 
ATOM   502 O O   . ASN A 1 58 ? 3.868   15.428  -0.498  1.00 15.14 ? 57   ASN A O   1 
ATOM   503 C CB  . ASN A 1 58 ? 1.395   17.357  -1.091  1.00 17.93 ? 57   ASN A CB  1 
ATOM   504 C CG  . ASN A 1 58 ? 0.808   18.165  -2.229  1.00 19.18 ? 57   ASN A CG  1 
ATOM   505 O OD1 . ASN A 1 58 ? 1.028   17.880  -3.415  1.00 20.58 ? 57   ASN A OD1 1 
ATOM   506 N ND2 . ASN A 1 58 ? 0.067   19.210  -1.866  1.00 19.57 ? 57   ASN A ND2 1 
ATOM   507 N N   . GLU A 1 59 ? 2.015   15.047  0.751   1.00 13.09 ? 58   GLU A N   1 
ATOM   508 C CA  . GLU A 1 59 ? 2.731   14.727  1.979   1.00 14.15 ? 58   GLU A CA  1 
ATOM   509 C C   . GLU A 1 59 ? 2.247   13.390  2.488   1.00 11.94 ? 58   GLU A C   1 
ATOM   510 O O   . GLU A 1 59 ? 1.037   13.175  2.633   1.00 12.27 ? 58   GLU A O   1 
ATOM   511 C CB  . GLU A 1 59 ? 2.485   15.790  3.066   1.00 15.76 ? 58   GLU A CB  1 
ATOM   512 C CG  . GLU A 1 59 ? 3.284   15.512  4.346   1.00 19.43 ? 58   GLU A CG  1 
ATOM   513 C CD  . GLU A 1 59 ? 3.092   16.544  5.443   1.00 20.48 ? 58   GLU A CD  1 
ATOM   514 O OE1 . GLU A 1 59 ? 1.936   16.771  5.869   1.00 23.79 ? 58   GLU A OE1 1 
ATOM   515 O OE2 . GLU A 1 59 ? 4.097   17.125  5.899   1.00 23.05 ? 58   GLU A OE2 1 
ATOM   516 N N   . LEU A 1 60 ? 3.187   12.497  2.769   1.00 9.70  ? 59   LEU A N   1 
ATOM   517 C CA  . LEU A 1 60 ? 2.817   11.154  3.176   1.00 9.06  ? 59   LEU A CA  1 
ATOM   518 C C   . LEU A 1 60 ? 4.005   10.416  3.743   1.00 8.26  ? 59   LEU A C   1 
ATOM   519 O O   . LEU A 1 60 ? 5.151   10.853  3.585   1.00 9.29  ? 59   LEU A O   1 
ATOM   520 C CB  . LEU A 1 60 ? 2.242   10.389  1.972   1.00 9.91  ? 59   LEU A CB  1 
ATOM   521 C CG  . LEU A 1 60 ? 3.135   10.228  0.736   1.00 10.91 ? 59   LEU A CG  1 
ATOM   522 C CD1 . LEU A 1 60 ? 4.114   9.086   0.880   1.00 10.81 ? 59   LEU A CD1 1 
ATOM   523 C CD2 . LEU A 1 60 ? 2.278   10.035  -0.505  1.00 12.94 ? 59   LEU A CD2 1 
ATOM   524 N N   . THR A 1 61 ? 3.735   9.295   4.409   1.00 7.59  ? 60   THR A N   1 
ATOM   525 C CA  . THR A 1 61 ? 4.741   8.285   4.710   1.00 8.32  ? 60   THR A CA  1 
ATOM   526 C C   . THR A 1 61 ? 4.242   6.968   4.123   1.00 7.26  ? 60   THR A C   1 
ATOM   527 O O   . THR A 1 61 ? 3.039   6.802   3.898   1.00 7.64  ? 60   THR A O   1 
ATOM   528 C CB  . THR A 1 61 ? 5.020   8.149   6.229   1.00 9.93  ? 60   THR A CB  1 
ATOM   529 O OG1 . THR A 1 61 ? 3.810   7.857   6.946   1.00 11.38 ? 60   THR A OG1 1 
ATOM   530 C CG2 . THR A 1 61 ? 5.664   9.423   6.777   1.00 12.00 ? 60   THR A CG2 1 
ATOM   531 N N   . TYR A 1 62 ? 5.169   6.050   3.863   1.00 6.94  ? 61   TYR A N   1 
ATOM   532 C CA  . TYR A 1 62 ? 4.790   4.790   3.205   1.00 7.50  ? 61   TYR A CA  1 
ATOM   533 C C   . TYR A 1 62 ? 5.667   3.643   3.705   1.00 6.88  ? 61   TYR A C   1 
ATOM   534 O O   . TYR A 1 62 ? 6.764   3.853   4.235   1.00 7.66  ? 61   TYR A O   1 
ATOM   535 C CB  . TYR A 1 62 ? 4.875   4.900   1.662   1.00 8.32  ? 61   TYR A CB  1 
ATOM   536 C CG  . TYR A 1 62 ? 6.325   4.967   1.226   1.00 9.17  ? 61   TYR A CG  1 
ATOM   537 C CD1 . TYR A 1 62 ? 7.030   3.807   0.899   1.00 10.41 ? 61   TYR A CD1 1 
ATOM   538 C CD2 . TYR A 1 62 ? 7.014   6.169   1.226   1.00 9.91  ? 61   TYR A CD2 1 
ATOM   539 C CE1 . TYR A 1 62 ? 8.381   3.845   0.578   1.00 11.63 ? 61   TYR A CE1 1 
ATOM   540 C CE2 . TYR A 1 62 ? 8.364   6.210   0.909   1.00 11.00 ? 61   TYR A CE2 1 
ATOM   541 C CZ  . TYR A 1 62 ? 9.037   5.046   0.589   1.00 10.75 ? 61   TYR A CZ  1 
ATOM   542 O OH  . TYR A 1 62 ? 10.379  5.084   0.271   1.00 13.31 ? 61   TYR A OH  1 
ATOM   543 N N   . TYR A 1 63 ? 5.150   2.426   3.526   1.00 7.00  ? 62   TYR A N   1 
ATOM   544 C CA  . TYR A 1 63 ? 5.834   1.188   3.860   1.00 7.61  ? 62   TYR A CA  1 
ATOM   545 C C   . TYR A 1 63 ? 5.432   0.117   2.852   1.00 6.75  ? 62   TYR A C   1 
ATOM   546 O O   . TYR A 1 63 ? 4.243   -0.027  2.535   1.00 6.73  ? 62   TYR A O   1 
ATOM   547 C CB  . TYR A 1 63 ? 5.457   0.762   5.281   1.00 9.02  ? 62   TYR A CB  1 
ATOM   548 C CG  . TYR A 1 63 ? 6.031   -0.561  5.739   1.00 10.19 ? 62   TYR A CG  1 
ATOM   549 C CD1 . TYR A 1 63 ? 7.349   -0.669  6.165   1.00 12.29 ? 62   TYR A CD1 1 
ATOM   550 C CD2 . TYR A 1 63 ? 5.241   -1.713  5.739   1.00 10.14 ? 62   TYR A CD2 1 
ATOM   551 C CE1 . TYR A 1 63 ? 7.850   -1.894  6.583   1.00 14.20 ? 62   TYR A CE1 1 
ATOM   552 C CE2 . TYR A 1 63 ? 5.741   -2.923  6.154   1.00 12.39 ? 62   TYR A CE2 1 
ATOM   553 C CZ  . TYR A 1 63 ? 7.035   -3.007  6.577   1.00 12.31 ? 62   TYR A CZ  1 
ATOM   554 O OH  . TYR A 1 63 ? 7.529   -4.226  6.986   1.00 14.67 ? 62   TYR A OH  1 
ATOM   555 N N   . CYS A 1 64 ? 6.424   -0.633  2.370   1.00 7.32  ? 63   CYS A N   1 
ATOM   556 C CA  . CYS A 1 64 ? 6.169   -1.788  1.530   1.00 7.59  ? 63   CYS A CA  1 
ATOM   557 C C   . CYS A 1 64 ? 6.778   -3.039  2.114   1.00 7.44  ? 63   CYS A C   1 
ATOM   558 O O   . CYS A 1 64 ? 7.823   -2.994  2.756   1.00 9.07  ? 63   CYS A O   1 
ATOM   559 C CB  . CYS A 1 64 ? 6.695   -1.596  0.119   1.00 7.84  ? 63   CYS A CB  1 
ATOM   560 S SG  . CYS A 1 64 ? 5.785   -0.353  -0.813  1.00 8.82  ? 63   CYS A SG  1 
ATOM   561 N N   . CYS A 1 65 ? 6.164   -4.169  1.810   1.00 7.40  ? 64   CYS A N   1 
ATOM   562 C CA  . CYS A 1 65 ? 6.555   -5.451  2.356   1.00 7.62  ? 64   CYS A CA  1 
ATOM   563 C C   . CYS A 1 65 ? 6.036   -6.575  1.464   1.00 7.67  ? 64   CYS A C   1 
ATOM   564 O O   . CYS A 1 65 ? 5.262   -6.330  0.548   1.00 8.54  ? 64   CYS A O   1 
ATOM   565 C CB  . CYS A 1 65 ? 6.013   -5.572  3.780   1.00 9.52  ? 64   CYS A CB  1 
ATOM   566 S SG  . CYS A 1 65 ? 4.235   -5.221  3.907   1.00 10.23 ? 64   CYS A SG  1 
ATOM   567 N N   . LYS A 1 66 ? 6.483   -7.803  1.703   1.00 8.32  ? 65   LYS A N   1 
ATOM   568 C CA  . LYS A 1 66 ? 6.103   -8.906  0.802   1.00 8.73  ? 65   LYS A CA  1 
ATOM   569 C C   . LYS A 1 66 ? 5.724   -10.187 1.553   1.00 8.82  ? 65   LYS A C   1 
ATOM   570 O O   . LYS A 1 66 ? 5.993   -11.300 1.100   1.00 11.44 ? 65   LYS A O   1 
ATOM   571 C CB  . LYS A 1 66 ? 7.179   -9.188  -0.238  1.00 10.85 ? 65   LYS A CB  1 
ATOM   572 C CG  . LYS A 1 66 ? 8.524   -9.408  0.381   1.00 13.93 ? 65   LYS A CG  1 
ATOM   573 C CD  . LYS A 1 66 ? 9.546   -9.734  -0.671  1.00 17.82 ? 65   LYS A CD  1 
ATOM   574 C CE  . LYS A 1 66 ? 8.989   -10.726 -1.648  1.00 20.97 ? 65   LYS A CE  1 
ATOM   575 N NZ  . LYS A 1 66 ? 9.706   -10.631 -2.939  1.00 23.22 ? 65   LYS A NZ  1 
ATOM   576 N N   . LYS A 1 67 ? 5.098   -10.012 2.714   1.00 9.71  ? 66   LYS A N   1 
ATOM   577 C CA  . LYS A 1 67 ? 4.483   -11.108 3.459   1.00 10.52 ? 66   LYS A CA  1 
ATOM   578 C C   . LYS A 1 67 ? 2.971   -10.899 3.514   1.00 9.63  ? 66   LYS A C   1 
ATOM   579 O O   . LYS A 1 67 ? 2.498   -9.769  3.445   1.00 9.61  ? 66   LYS A O   1 
ATOM   580 C CB  . LYS A 1 67 ? 5.086   -11.185 4.854   1.00 13.35 ? 66   LYS A CB  1 
ATOM   581 C CG  . LYS A 1 67 ? 6.531   -11.632 4.812   1.00 16.74 ? 66   LYS A CG  1 
ATOM   582 C CD  . LYS A 1 67 ? 6.634   -12.983 4.111   1.00 20.54 ? 66   LYS A CD  1 
ATOM   583 C CE  . LYS A 1 67 ? 8.059   -13.342 3.706   1.00 22.57 ? 66   LYS A CE  1 
ATOM   584 N NZ  . LYS A 1 67 ? 8.467   -12.787 2.379   1.00 23.98 ? 66   LYS A NZ  1 
ATOM   585 N N   . ASP A 1 68 ? 2.209   -11.980 3.623   1.00 10.61 ? 67   ASP A N   1 
ATOM   586 C CA  . ASP A 1 68 ? 0.764   -11.866 3.509   1.00 10.78 ? 67   ASP A CA  1 
ATOM   587 C C   . ASP A 1 68 ? 0.175   -10.880 4.516   1.00 9.24  ? 67   ASP A C   1 
ATOM   588 O O   . ASP A 1 68 ? 0.451   -10.949 5.731   1.00 9.63  ? 67   ASP A O   1 
ATOM   589 C CB  . ASP A 1 68 ? 0.088   -13.226 3.665   1.00 13.39 ? 67   ASP A CB  1 
ATOM   590 C CG  . ASP A 1 68 ? 0.065   -14.042 2.368   1.00 14.56 ? 67   ASP A CG  1 
ATOM   591 O OD1 . ASP A 1 68 ? 0.623   -13.626 1.325   1.00 14.95 ? 67   ASP A OD1 1 
ATOM   592 O OD2 . ASP A 1 68 ? -0.532  -15.140 2.400   1.00 16.47 ? 67   ASP A OD2 1 
ATOM   593 N N   . LEU A 1 69 ? -0.644  -9.977  3.992   1.00 9.09  ? 68   LEU A N   1 
ATOM   594 C CA  . LEU A 1 69 ? -1.381  -9.021  4.820   1.00 8.39  ? 68   LEU A CA  1 
ATOM   595 C C   . LEU A 1 69 ? -0.464  -8.150  5.686   1.00 8.18  ? 68   LEU A C   1 
ATOM   596 O O   . LEU A 1 69 ? -0.849  -7.688  6.768   1.00 8.24  ? 68   LEU A O   1 
ATOM   597 C CB  . LEU A 1 69 ? -2.458  -9.716  5.654   1.00 9.95  ? 68   LEU A CB  1 
ATOM   598 C CG  . LEU A 1 69 ? -3.442  -10.511 4.785   1.00 10.56 ? 68   LEU A CG  1 
ATOM   599 C CD1 . LEU A 1 69 ? -4.514  -11.139 5.661   1.00 12.80 ? 68   LEU A CD1 1 
ATOM   600 C CD2 . LEU A 1 69 ? -4.086  -9.640  3.693   1.00 11.56 ? 68   LEU A CD2 1 
ATOM   601 N N   . CYS A 1 70 ? 0.727   -7.856  5.167   1.00 7.27  ? 69   CYS A N   1 
ATOM   602 C CA  . CYS A 1 70 ? 1.724   -7.141  5.938   1.00 7.40  ? 69   CYS A CA  1 
ATOM   603 C C   . CYS A 1 70 ? 1.566   -5.632  5.892   1.00 6.18  ? 69   CYS A C   1 
ATOM   604 O O   . CYS A 1 70 ? 2.207   -4.926  6.676   1.00 6.84  ? 69   CYS A O   1 
ATOM   605 C CB  . CYS A 1 70 ? 3.122   -7.538  5.466   1.00 8.06  ? 69   CYS A CB  1 
ATOM   606 S SG  . CYS A 1 70 ? 3.458   -7.077  3.731   1.00 9.01  ? 69   CYS A SG  1 
ATOM   607 N N   . ASN A 1 71 ? 0.728   -5.129  4.985   1.00 6.00  ? 70   ASN A N   1 
ATOM   608 C CA  . ASN A 1 71 ? 0.532   -3.684  4.838   1.00 5.76  ? 70   ASN A CA  1 
ATOM   609 C C   . ASN A 1 71 ? -0.573  -3.157  5.754   1.00 5.40  ? 70   ASN A C   1 
ATOM   610 O O   . ASN A 1 71 ? -1.622  -2.689  5.295   1.00 6.32  ? 70   ASN A O   1 
ATOM   611 C CB  . ASN A 1 71 ? 0.288   -3.289  3.372   1.00 5.90  ? 70   ASN A CB  1 
ATOM   612 C CG  . ASN A 1 71 ? -0.941  -3.947  2.732   1.00 5.08  ? 70   ASN A CG  1 
ATOM   613 O OD1 . ASN A 1 71 ? -1.323  -5.086  3.043   1.00 5.76  ? 70   ASN A OD1 1 
ATOM   614 N ND2 . ASN A 1 71 ? -1.502  -3.245  1.757   1.00 5.68  ? 70   ASN A ND2 1 
ATOM   615 N N   . PHE A 1 72 ? -0.336  -3.267  7.057   1.00 6.49  ? 71   PHE A N   1 
ATOM   616 C CA  . PHE A 1 72 ? -1.291  -2.866  8.085   1.00 6.35  ? 71   PHE A CA  1 
ATOM   617 C C   . PHE A 1 72 ? -0.848  -1.590  8.783   1.00 5.79  ? 71   PHE A C   1 
ATOM   618 O O   . PHE A 1 72 ? 0.322   -1.224  8.769   1.00 6.31  ? 71   PHE A O   1 
ATOM   619 C CB  . PHE A 1 72 ? -1.549  -4.007  9.096   1.00 7.27  ? 71   PHE A CB  1 
ATOM   620 C CG  . PHE A 1 72 ? -0.304  -4.538  9.772   1.00 6.93  ? 71   PHE A CG  1 
ATOM   621 C CD1 . PHE A 1 72 ? 0.357   -5.643  9.269   1.00 7.00  ? 71   PHE A CD1 1 
ATOM   622 C CD2 . PHE A 1 72 ? 0.158   -3.971  10.956  1.00 7.46  ? 71   PHE A CD2 1 
ATOM   623 C CE1 . PHE A 1 72 ? 1.494   -6.147  9.904   1.00 8.18  ? 71   PHE A CE1 1 
ATOM   624 C CE2 . PHE A 1 72 ? 1.287   -4.479  11.591  1.00 8.15  ? 71   PHE A CE2 1 
ATOM   625 C CZ  . PHE A 1 72 ? 1.958   -5.563  11.062  1.00 8.53  ? 71   PHE A CZ  1 
ATOM   626 N N   . ASN A 1 73 ? -1.803  -0.947  9.447   1.00 6.52  ? 72   ASN A N   1 
ATOM   627 C CA  . ASN A 1 73 ? -1.661  0.398   10.002  1.00 7.45  ? 72   ASN A CA  1 
ATOM   628 C C   . ASN A 1 73 ? -0.432  0.569   10.883  1.00 6.97  ? 72   ASN A C   1 
ATOM   629 O O   . ASN A 1 73 ? 0.336   1.529   10.748  1.00 7.79  ? 72   ASN A O   1 
ATOM   630 C CB  . ASN A 1 73 ? -2.929  0.742   10.805  1.00 8.84  ? 72   ASN A CB  1 
ATOM   631 C CG  . ASN A 1 73 ? -3.000  2.199   11.167  1.00 10.27 ? 72   ASN A CG  1 
ATOM   632 O OD1 . ASN A 1 73 ? -2.258  2.667   12.021  1.00 11.85 ? 72   ASN A OD1 1 
ATOM   633 N ND2 . ASN A 1 73 ? -3.896  2.928   10.510  1.00 13.30 ? 72   ASN A ND2 1 
ATOM   634 N N   . GLU A 1 74 ? -0.241  -0.390  11.779  1.00 6.53  ? 73   GLU A N   1 
ATOM   635 C CA  . GLU A 1 74 ? 0.767   -0.308  12.813  1.00 7.04  ? 73   GLU A CA  1 
ATOM   636 C C   . GLU A 1 74 ? 2.195   -0.433  12.284  1.00 7.34  ? 73   GLU A C   1 
ATOM   637 O O   . GLU A 1 74 ? 3.133   -0.211  13.049  1.00 8.67  ? 73   GLU A O   1 
ATOM   638 C CB  . GLU A 1 74 ? 0.514   -1.364  13.889  1.00 7.31  ? 73   GLU A CB  1 
ATOM   639 C CG  . GLU A 1 74 ? -0.756  -1.120  14.708  1.00 7.79  ? 73   GLU A CG  1 
ATOM   640 C CD  . GLU A 1 74 ? -2.058  -1.625  14.095  1.00 7.35  ? 73   GLU A CD  1 
ATOM   641 O OE1 . GLU A 1 74 ? -2.091  -2.207  12.980  1.00 7.61  ? 73   GLU A OE1 1 
ATOM   642 O OE2 . GLU A 1 74 ? -3.096  -1.452  14.780  1.00 9.30  ? 73   GLU A OE2 1 
ATOM   643 N N   . GLN A 1 75 ? 2.383   -0.737  10.995  1.00 7.20  ? 74   GLN A N   1 
ATOM   644 C CA  . GLN A 1 75 ? 3.702   -0.740  10.375  1.00 8.30  ? 74   GLN A CA  1 
ATOM   645 C C   . GLN A 1 75 ? 4.287   0.663   10.241  1.00 9.12  ? 74   GLN A C   1 
ATOM   646 O O   . GLN A 1 75 ? 5.497   0.812   10.063  1.00 10.77 ? 74   GLN A O   1 
ATOM   647 C CB  . GLN A 1 75 ? 3.630   -1.338  8.969   1.00 8.50  ? 74   GLN A CB  1 
ATOM   648 C CG  . GLN A 1 75 ? 3.230   -2.802  8.893   1.00 9.03  ? 74   GLN A CG  1 
ATOM   649 C CD  . GLN A 1 75 ? 4.357   -3.754  9.277   1.00 9.81  ? 74   GLN A CD  1 
ATOM   650 O OE1 . GLN A 1 75 ? 5.162   -3.464  10.169  1.00 13.23 ? 74   GLN A OE1 1 
ATOM   651 N NE2 . GLN A 1 75 ? 4.381   -4.923  8.659   1.00 9.11  ? 74   GLN A NE2 1 
ATOM   652 N N   . LEU A 1 76 ? 3.430   1.678   10.260  1.00 8.83  ? 75   LEU A N   1 
ATOM   653 C CA  . LEU A 1 76 ? 3.855   3.045   9.945   1.00 11.72 ? 75   LEU A CA  1 
ATOM   654 C C   . LEU A 1 76 ? 3.642   3.945   11.122  1.00 13.75 ? 75   LEU A C   1 
ATOM   655 O O   . LEU A 1 76 ? 2.495   4.260   11.463  1.00 14.60 ? 75   LEU A O   1 
ATOM   656 C CB  . LEU A 1 76 ? 3.037   3.623   8.786   1.00 14.20 ? 75   LEU A CB  1 
ATOM   657 C CG  . LEU A 1 76 ? 3.623   3.619   7.378   1.00 15.33 ? 75   LEU A CG  1 
ATOM   658 C CD1 . LEU A 1 76 ? 2.711   4.311   6.367   1.00 13.94 ? 75   LEU A CD1 1 
ATOM   659 C CD2 . LEU A 1 76 ? 4.999   4.254   7.321   1.00 13.65 ? 75   LEU A CD2 1 
ATOM   660 N N   . GLU A 1 77 ? 4.747   4.388   11.727  1.00 16.80 ? 76   GLU A N   1 
ATOM   661 C CA  . GLU A 1 77 ? 4.661   5.232   12.910  1.00 21.52 ? 76   GLU A CA  1 
ATOM   662 C C   . GLU A 1 77 ? 4.005   6.552   12.530  1.00 22.26 ? 76   GLU A C   1 
ATOM   663 O O   . GLU A 1 77 ? 3.119   7.044   13.229  1.00 23.64 ? 76   GLU A O   1 
ATOM   664 C CB  . GLU A 1 77 ? 6.048   5.481   13.510  1.00 22.46 ? 76   GLU A CB  1 
ATOM   665 C CG  . GLU A 1 77 ? 6.776   4.232   13.987  1.00 24.63 ? 76   GLU A CG  1 
ATOM   666 C CD  . GLU A 1 77 ? 8.189   4.524   14.464  1.00 25.04 ? 76   GLU A CD  1 
ATOM   667 O OE1 . GLU A 1 77 ? 8.569   5.715   14.497  1.00 26.59 ? 76   GLU A OE1 1 
ATOM   668 O OE2 . GLU A 1 77 ? 8.922   3.566   14.803  1.00 26.86 ? 76   GLU A OE2 1 
ATOM   669 N N   . ASN A 1 78 ? 4.444   7.119   11.410  1.00 23.32 ? 77   ASN A N   1 
ATOM   670 C CA  . ASN A 1 78 ? 3.847   8.346   10.905  1.00 24.16 ? 77   ASN A CA  1 
ATOM   671 C C   . ASN A 1 78 ? 3.932   9.468   11.940  1.00 24.54 ? 77   ASN A C   1 
ATOM   672 O O   . ASN A 1 78 ? 2.919   9.976   12.412  1.00 23.78 ? 77   ASN A O   1 
ATOM   673 C CB  . ASN A 1 78 ? 2.392   8.090   10.506  1.00 24.77 ? 77   ASN A CB  1 
ATOM   674 C CG  . ASN A 1 78 ? 1.782   9.241   9.735   1.00 25.39 ? 77   ASN A CG  1 
ATOM   675 O OD1 . ASN A 1 78 ? 2.433   9.856   8.886   1.00 25.85 ? 77   ASN A OD1 1 
ATOM   676 N ND2 . ASN A 1 78 ? 0.515   9.531   10.018  1.00 25.09 ? 77   ASN A ND2 1 
HETATM 677 O O   . HOH B 2 .  ? -1.182  -16.234 -0.141  1.00 13.69 ? 2001 HOH A O   1 
HETATM 678 O O   . HOH B 2 .  ? 3.518   -16.281 -3.527  1.00 13.83 ? 2002 HOH A O   1 
HETATM 679 O O   . HOH B 2 .  ? -7.546  -12.359 7.239   1.00 31.41 ? 2003 HOH A O   1 
HETATM 680 O O   . HOH B 2 .  ? -10.519 10.818  0.132   1.00 37.38 ? 2004 HOH A O   1 
HETATM 681 O O   . HOH B 2 .  ? -6.783  -14.106 4.178   1.00 35.40 ? 2005 HOH A O   1 
HETATM 682 O O   . HOH B 2 .  ? -8.054  -13.045 -1.110  1.00 34.59 ? 2006 HOH A O   1 
HETATM 683 O O   . HOH B 2 .  ? -3.924  -16.409 -0.691  1.00 14.69 ? 2007 HOH A O   1 
HETATM 684 O O   . HOH B 2 .  ? -7.085  -16.793 3.037   1.00 38.80 ? 2008 HOH A O   1 
HETATM 685 O O   . HOH B 2 .  ? -6.039  -17.812 0.357   1.00 25.93 ? 2009 HOH A O   1 
HETATM 686 O O   . HOH B 2 .  ? -12.530 9.019   -1.252  1.00 21.74 ? 2010 HOH A O   1 
HETATM 687 O O   . HOH B 2 .  ? -9.293  7.789   11.383  1.00 44.84 ? 2011 HOH A O   1 
HETATM 688 O O   . HOH B 2 .  ? -12.608 1.982   10.544  1.00 15.86 ? 2012 HOH A O   1 
HETATM 689 O O   . HOH B 2 .  ? -2.846  -8.120  9.042   1.00 17.25 ? 2013 HOH A O   1 
HETATM 690 O O   . HOH B 2 .  ? -7.315  -9.762  7.923   1.00 21.47 ? 2014 HOH A O   1 
HETATM 691 O O   . HOH B 2 .  ? -9.907  -4.581  -3.764  1.00 22.35 ? 2015 HOH A O   1 
HETATM 692 O O   . HOH B 2 .  ? -3.473  -2.085  -6.257  1.00 18.87 ? 2016 HOH A O   1 
HETATM 693 O O   . HOH B 2 .  ? -6.469  2.259   -0.440  1.00 9.27  ? 2017 HOH A O   1 
HETATM 694 O O   . HOH B 2 .  ? -8.935  2.716   -7.524  1.00 36.67 ? 2018 HOH A O   1 
HETATM 695 O O   . HOH B 2 .  ? -12.886 6.957   0.369   1.00 22.93 ? 2019 HOH A O   1 
HETATM 696 O O   . HOH B 2 .  ? -10.987 7.979   4.340   1.00 31.95 ? 2020 HOH A O   1 
HETATM 697 O O   . HOH B 2 .  ? -6.680  1.493   5.952   1.00 9.88  ? 2021 HOH A O   1 
HETATM 698 O O   . HOH B 2 .  ? -12.628 -0.140  0.318   1.00 23.51 ? 2022 HOH A O   1 
HETATM 699 O O   . HOH B 2 .  ? -7.118  5.390   10.224  1.00 18.24 ? 2023 HOH A O   1 
HETATM 700 O O   . HOH B 2 .  ? -12.585 6.027   5.851   1.00 27.94 ? 2024 HOH A O   1 
HETATM 701 O O   . HOH B 2 .  ? -6.174  7.377   -5.494  1.00 30.02 ? 2025 HOH A O   1 
HETATM 702 O O   . HOH B 2 .  ? -12.497 1.480   7.712   1.00 20.35 ? 2026 HOH A O   1 
HETATM 703 O O   . HOH B 2 .  ? -13.033 -1.153  6.983   1.00 27.56 ? 2027 HOH A O   1 
HETATM 704 O O   . HOH B 2 .  ? -6.645  1.561   11.368  1.00 24.37 ? 2028 HOH A O   1 
HETATM 705 O O   . HOH B 2 .  ? -5.446  1.276   8.600   1.00 17.99 ? 2029 HOH A O   1 
HETATM 706 O O   . HOH B 2 .  ? 10.677  -5.317  -15.898 1.00 30.28 ? 2030 HOH A O   1 
HETATM 707 O O   . HOH B 2 .  ? -5.184  -2.850  6.796   1.00 16.42 ? 2031 HOH A O   1 
HETATM 708 O O   . HOH B 2 .  ? -9.506  -9.105  6.555   1.00 28.37 ? 2032 HOH A O   1 
HETATM 709 O O   . HOH B 2 .  ? -12.477 -2.557  4.584   1.00 18.86 ? 2033 HOH A O   1 
HETATM 710 O O   . HOH B 2 .  ? -14.116 -5.954  1.712   1.00 29.27 ? 2034 HOH A O   1 
HETATM 711 O O   . HOH B 2 .  ? -12.350 -2.498  -0.482  1.00 32.60 ? 2035 HOH A O   1 
HETATM 712 O O   . HOH B 2 .  ? -13.230 -2.141  2.142   1.00 29.30 ? 2036 HOH A O   1 
HETATM 713 O O   . HOH B 2 .  ? -11.442 -9.597  2.183   1.00 22.95 ? 2037 HOH A O   1 
HETATM 714 O O   . HOH B 2 .  ? -8.478  9.633   -3.231  1.00 47.30 ? 2038 HOH A O   1 
HETATM 715 O O   . HOH B 2 .  ? -6.913  -14.840 -6.704  1.00 29.10 ? 2039 HOH A O   1 
HETATM 716 O O   . HOH B 2 .  ? -7.678  -16.978 -1.736  1.00 25.07 ? 2040 HOH A O   1 
HETATM 717 O O   . HOH B 2 .  ? 4.380   19.383  0.045   1.00 21.23 ? 2041 HOH A O   1 
HETATM 718 O O   . HOH B 2 .  ? 0.783   -12.762 -6.264  1.00 16.30 ? 2042 HOH A O   1 
HETATM 719 O O   . HOH B 2 .  ? 8.291   7.120   7.341   1.00 17.10 ? 2043 HOH A O   1 
HETATM 720 O O   . HOH B 2 .  ? -3.802  -7.378  -8.282  1.00 21.00 ? 2044 HOH A O   1 
HETATM 721 O O   . HOH B 2 .  ? -1.214  -13.636 -11.642 1.00 23.69 ? 2045 HOH A O   1 
HETATM 722 O O   . HOH B 2 .  ? 3.394   -15.710 6.316   1.00 37.55 ? 2046 HOH A O   1 
HETATM 723 O O   . HOH B 2 .  ? -0.266  -11.133 -14.047 1.00 33.78 ? 2047 HOH A O   1 
HETATM 724 O O   . HOH B 2 .  ? 4.562   -5.833  -13.459 1.00 24.10 ? 2048 HOH A O   1 
HETATM 725 O O   . HOH B 2 .  ? 3.040   -11.576 -6.758  1.00 23.27 ? 2049 HOH A O   1 
HETATM 726 O O   . HOH B 2 .  ? 5.135   2.524   16.366  1.00 19.58 ? 2050 HOH A O   1 
HETATM 727 O O   . HOH B 2 .  ? 10.872  -7.218  -5.663  1.00 13.83 ? 2051 HOH A O   1 
HETATM 728 O O   . HOH B 2 .  ? 7.093   -10.451 -3.760  1.00 17.83 ? 2052 HOH A O   1 
HETATM 729 O O   . HOH B 2 .  ? 9.153   -3.941  -8.414  1.00 10.02 ? 2053 HOH A O   1 
HETATM 730 O O   . HOH B 2 .  ? 10.596  -7.514  -8.845  1.00 16.07 ? 2054 HOH A O   1 
HETATM 731 O O   . HOH B 2 .  ? 6.339   8.987   16.805  1.00 15.48 ? 2055 HOH A O   1 
HETATM 732 O O   . HOH B 2 .  ? -3.089  8.517   7.896   1.00 22.30 ? 2056 HOH A O   1 
HETATM 733 O O   . HOH B 2 .  ? -7.656  7.781   9.470   1.00 30.23 ? 2057 HOH A O   1 
HETATM 734 O O   . HOH B 2 .  ? -8.528  6.932   5.194   1.00 16.02 ? 2058 HOH A O   1 
HETATM 735 O O   . HOH B 2 .  ? -4.083  -0.436  7.223   1.00 22.71 ? 2059 HOH A O   1 
HETATM 736 O O   . HOH B 2 .  ? -7.161  1.999   2.329   1.00 10.92 ? 2060 HOH A O   1 
HETATM 737 O O   . HOH B 2 .  ? -6.728  5.332   -4.068  1.00 21.24 ? 2061 HOH A O   1 
HETATM 738 O O   . HOH B 2 .  ? -6.316  1.173   -6.717  1.00 27.47 ? 2062 HOH A O   1 
HETATM 739 O O   . HOH B 2 .  ? 8.822   -4.619  -15.165 1.00 24.03 ? 2063 HOH A O   1 
HETATM 740 O O   . HOH B 2 .  ? 8.622   -5.977  -12.705 1.00 26.38 ? 2064 HOH A O   1 
HETATM 741 O O   . HOH B 2 .  ? 11.476  2.141   -5.179  1.00 12.61 ? 2065 HOH A O   1 
HETATM 742 O O   . HOH B 2 .  ? 11.537  -0.245  -2.874  1.00 23.60 ? 2066 HOH A O   1 
HETATM 743 O O   . HOH B 2 .  ? 10.152  -2.580  -14.584 1.00 18.16 ? 2067 HOH A O   1 
HETATM 744 O O   . HOH B 2 .  ? 12.699  -3.376  -12.059 1.00 28.52 ? 2068 HOH A O   1 
HETATM 745 O O   . HOH B 2 .  ? 12.607  2.984   -8.453  1.00 16.99 ? 2069 HOH A O   1 
HETATM 746 O O   . HOH B 2 .  ? 10.449  -4.656  -10.907 1.00 17.43 ? 2070 HOH A O   1 
HETATM 747 O O   . HOH B 2 .  ? 7.741   13.707  -4.932  1.00 18.64 ? 2071 HOH A O   1 
HETATM 748 O O   . HOH B 2 .  ? 6.833   9.387   -10.280 1.00 30.47 ? 2072 HOH A O   1 
HETATM 749 O O   . HOH B 2 .  ? 1.162   14.560  -6.004  1.00 27.72 ? 2073 HOH A O   1 
HETATM 750 O O   . HOH B 2 .  ? 0.232   12.928  -10.485 1.00 18.77 ? 2074 HOH A O   1 
HETATM 751 O O   . HOH B 2 .  ? 4.082   2.732   -14.054 1.00 11.32 ? 2075 HOH A O   1 
HETATM 752 O O   . HOH B 2 .  ? 6.900   4.748   -14.143 1.00 24.66 ? 2076 HOH A O   1 
HETATM 753 O O   . HOH B 2 .  ? -4.512  6.929   -7.625  1.00 18.08 ? 2077 HOH A O   1 
HETATM 754 O O   . HOH B 2 .  ? -5.833  9.685   -4.127  1.00 25.57 ? 2078 HOH A O   1 
HETATM 755 O O   . HOH B 2 .  ? -1.988  10.017  -10.949 1.00 11.04 ? 2079 HOH A O   1 
HETATM 756 O O   . HOH B 2 .  ? -5.161  14.870  -3.093  1.00 38.78 ? 2080 HOH A O   1 
HETATM 757 O O   . HOH B 2 .  ? -6.700  13.531  -7.238  1.00 36.53 ? 2081 HOH A O   1 
HETATM 758 O O   . HOH B 2 .  ? -3.147  15.994  -0.980  1.00 25.87 ? 2082 HOH A O   1 
HETATM 759 O O   . HOH B 2 .  ? 5.335   16.136  -2.896  1.00 26.86 ? 2083 HOH A O   1 
HETATM 760 O O   . HOH B 2 .  ? 5.718   17.031  0.664   1.00 20.62 ? 2084 HOH A O   1 
HETATM 761 O O   . HOH B 2 .  ? 2.530   16.245  -4.612  1.00 30.97 ? 2085 HOH A O   1 
HETATM 762 O O   . HOH B 2 .  ? -1.641  16.646  -1.587  1.00 29.57 ? 2086 HOH A O   1 
HETATM 763 O O   . HOH B 2 .  ? -0.379  19.102  1.343   1.00 21.46 ? 2087 HOH A O   1 
HETATM 764 O O   . HOH B 2 .  ? -0.695  15.977  5.593   1.00 20.19 ? 2088 HOH A O   1 
HETATM 765 O O   . HOH B 2 .  ? -0.897  16.276  1.285   1.00 19.42 ? 2089 HOH A O   1 
HETATM 766 O O   . HOH B 2 .  ? 1.044   18.394  5.472   1.00 19.36 ? 2090 HOH A O   1 
HETATM 767 O O   . HOH B 2 .  ? 7.647   11.729  4.218   1.00 20.97 ? 2091 HOH A O   1 
HETATM 768 O O   . HOH B 2 .  ? 5.878   13.943  3.524   1.00 18.32 ? 2092 HOH A O   1 
HETATM 769 O O   . HOH B 2 .  ? 11.337  7.151   -0.436  1.00 17.18 ? 2093 HOH A O   1 
HETATM 770 O O   . HOH B 2 .  ? 7.905   7.005   4.483   1.00 11.12 ? 2094 HOH A O   1 
HETATM 771 O O   . HOH B 2 .  ? 10.136  5.451   3.724   1.00 26.62 ? 2095 HOH A O   1 
HETATM 772 O O   . HOH B 2 .  ? 11.800  2.954   0.044   1.00 31.91 ? 2096 HOH A O   1 
HETATM 773 O O   . HOH B 2 .  ? 6.566   -6.925  6.874   1.00 21.18 ? 2097 HOH A O   1 
HETATM 774 O O   . HOH B 2 .  ? 9.207   0.233   2.886   1.00 15.45 ? 2098 HOH A O   1 
HETATM 775 O O   . HOH B 2 .  ? 10.175  -4.270  3.270   1.00 20.20 ? 2099 HOH A O   1 
HETATM 776 O O   . HOH B 2 .  ? 11.872  -10.138 -2.496  1.00 24.47 ? 2100 HOH A O   1 
HETATM 777 O O   . HOH B 2 .  ? 9.923   -9.840  -4.577  1.00 20.20 ? 2101 HOH A O   1 
HETATM 778 O O   . HOH B 2 .  ? 8.306   -8.279  3.997   1.00 20.95 ? 2102 HOH A O   1 
HETATM 779 O O   . HOH B 2 .  ? 8.836   -11.287 -4.876  1.00 30.27 ? 2103 HOH A O   1 
HETATM 780 O O   . HOH B 2 .  ? 2.789   -14.734 0.566   1.00 27.19 ? 2104 HOH A O   1 
HETATM 781 O O   . HOH B 2 .  ? 3.596   -14.570 3.471   1.00 23.81 ? 2105 HOH A O   1 
HETATM 782 O O   . HOH B 2 .  ? -4.480  5.723   10.933  1.00 22.79 ? 2106 HOH A O   1 
HETATM 783 O O   . HOH B 2 .  ? 3.628   0.214   15.746  1.00 17.16 ? 2107 HOH A O   1 
HETATM 784 O O   . HOH B 2 .  ? 4.438   -2.032  14.709  1.00 22.38 ? 2108 HOH A O   1 
HETATM 785 O O   . HOH B 2 .  ? 5.114   1.791   13.341  1.00 25.76 ? 2109 HOH A O   1 
HETATM 786 O O   . HOH B 2 .  ? 7.393   -1.442  10.574  1.00 26.63 ? 2110 HOH A O   1 
HETATM 787 O O   . HOH B 2 .  ? 7.667   1.916   8.664   1.00 19.41 ? 2111 HOH A O   1 
HETATM 788 O O   . HOH B 2 .  ? 4.417   -3.814  13.307  1.00 35.98 ? 2112 HOH A O   1 
HETATM 789 O O   . HOH B 2 .  ? 7.304   9.049   14.977  1.00 16.66 ? 2113 HOH A O   1 
HETATM 790 O O   . HOH B 2 .  ? 7.468   3.903   10.560  1.00 21.26 ? 2114 HOH A O   1 
HETATM 791 O O   . HOH B 2 .  ? 7.349   1.082   13.150  1.00 43.99 ? 2115 HOH A O   1 
HETATM 792 O O   . HOH B 2 .  ? 7.766   8.261   11.577  1.00 22.01 ? 2116 HOH A O   1 
HETATM 793 O O   . HOH B 2 .  ? 6.839   6.509   9.670   1.00 19.09 ? 2117 HOH A O   1 
# 
loop_
_atom_site_anisotrop.id 
_atom_site_anisotrop.type_symbol 
_atom_site_anisotrop.pdbx_label_atom_id 
_atom_site_anisotrop.pdbx_label_alt_id 
_atom_site_anisotrop.pdbx_label_comp_id 
_atom_site_anisotrop.pdbx_label_asym_id 
_atom_site_anisotrop.pdbx_label_seq_id 
_atom_site_anisotrop.pdbx_PDB_ins_code 
_atom_site_anisotrop.U[1][1] 
_atom_site_anisotrop.U[2][2] 
_atom_site_anisotrop.U[3][3] 
_atom_site_anisotrop.U[1][2] 
_atom_site_anisotrop.U[1][3] 
_atom_site_anisotrop.U[2][3] 
_atom_site_anisotrop.pdbx_auth_seq_id 
_atom_site_anisotrop.pdbx_auth_comp_id 
_atom_site_anisotrop.pdbx_auth_asym_id 
_atom_site_anisotrop.pdbx_auth_atom_id 
1   N N   A MET A 1  ? 0.1335 0.0784 0.1299 0.0147  0.0050  -0.0241 0    MET A N   
2   N N   B MET A 1  ? 0.1627 0.1198 0.1717 0.0048  0.0001  -0.0096 0    MET A N   
3   C CA  A MET A 1  ? 0.1243 0.1029 0.1434 0.0123  -0.0020 -0.0195 0    MET A CA  
4   C CA  B MET A 1  ? 0.1661 0.1346 0.1771 0.0086  0.0016  -0.0105 0    MET A CA  
5   C C   A MET A 1  ? 0.1138 0.1009 0.1328 0.0068  0.0051  -0.0179 0    MET A C   
6   C C   B MET A 1  ? 0.1399 0.1223 0.1616 0.0042  0.0038  -0.0108 0    MET A C   
7   O O   A MET A 1  ? 0.1358 0.1018 0.1347 0.0010  0.0018  -0.0168 0    MET A O   
8   O O   B MET A 1  ? 0.1473 0.1281 0.1630 -0.0015 0.0043  -0.0113 0    MET A O   
9   C CB  A MET A 1  ? 0.1248 0.1130 0.1384 0.0081  -0.0007 -0.0210 0    MET A CB  
10  C CB  B MET A 1  ? 0.1887 0.1711 0.2063 0.0033  0.0021  -0.0050 0    MET A CB  
11  C CG  A MET A 1  ? 0.1320 0.1321 0.1499 0.0030  -0.0052 -0.0196 0    MET A CG  
12  C CG  B MET A 1  ? 0.2258 0.2143 0.2383 0.0005  -0.0002 -0.0132 0    MET A CG  
13  S SD  A MET A 1  ? 0.1370 0.1581 0.1721 0.0070  -0.0189 -0.0334 0    MET A SD  
14  S SD  B MET A 1  ? 0.2785 0.2671 0.2807 -0.0025 0.0079  -0.0021 0    MET A SD  
15  C CE  A MET A 1  ? 0.1701 0.1771 0.1737 -0.0011 -0.0005 -0.0179 0    MET A CE  
16  C CE  B MET A 1  ? 0.2669 0.2621 0.2768 -0.0010 0.0047  -0.0043 0    MET A CE  
17  N N   . LEU A 2  ? 0.1341 0.1141 0.1531 0.0025  0.0057  -0.0136 1    LEU A N   
18  C CA  . LEU A 2  ? 0.1134 0.1008 0.1491 0.0022  0.0131  -0.0098 1    LEU A CA  
19  C C   . LEU A 2  ? 0.1249 0.0948 0.1354 -0.0053 0.0051  -0.0103 1    LEU A C   
20  O O   . LEU A 2  ? 0.1362 0.1322 0.1439 -0.0013 0.0145  0.0043  1    LEU A O   
21  C CB  . LEU A 2  ? 0.1211 0.1149 0.1554 -0.0006 0.0195  -0.0085 1    LEU A CB  
22  C CG  . LEU A 2  ? 0.1025 0.1110 0.1624 -0.0070 0.0087  -0.0145 1    LEU A CG  
23  C CD1 . LEU A 2  ? 0.1264 0.1217 0.1739 0.0083  -0.0043 -0.0222 1    LEU A CD1 
24  C CD2 . LEU A 2  ? 0.1231 0.1279 0.1880 -0.0096 0.0164  -0.0077 1    LEU A CD2 
25  N N   A GLN A 3  ? 0.1126 0.0856 0.1404 -0.0099 0.0163  -0.0047 2    GLN A N   
26  N N   B GLN A 3  ? 0.1259 0.0930 0.1417 -0.0101 0.0177  -0.0043 2    GLN A N   
27  C CA  A GLN A 3  ? 0.1109 0.1021 0.1303 -0.0079 0.0188  0.0010  2    GLN A CA  
28  C CA  B GLN A 3  ? 0.1271 0.1108 0.1329 -0.0076 0.0189  -0.0001 2    GLN A CA  
29  C C   A GLN A 3  ? 0.0993 0.1057 0.1116 -0.0080 0.0180  -0.0010 2    GLN A C   
30  C C   B GLN A 3  ? 0.1090 0.1090 0.1134 -0.0061 0.0226  0.0005  2    GLN A C   
31  O O   A GLN A 3  ? 0.1115 0.1143 0.0957 0.0008  0.0138  -0.0003 2    GLN A O   
32  O O   B GLN A 3  ? 0.1135 0.1136 0.1049 -0.0033 0.0229  0.0055  2    GLN A O   
33  C CB  A GLN A 3  ? 0.1174 0.1186 0.1450 -0.0120 0.0131  0.0048  2    GLN A CB  
34  C CB  B GLN A 3  ? 0.1532 0.1542 0.1609 -0.0096 0.0141  0.0071  2    GLN A CB  
35  C CG  A GLN A 3  ? 0.1184 0.1268 0.1481 -0.0158 0.0154  0.0007  2    GLN A CG  
36  C CG  B GLN A 3  ? 0.1860 0.1776 0.2059 -0.0033 0.0083  -0.0047 2    GLN A CG  
37  C CD  A GLN A 3  ? 0.1144 0.1405 0.1568 -0.0183 0.0108  0.0009  2    GLN A CD  
38  C CD  B GLN A 3  ? 0.2142 0.2103 0.2231 -0.0039 0.0088  0.0013  2    GLN A CD  
39  O OE1 A GLN A 3  ? 0.1172 0.1453 0.1531 -0.0221 0.0073  0.0111  2    GLN A OE1 
40  O OE1 B GLN A 3  ? 0.2231 0.2266 0.2342 -0.0081 0.0085  -0.0035 2    GLN A OE1 
41  N NE2 A GLN A 3  ? 0.1332 0.1793 0.1789 -0.0116 0.0074  0.0045  2    GLN A NE2 
42  N NE2 B GLN A 3  ? 0.2270 0.2227 0.2370 -0.0056 0.0035  -0.0038 2    GLN A NE2 
43  N N   . CYS A 4  ? 0.0906 0.1030 0.1077 -0.0150 0.0226  0.0034  3    CYS A N   
44  C CA  . CYS A 4  ? 0.0903 0.0955 0.1000 -0.0072 0.0192  -0.0018 3    CYS A CA  
45  C C   . CYS A 4  ? 0.0724 0.0981 0.1026 -0.0160 0.0085  -0.0082 3    CYS A C   
46  O O   . CYS A 4  ? 0.0731 0.1159 0.1199 -0.0140 0.0053  -0.0244 3    CYS A O   
47  C CB  . CYS A 4  ? 0.0741 0.0967 0.1118 -0.0068 0.0240  -0.0004 3    CYS A CB  
48  S SG  . CYS A 4  ? 0.0840 0.1019 0.1046 -0.0169 0.0262  -0.0054 3    CYS A SG  
49  N N   . TYR A 5  ? 0.0550 0.0973 0.1019 -0.0202 0.0144  -0.0127 4    TYR A N   
50  C CA  . TYR A 5  ? 0.0543 0.1086 0.1009 -0.0167 0.0146  -0.0105 4    TYR A CA  
51  C C   . TYR A 5  ? 0.0354 0.1000 0.1021 -0.0119 0.0030  -0.0105 4    TYR A C   
52  O O   . TYR A 5  ? 0.0515 0.0999 0.1108 -0.0261 -0.0009 0.0032  4    TYR A O   
53  C CB  . TYR A 5  ? 0.0695 0.1316 0.0976 -0.0117 0.0141  -0.0102 4    TYR A CB  
54  C CG  . TYR A 5  ? 0.0699 0.1359 0.1097 -0.0114 0.0130  -0.0115 4    TYR A CG  
55  C CD1 . TYR A 5  ? 0.0653 0.1473 0.1074 -0.0131 0.0097  -0.0018 4    TYR A CD1 
56  C CD2 . TYR A 5  ? 0.0924 0.1390 0.1098 -0.0069 -0.0012 -0.0141 4    TYR A CD2 
57  C CE1 . TYR A 5  ? 0.1038 0.1645 0.1181 -0.0085 0.0086  0.0027  4    TYR A CE1 
58  C CE2 . TYR A 5  ? 0.1078 0.1625 0.1215 -0.0092 0.0032  -0.0107 4    TYR A CE2 
59  C CZ  . TYR A 5  ? 0.1052 0.1608 0.1095 -0.0005 0.0065  0.0082  4    TYR A CZ  
60  O OH  . TYR A 5  ? 0.1430 0.1906 0.1221 -0.0031 0.0098  0.0152  4    TYR A OH  
61  N N   . ASN A 6  ? 0.0431 0.1124 0.1099 -0.0132 -0.0095 -0.0062 5    ASN A N   
62  C CA  . ASN A 6  ? 0.0524 0.1197 0.1281 -0.0140 -0.0013 -0.0073 5    ASN A CA  
63  C C   . ASN A 6  ? 0.0409 0.1329 0.1461 -0.0311 -0.0148 -0.0110 5    ASN A C   
64  O O   . ASN A 6  ? 0.0643 0.1554 0.2079 -0.0291 -0.0261 -0.0127 5    ASN A O   
65  C CB  . ASN A 6  ? 0.0934 0.1434 0.1283 -0.0162 -0.0067 -0.0069 5    ASN A CB  
66  C CG  . ASN A 6  ? 0.0962 0.1798 0.1196 -0.0226 -0.0205 -0.0098 5    ASN A CG  
67  O OD1 . ASN A 6  ? 0.1081 0.1826 0.1352 -0.0258 -0.0079 0.0019  5    ASN A OD1 
68  N ND2 . ASN A 6  ? 0.1420 0.2453 0.1897 -0.0187 -0.0306 0.0030  5    ASN A ND2 
69  N N   . CYS A 7  ? 0.0478 0.1350 0.1581 0.0030  -0.0173 -0.0025 6    CYS A N   
70  C CA  . CYS A 7  ? 0.0837 0.1662 0.1526 0.0028  -0.0149 -0.0059 6    CYS A CA  
71  C C   . CYS A 7  ? 0.0649 0.1704 0.1394 0.0181  -0.0219 -0.0106 6    CYS A C   
72  O O   . CYS A 7  ? 0.0978 0.1688 0.1541 0.0148  -0.0366 -0.0025 6    CYS A O   
73  C CB  . CYS A 7  ? 0.0911 0.1797 0.1498 0.0058  0.0067  0.0001  6    CYS A CB  
74  S SG  . CYS A 7  ? 0.0934 0.2061 0.1755 -0.0109 0.0061  -0.0073 6    CYS A SG  
75  N N   . PRO A 8  ? 0.0987 0.2026 0.1602 0.0134  -0.0304 -0.0044 7    PRO A N   
76  C CA  . PRO A 8  ? 0.1318 0.2040 0.1587 0.0166  -0.0340 -0.0001 7    PRO A CA  
77  C C   . PRO A 8  ? 0.1281 0.2003 0.1658 0.0246  -0.0299 0.0028  7    PRO A C   
78  O O   . PRO A 8  ? 0.1665 0.2117 0.1698 0.0300  -0.0235 -0.0077 7    PRO A O   
79  C CB  . PRO A 8  ? 0.1536 0.2212 0.1840 0.0121  -0.0355 -0.0025 7    PRO A CB  
80  C CG  . PRO A 8  ? 0.1433 0.2291 0.1919 0.0035  -0.0354 -0.0029 7    PRO A CG  
81  C CD  . PRO A 8  ? 0.0969 0.2281 0.1989 0.0000  -0.0297 -0.0019 7    PRO A CD  
82  N N   . ASN A 9  ? 0.1303 0.1918 0.1490 0.0314  -0.0372 0.0098  8    ASN A N   
83  C CA  . ASN A 9  ? 0.1590 0.1945 0.1673 0.0299  -0.0220 0.0098  8    ASN A CA  
84  C C   . ASN A 9  ? 0.1527 0.1816 0.1538 0.0287  -0.0122 0.0116  8    ASN A C   
85  O O   . ASN A 9  ? 0.1722 0.1794 0.1610 0.0346  -0.0100 0.0175  8    ASN A O   
86  C CB  . ASN A 9  ? 0.1532 0.2151 0.2008 0.0207  -0.0295 0.0072  8    ASN A CB  
87  C CG  . ASN A 9  ? 0.1676 0.2257 0.2075 0.0119  -0.0171 0.0075  8    ASN A CG  
88  O OD1 . ASN A 9  ? 0.1800 0.2385 0.2316 0.0304  -0.0242 0.0133  8    ASN A OD1 
89  N ND2 . ASN A 9  ? 0.1614 0.2175 0.1914 0.0262  -0.0228 0.0122  8    ASN A ND2 
90  N N   . PRO A 10 ? 0.1436 0.1812 0.1435 0.0299  -0.0152 0.0175  9    PRO A N   
91  C CA  . PRO A 10 ? 0.1304 0.1840 0.1472 0.0209  -0.0117 0.0130  9    PRO A CA  
92  C C   . PRO A 10 ? 0.1032 0.1790 0.1512 0.0305  -0.0113 0.0066  9    PRO A C   
93  O O   . PRO A 10 ? 0.1008 0.1974 0.1839 0.0361  -0.0171 0.0030  9    PRO A O   
94  C CB  . PRO A 10 ? 0.1806 0.1989 0.1695 0.0069  -0.0104 0.0088  9    PRO A CB  
95  C CG  . PRO A 10 ? 0.1858 0.1980 0.1768 0.0168  -0.0077 0.0101  9    PRO A CG  
96  C CD  . PRO A 10 ? 0.1698 0.1920 0.1658 0.0119  -0.0065 0.0162  9    PRO A CD  
97  N N   . THR A 11 ? 0.1054 0.1871 0.1421 0.0247  0.0062  0.0063  10   THR A N   
98  C CA  . THR A 11 ? 0.1660 0.2056 0.1604 0.0098  0.0105  0.0123  10   THR A CA  
99  C C   . THR A 11 ? 0.1344 0.1836 0.1504 0.0095  0.0180  0.0023  10   THR A C   
100 O O   . THR A 11 ? 0.1177 0.1809 0.1547 0.0080  0.0089  0.0122  10   THR A O   
101 C CB  . THR A 11 ? 0.1876 0.2201 0.1799 -0.0082 0.0079  0.0086  10   THR A CB  
102 O OG1 . THR A 11 ? 0.2343 0.2505 0.2060 -0.0042 0.0000  -0.0011 10   THR A OG1 
103 C CG2 . THR A 11 ? 0.2099 0.2225 0.2033 -0.0115 0.0081  0.0079  10   THR A CG2 
104 N N   . ALA A 12 ? 0.1341 0.1840 0.1616 0.0242  0.0231  -0.0047 11   ALA A N   
105 C CA  . ALA A 12 ? 0.1614 0.1726 0.1720 0.0214  0.0171  -0.0103 11   ALA A CA  
106 C C   . ALA A 12 ? 0.1402 0.1651 0.1447 0.0164  0.0210  -0.0073 11   ALA A C   
107 O O   . ALA A 12 ? 0.1599 0.1659 0.1671 0.0154  0.0092  -0.0154 11   ALA A O   
108 C CB  . ALA A 12 ? 0.1830 0.1890 0.1814 0.0267  0.0187  -0.0105 11   ALA A CB  
109 N N   . ASP A 13 ? 0.1251 0.1588 0.1355 0.0189  0.0206  -0.0052 12   ASP A N   
110 C CA  . ASP A 13 ? 0.1357 0.1684 0.1497 0.0185  0.0069  -0.0050 12   ASP A CA  
111 C C   . ASP A 13 ? 0.1209 0.1582 0.1453 -0.0003 0.0048  -0.0018 12   ASP A C   
112 O O   . ASP A 13 ? 0.1254 0.1834 0.1612 -0.0064 0.0129  -0.0057 12   ASP A O   
113 C CB  . ASP A 13 ? 0.2013 0.2016 0.1834 0.0156  0.0065  0.0037  12   ASP A CB  
114 C CG  . ASP A 13 ? 0.1965 0.2263 0.1968 0.0155  -0.0074 0.0034  12   ASP A CG  
115 O OD1 . ASP A 13 ? 0.2222 0.2526 0.2169 0.0226  0.0004  0.0106  12   ASP A OD1 
116 O OD2 . ASP A 13 ? 0.1965 0.2322 0.2091 0.0187  -0.0171 0.0019  12   ASP A OD2 
117 N N   . CYS A 14 ? 0.1029 0.1613 0.1332 0.0047  0.0075  -0.0124 13   CYS A N   
118 C CA  . CYS A 14 ? 0.0699 0.1495 0.1392 -0.0091 0.0090  -0.0169 13   CYS A CA  
119 C C   . CYS A 14 ? 0.1135 0.1649 0.1442 -0.0035 0.0008  -0.0118 13   CYS A C   
120 O O   . CYS A 14 ? 0.1472 0.1724 0.1800 0.0096  -0.0112 -0.0073 13   CYS A O   
121 C CB  . CYS A 14 ? 0.0934 0.1609 0.1260 -0.0105 0.0145  -0.0157 13   CYS A CB  
122 S SG  . CYS A 14 ? 0.0839 0.1770 0.1460 0.0005  0.0127  -0.0252 13   CYS A SG  
123 N N   . LYS A 15 ? 0.1343 0.1618 0.1550 -0.0158 0.0082  -0.0007 14   LYS A N   
124 C CA  . LYS A 15 ? 0.1710 0.1759 0.1783 -0.0152 0.0103  -0.0029 14   LYS A CA  
125 C C   . LYS A 15 ? 0.1740 0.1799 0.1904 -0.0180 0.0122  -0.0083 14   LYS A C   
126 O O   . LYS A 15 ? 0.2189 0.1934 0.2160 -0.0134 0.0165  -0.0086 14   LYS A O   
127 C CB  . LYS A 15 ? 0.1962 0.2083 0.1979 -0.0087 0.0135  0.0018  14   LYS A CB  
128 C CG  A LYS A 15 ? 0.2201 0.2243 0.2115 -0.0068 0.0099  0.0007  14   LYS A CG  
129 C CG  B LYS A 15 ? 0.1960 0.2034 0.1983 -0.0048 0.0066  0.0025  14   LYS A CG  
130 C CD  A LYS A 15 ? 0.2287 0.2442 0.2289 -0.0070 0.0119  0.0000  14   LYS A CD  
131 C CD  B LYS A 15 ? 0.1978 0.2092 0.2059 -0.0040 0.0009  0.0010  14   LYS A CD  
132 C CE  A LYS A 15 ? 0.2491 0.2536 0.2503 -0.0031 0.0064  -0.0008 14   LYS A CE  
133 C CE  B LYS A 15 ? 0.1953 0.2103 0.2012 -0.0031 -0.0015 0.0022  14   LYS A CE  
134 N NZ  A LYS A 15 ? 0.2601 0.2676 0.2688 -0.0039 0.0065  -0.0028 14   LYS A NZ  
135 N NZ  B LYS A 15 ? 0.1854 0.2077 0.1932 -0.0088 -0.0026 0.0032  14   LYS A NZ  
136 N N   . THR A 16 ? 0.1137 0.1685 0.1754 -0.0245 0.0149  -0.0178 15   THR A N   
137 C CA  . THR A 16 ? 0.1177 0.1786 0.1899 -0.0280 0.0051  -0.0205 15   THR A CA  
138 C C   . THR A 16 ? 0.0857 0.1810 0.1843 -0.0340 0.0106  -0.0136 15   THR A C   
139 O O   . THR A 16 ? 0.0778 0.2006 0.1991 -0.0566 0.0086  0.0045  15   THR A O   
140 C CB  . THR A 16 ? 0.1257 0.1955 0.1943 -0.0205 -0.0023 -0.0254 15   THR A CB  
141 O OG1 . THR A 16 ? 0.1827 0.2227 0.2298 0.0060  0.0068  -0.0310 15   THR A OG1 
142 C CG2 . THR A 16 ? 0.1367 0.2058 0.2004 -0.0099 0.0026  -0.0291 15   THR A CG2 
143 N N   . ALA A 17 ? 0.0790 0.1802 0.2056 -0.0280 0.0277  -0.0163 16   ALA A N   
144 C CA  . ALA A 17 ? 0.0942 0.1860 0.2059 -0.0234 0.0173  -0.0275 16   ALA A CA  
145 C C   . ALA A 17 ? 0.0920 0.1702 0.2058 -0.0385 0.0122  -0.0292 16   ALA A C   
146 O O   . ALA A 17 ? 0.1022 0.2000 0.2476 -0.0546 0.0065  -0.0372 16   ALA A O   
147 C CB  . ALA A 17 ? 0.1322 0.2107 0.2302 -0.0199 0.0161  -0.0105 16   ALA A CB  
148 N N   . VAL A 18 ? 0.0921 0.1451 0.1984 -0.0298 0.0130  -0.0431 17   VAL A N   
149 C CA  . VAL A 18 ? 0.1083 0.1606 0.1836 -0.0239 0.0034  -0.0316 17   VAL A CA  
150 C C   . VAL A 18 ? 0.1146 0.1484 0.1704 -0.0206 -0.0034 -0.0327 17   VAL A C   
151 O O   . VAL A 18 ? 0.0895 0.1725 0.1996 -0.0115 0.0015  -0.0487 17   VAL A O   
152 C CB  . VAL A 18 ? 0.1474 0.1897 0.2033 -0.0082 -0.0004 -0.0179 17   VAL A CB  
153 C CG1 . VAL A 18 ? 0.1637 0.1980 0.2261 -0.0076 0.0071  -0.0171 17   VAL A CG1 
154 C CG2 . VAL A 18 ? 0.1807 0.2016 0.2286 -0.0130 0.0060  -0.0200 17   VAL A CG2 
155 N N   . ASN A 19 ? 0.1176 0.1276 0.1477 -0.0232 0.0050  -0.0246 18   ASN A N   
156 C CA  . ASN A 19 ? 0.1451 0.1367 0.1571 -0.0192 0.0063  -0.0122 18   ASN A CA  
157 C C   . ASN A 19 ? 0.1488 0.1525 0.1458 -0.0202 0.0054  -0.0028 18   ASN A C   
158 O O   . ASN A 19 ? 0.1701 0.1983 0.1745 -0.0294 -0.0038 0.0058  18   ASN A O   
159 C CB  . ASN A 19 ? 0.1788 0.1434 0.1676 -0.0155 -0.0018 -0.0158 18   ASN A CB  
160 C CG  . ASN A 19 ? 0.1820 0.1504 0.1787 -0.0194 -0.0046 -0.0120 18   ASN A CG  
161 O OD1 . ASN A 19 ? 0.2137 0.1558 0.1841 -0.0105 -0.0077 -0.0049 18   ASN A OD1 
162 N ND2 . ASN A 19 ? 0.1933 0.1759 0.2138 -0.0400 -0.0055 -0.0051 18   ASN A ND2 
163 N N   . CYS A 20 ? 0.1427 0.1251 0.1351 -0.0195 0.0170  -0.0067 19   CYS A N   
164 C CA  . CYS A 20 ? 0.1622 0.1397 0.1398 -0.0232 0.0053  -0.0069 19   CYS A CA  
165 C C   . CYS A 20 ? 0.1656 0.1418 0.1517 -0.0261 0.0097  -0.0038 19   CYS A C   
166 O O   . CYS A 20 ? 0.1918 0.1378 0.1679 -0.0180 0.0210  -0.0113 19   CYS A O   
167 C CB  . CYS A 20 ? 0.1559 0.1252 0.1325 -0.0217 0.0031  -0.0135 19   CYS A CB  
168 S SG  . CYS A 20 ? 0.1626 0.1235 0.1333 -0.0152 -0.0032 -0.0088 19   CYS A SG  
169 N N   . SER A 21 ? 0.1826 0.1619 0.1499 -0.0299 0.0104  -0.0098 20   SER A N   
170 C CA  . SER A 21 ? 0.1980 0.1982 0.1706 -0.0284 0.0139  -0.0096 20   SER A CA  
171 C C   . SER A 21 ? 0.2005 0.1739 0.1629 -0.0342 0.0138  -0.0086 20   SER A C   
172 O O   . SER A 21 ? 0.1896 0.1679 0.1511 -0.0496 0.0095  -0.0082 20   SER A O   
173 C CB  . SER A 21 ? 0.2215 0.2165 0.2109 -0.0237 0.0095  0.0056  20   SER A CB  
174 O OG  . SER A 21 ? 0.2129 0.2153 0.2655 -0.0305 0.0075  0.0078  20   SER A OG  
175 N N   . SER A 22 ? 0.2153 0.1586 0.1675 -0.0331 0.0115  -0.0139 21   SER A N   
176 C CA  . SER A 22 ? 0.2296 0.1714 0.1877 -0.0146 0.0059  -0.0058 21   SER A CA  
177 C C   . SER A 22 ? 0.2164 0.1623 0.1754 -0.0110 0.0103  -0.0086 21   SER A C   
178 O O   . SER A 22 ? 0.2238 0.1584 0.1951 0.0012  0.0133  0.0002  21   SER A O   
179 C CB  . SER A 22 ? 0.2515 0.1929 0.2168 -0.0134 -0.0005 -0.0123 21   SER A CB  
180 O OG  . SER A 22 ? 0.2876 0.2359 0.2269 -0.0231 0.0026  -0.0189 21   SER A OG  
181 N N   . ASP A 23 ? 0.2098 0.1577 0.1604 -0.0146 0.0090  -0.0046 22   ASP A N   
182 C CA  . ASP A 23 ? 0.1883 0.1546 0.1722 -0.0125 0.0103  -0.0002 22   ASP A CA  
183 C C   . ASP A 23 ? 0.1611 0.1413 0.1650 -0.0102 0.0131  -0.0005 22   ASP A C   
184 O O   . ASP A 23 ? 0.1849 0.1630 0.1922 -0.0217 0.0300  0.0006  22   ASP A O   
185 C CB  . ASP A 23 ? 0.2178 0.1746 0.1806 -0.0031 0.0023  0.0071  22   ASP A CB  
186 C CG  . ASP A 23 ? 0.2406 0.1845 0.1947 0.0052  0.0038  0.0015  22   ASP A CG  
187 O OD1 . ASP A 23 ? 0.2830 0.2001 0.2042 0.0076  -0.0009 -0.0121 22   ASP A OD1 
188 O OD2 . ASP A 23 ? 0.2620 0.1970 0.2092 0.0064  -0.0053 0.0051  22   ASP A OD2 
189 N N   A PHE A 24 ? 0.1402 0.1290 0.1506 -0.0095 0.0093  -0.0039 23   PHE A N   
190 N N   B PHE A 24 ? 0.1463 0.1370 0.1577 -0.0085 0.0095  -0.0018 23   PHE A N   
191 C CA  A PHE A 24 ? 0.1072 0.1132 0.1326 -0.0096 0.0079  0.0035  23   PHE A CA  
192 C CA  B PHE A 24 ? 0.1191 0.1309 0.1490 -0.0094 0.0074  0.0032  23   PHE A CA  
193 C C   A PHE A 24 ? 0.1093 0.1055 0.1341 -0.0063 0.0107  0.0033  23   PHE A C   
194 C C   B PHE A 24 ? 0.1211 0.1235 0.1503 -0.0088 0.0084  0.0050  23   PHE A C   
195 O O   A PHE A 24 ? 0.1093 0.1100 0.1244 -0.0072 0.0224  -0.0034 23   PHE A O   
196 O O   B PHE A 24 ? 0.1353 0.1407 0.1692 -0.0173 0.0171  0.0113  23   PHE A O   
197 C CB  A PHE A 24 ? 0.0959 0.1207 0.1290 -0.0099 0.0004  0.0020  23   PHE A CB  
198 C CB  B PHE A 24 ? 0.1126 0.1404 0.1474 -0.0085 0.0030  0.0029  23   PHE A CB  
199 C CG  A PHE A 24 ? 0.1006 0.1147 0.1073 -0.0123 0.0017  -0.0020 23   PHE A CG  
200 C CG  B PHE A 24 ? 0.1254 0.1452 0.1458 -0.0007 -0.0032 -0.0047 23   PHE A CG  
201 C CD1 A PHE A 24 ? 0.0880 0.1056 0.1103 -0.0080 0.0144  -0.0029 23   PHE A CD1 
202 C CD1 B PHE A 24 ? 0.1211 0.1447 0.1418 -0.0062 -0.0028 0.0022  23   PHE A CD1 
203 C CD2 A PHE A 24 ? 0.1111 0.1246 0.1140 -0.0105 -0.0045 -0.0051 23   PHE A CD2 
204 C CD2 B PHE A 24 ? 0.1403 0.1564 0.1607 -0.0003 -0.0096 -0.0036 23   PHE A CD2 
205 C CE1 A PHE A 24 ? 0.1239 0.1145 0.1207 0.0008  0.0121  -0.0018 23   PHE A CE1 
206 C CE1 B PHE A 24 ? 0.1322 0.1460 0.1443 -0.0026 -0.0048 0.0003  23   PHE A CE1 
207 C CE2 A PHE A 24 ? 0.1234 0.1314 0.1341 -0.0065 -0.0090 0.0033  23   PHE A CE2 
208 C CE2 B PHE A 24 ? 0.1410 0.1563 0.1574 0.0034  -0.0088 -0.0084 23   PHE A CE2 
209 C CZ  A PHE A 24 ? 0.1244 0.1270 0.1225 -0.0039 -0.0004 -0.0020 23   PHE A CZ  
210 C CZ  B PHE A 24 ? 0.1342 0.1518 0.1598 -0.0042 -0.0096 0.0004  23   PHE A CZ  
211 N N   . ASP A 25 ? 0.1021 0.1027 0.1170 -0.0043 0.0091  -0.0060 24   ASP A N   
212 C CA  . ASP A 25 ? 0.1163 0.1156 0.1230 0.0108  0.0085  -0.0021 24   ASP A CA  
213 C C   . ASP A 25 ? 0.0844 0.1224 0.1089 0.0160  0.0132  0.0061  24   ASP A C   
214 O O   . ASP A 25 ? 0.0980 0.1306 0.1271 0.0256  -0.0003 0.0101  24   ASP A O   
215 C CB  . ASP A 25 ? 0.1245 0.1284 0.1347 0.0113  0.0174  0.0000  24   ASP A CB  
216 C CG  . ASP A 25 ? 0.0925 0.1357 0.1366 0.0086  0.0210  0.0021  24   ASP A CG  
217 O OD1 . ASP A 25 ? 0.0834 0.1307 0.1417 -0.0007 0.0099  0.0094  24   ASP A OD1 
218 O OD2 . ASP A 25 ? 0.1244 0.1705 0.1755 0.0215  0.0423  0.0055  24   ASP A OD2 
219 N N   . ALA A 26 ? 0.0784 0.1117 0.0948 0.0112  0.0093  0.0049  25   ALA A N   
220 C CA  . ALA A 26 ? 0.0519 0.1161 0.1034 0.0073  0.0065  0.0027  25   ALA A CA  
221 C C   . ALA A 26 ? 0.0469 0.0871 0.1074 -0.0014 0.0032  0.0067  25   ALA A C   
222 O O   . ALA A 26 ? 0.0437 0.1324 0.0963 0.0107  0.0085  0.0170  25   ALA A O   
223 C CB  . ALA A 26 ? 0.0548 0.1264 0.1199 -0.0125 0.0171  -0.0070 25   ALA A CB  
224 N N   . CYS A 27 ? 0.0508 0.0867 0.0954 -0.0067 0.0119  0.0106  26   CYS A N   
225 C CA  . CYS A 27 ? 0.0490 0.0850 0.1027 -0.0113 0.0179  0.0045  26   CYS A CA  
226 C C   . CYS A 27 ? 0.0445 0.0924 0.0954 -0.0132 0.0129  0.0009  26   CYS A C   
227 O O   . CYS A 27 ? 0.0629 0.0975 0.1433 -0.0009 -0.0144 -0.0050 26   CYS A O   
228 C CB  . CYS A 27 ? 0.0848 0.0872 0.1030 -0.0270 0.0164  -0.0039 26   CYS A CB  
229 S SG  . CYS A 27 ? 0.0823 0.0949 0.1155 -0.0139 0.0189  0.0017  26   CYS A SG  
230 N N   . LEU A 28 ? 0.0428 0.0822 0.0893 -0.0079 0.0128  0.0044  27   LEU A N   
231 C CA  . LEU A 28 ? 0.0392 0.0869 0.0827 -0.0136 0.0129  0.0045  27   LEU A CA  
232 C C   . LEU A 28 ? 0.0299 0.0856 0.0790 -0.0077 0.0060  0.0020  27   LEU A C   
233 O O   . LEU A 28 ? 0.0292 0.0855 0.0807 -0.0117 0.0078  0.0083  27   LEU A O   
234 C CB  . LEU A 28 ? 0.0568 0.0941 0.0803 -0.0162 0.0054  0.0067  27   LEU A CB  
235 C CG  . LEU A 28 ? 0.0566 0.0955 0.0798 -0.0167 0.0042  0.0058  27   LEU A CG  
236 C CD1 . LEU A 28 ? 0.0628 0.1215 0.1051 -0.0279 0.0154  -0.0021 27   LEU A CD1 
237 C CD2 . LEU A 28 ? 0.0985 0.1131 0.0883 -0.0082 -0.0013 0.0061  27   LEU A CD2 
238 N N   . ILE A 29 ? 0.0333 0.0788 0.0757 -0.0045 0.0113  -0.0001 28   ILE A N   
239 C CA  . ILE A 29 ? 0.0291 0.0939 0.0809 -0.0127 0.0053  0.0004  28   ILE A CA  
240 C C   . ILE A 29 ? 0.0403 0.0898 0.0828 -0.0083 0.0028  0.0007  28   ILE A C   
241 O O   . ILE A 29 ? 0.0308 0.0950 0.1103 -0.0194 0.0014  0.0049  28   ILE A O   
242 C CB  . ILE A 29 ? 0.0549 0.1019 0.0768 -0.0079 0.0122  0.0045  28   ILE A CB  
243 C CG1 . ILE A 29 ? 0.0662 0.1161 0.0969 -0.0029 0.0064  0.0036  28   ILE A CG1 
244 C CG2 . ILE A 29 ? 0.0561 0.1244 0.0736 -0.0098 0.0064  0.0132  28   ILE A CG2 
245 C CD1 . ILE A 29 ? 0.1071 0.1326 0.1105 0.0124  0.0228  0.0134  28   ILE A CD1 
246 N N   . THR A 30 ? 0.0542 0.0806 0.0950 -0.0100 0.0106  -0.0034 29   THR A N   
247 C CA  . THR A 30 ? 0.0725 0.0917 0.1145 -0.0096 0.0135  -0.0008 29   THR A CA  
248 C C   . THR A 30 ? 0.0543 0.0760 0.1026 -0.0118 0.0114  0.0012  29   THR A C   
249 O O   . THR A 30 ? 0.0482 0.1037 0.1375 -0.0171 0.0016  -0.0185 29   THR A O   
250 C CB  . THR A 30 ? 0.1438 0.0951 0.1369 -0.0295 0.0434  0.0054  29   THR A CB  
251 O OG1 . THR A 30 ? 0.1510 0.1406 0.1691 -0.0051 0.0298  0.0027  29   THR A OG1 
252 C CG2 . THR A 30 ? 0.1932 0.1074 0.1489 -0.0290 0.0449  -0.0068 29   THR A CG2 
253 N N   . LYS A 31 ? 0.0628 0.0810 0.1034 -0.0077 0.0020  -0.0026 30   LYS A N   
254 C CA  . LYS A 31 ? 0.0752 0.0947 0.1090 -0.0097 0.0045  0.0023  30   LYS A CA  
255 C C   . LYS A 31 ? 0.0686 0.1029 0.1016 -0.0102 0.0110  -0.0042 30   LYS A C   
256 O O   . LYS A 31 ? 0.0719 0.1060 0.1117 -0.0146 0.0013  -0.0021 30   LYS A O   
257 C CB  . LYS A 31 ? 0.0796 0.1082 0.1100 -0.0129 0.0085  0.0029  30   LYS A CB  
258 C CG  . LYS A 31 ? 0.0820 0.1120 0.1157 -0.0177 -0.0004 0.0105  30   LYS A CG  
259 C CD  . LYS A 31 ? 0.1140 0.1105 0.1190 -0.0184 -0.0032 0.0099  30   LYS A CD  
260 C CE  . LYS A 31 ? 0.1362 0.1225 0.1267 -0.0105 0.0071  0.0129  30   LYS A CE  
261 N NZ  . LYS A 31 ? 0.1453 0.1374 0.1222 -0.0154 0.0058  0.0089  30   LYS A NZ  
262 N N   . ALA A 32 ? 0.0963 0.0972 0.1510 -0.0008 0.0129  0.0082  31   ALA A N   
263 C CA  . ALA A 32 ? 0.1110 0.1142 0.1678 0.0071  0.0076  0.0091  31   ALA A CA  
264 C C   . ALA A 32 ? 0.1208 0.1137 0.1707 0.0044  0.0059  -0.0003 31   ALA A C   
265 O O   . ALA A 32 ? 0.1183 0.1099 0.1695 0.0170  0.0128  -0.0068 31   ALA A O   
266 C CB  . ALA A 32 ? 0.1163 0.1288 0.1686 0.0057  0.0176  0.0081  31   ALA A CB  
267 N N   . GLY A 33 ? 0.1397 0.1785 0.1821 0.0037  -0.0026 -0.0002 32   GLY A N   
268 C CA  . GLY A 33 ? 0.1584 0.1897 0.1989 0.0020  -0.0009 -0.0124 32   GLY A CA  
269 C C   . GLY A 33 ? 0.1636 0.2065 0.2040 0.0067  0.0070  0.0005  32   GLY A C   
270 O O   . GLY A 33 ? 0.1990 0.2389 0.2495 0.0135  0.0080  0.0105  32   GLY A O   
271 N N   . LEU A 34 ? 0.1511 0.1992 0.1941 0.0088  0.0081  -0.0089 33   LEU A N   
272 C CA  . LEU A 34 ? 0.1644 0.1864 0.2010 0.0145  0.0227  -0.0050 33   LEU A CA  
273 C C   . LEU A 34 ? 0.1589 0.1688 0.2144 0.0079  0.0278  -0.0076 33   LEU A C   
274 O O   . LEU A 34 ? 0.2006 0.1683 0.2398 0.0023  0.0350  -0.0086 33   LEU A O   
275 C CB  . LEU A 34 ? 0.1947 0.2169 0.2142 0.0193  0.0209  -0.0078 33   LEU A CB  
276 C CG  . LEU A 34 ? 0.2329 0.2336 0.2293 0.0092  0.0095  -0.0084 33   LEU A CG  
277 C CD1 . LEU A 34 ? 0.2444 0.2508 0.2459 0.0129  0.0116  -0.0145 33   LEU A CD1 
278 C CD2 . LEU A 34 ? 0.2489 0.2489 0.2388 0.0094  0.0071  -0.0040 33   LEU A CD2 
279 N N   . GLN A 35 ? 0.1230 0.1293 0.1974 0.0129  0.0207  -0.0132 34   GLN A N   
280 C CA  . GLN A 35 ? 0.1077 0.1194 0.2082 0.0056  0.0218  -0.0148 34   GLN A CA  
281 C C   . GLN A 35 ? 0.0660 0.1090 0.1979 -0.0029 0.0267  -0.0121 34   GLN A C   
282 O O   . GLN A 35 ? 0.0862 0.1245 0.2875 -0.0043 0.0167  -0.0155 34   GLN A O   
283 C CB  . GLN A 35 ? 0.1233 0.1285 0.1977 0.0122  0.0048  -0.0183 34   GLN A CB  
284 C CG  . GLN A 35 ? 0.1302 0.1431 0.1911 0.0096  -0.0003 -0.0176 34   GLN A CG  
285 C CD  . GLN A 35 ? 0.1353 0.1440 0.1962 -0.0017 0.0046  -0.0126 34   GLN A CD  
286 O OE1 . GLN A 35 ? 0.1346 0.1400 0.1887 0.0055  0.0093  -0.0245 34   GLN A OE1 
287 N NE2 . GLN A 35 ? 0.1518 0.1570 0.2086 0.0064  0.0071  -0.0119 34   GLN A NE2 
288 N N   . VAL A 36 ? 0.0638 0.0973 0.1629 0.0024  0.0272  -0.0105 35   VAL A N   
289 C CA  . VAL A 36 ? 0.0467 0.0983 0.1289 0.0040  0.0149  -0.0113 35   VAL A CA  
290 C C   . VAL A 36 ? 0.0434 0.1006 0.1146 0.0016  0.0103  0.0026  35   VAL A C   
291 O O   . VAL A 36 ? 0.0409 0.1172 0.1376 0.0038  0.0115  -0.0024 35   VAL A O   
292 C CB  . VAL A 36 ? 0.0716 0.1101 0.1210 0.0006  0.0085  -0.0181 35   VAL A CB  
293 C CG1 . VAL A 36 ? 0.0783 0.1137 0.1356 0.0050  0.0025  -0.0063 35   VAL A CG1 
294 C CG2 . VAL A 36 ? 0.0984 0.1359 0.1339 -0.0011 0.0079  -0.0154 35   VAL A CG2 
295 N N   . TYR A 37 ? 0.0581 0.0925 0.1109 0.0024  0.0118  -0.0031 36   TYR A N   
296 C CA  . TYR A 37 ? 0.0509 0.0941 0.1047 -0.0107 0.0120  0.0052  36   TYR A CA  
297 C C   . TYR A 37 ? 0.0391 0.0846 0.0982 -0.0087 0.0185  0.0030  36   TYR A C   
298 O O   . TYR A 37 ? 0.0357 0.0959 0.1210 -0.0071 0.0037  -0.0079 36   TYR A O   
299 C CB  . TYR A 37 ? 0.0763 0.1054 0.1237 -0.0032 0.0233  0.0136  36   TYR A CB  
300 C CG  . TYR A 37 ? 0.0915 0.1184 0.1351 0.0048  0.0203  0.0192  36   TYR A CG  
301 C CD1 . TYR A 37 ? 0.1152 0.1327 0.1532 0.0124  0.0122  0.0222  36   TYR A CD1 
302 C CD2 . TYR A 37 ? 0.0874 0.1068 0.1496 0.0000  0.0236  0.0134  36   TYR A CD2 
303 C CE1 . TYR A 37 ? 0.1221 0.1426 0.1818 0.0096  0.0104  0.0264  36   TYR A CE1 
304 C CE2 . TYR A 37 ? 0.1156 0.1243 0.1773 0.0007  0.0216  0.0185  36   TYR A CE2 
305 C CZ  . TYR A 37 ? 0.1131 0.1208 0.1767 0.0046  0.0190  0.0268  36   TYR A CZ  
306 O OH  . TYR A 37 ? 0.1370 0.1373 0.2081 0.0183  0.0152  0.0299  36   TYR A OH  
307 N N   . ASN A 38 ? 0.0377 0.0834 0.1093 -0.0039 0.0139  -0.0065 37   ASN A N   
308 C CA  . ASN A 38 ? 0.0306 0.0929 0.1049 -0.0055 0.0126  0.0024  37   ASN A CA  
309 C C   . ASN A 38 ? 0.0292 0.0796 0.1107 -0.0085 0.0150  0.0002  37   ASN A C   
310 O O   . ASN A 38 ? 0.0354 0.1094 0.1238 -0.0094 0.0050  -0.0096 37   ASN A O   
311 C CB  . ASN A 38 ? 0.0510 0.1089 0.1175 -0.0068 0.0140  0.0083  37   ASN A CB  
312 C CG  . ASN A 38 ? 0.0506 0.1142 0.1171 -0.0131 0.0110  0.0122  37   ASN A CG  
313 O OD1 . ASN A 38 ? 0.0954 0.1659 0.1590 -0.0060 0.0016  0.0347  37   ASN A OD1 
314 N ND2 . ASN A 38 ? 0.0347 0.1165 0.0813 0.0006  0.0113  0.0064  37   ASN A ND2 
315 N N   . LYS A 39 ? 0.0411 0.0826 0.0973 -0.0100 0.0146  -0.0002 38   LYS A N   
316 C CA  . LYS A 39 ? 0.0594 0.0944 0.1062 -0.0131 0.0055  -0.0089 38   LYS A CA  
317 C C   . LYS A 39 ? 0.0468 0.0850 0.1087 -0.0060 -0.0003 -0.0055 38   LYS A C   
318 O O   . LYS A 39 ? 0.0518 0.1136 0.1139 -0.0031 -0.0049 -0.0169 38   LYS A O   
319 C CB  . LYS A 39 ? 0.1075 0.1041 0.1058 0.0006  0.0079  -0.0074 38   LYS A CB  
320 C CG  . LYS A 39 ? 0.1111 0.1142 0.1109 0.0016  0.0097  0.0015  38   LYS A CG  
321 C CD  . LYS A 39 ? 0.1245 0.1392 0.1288 0.0118  0.0065  -0.0032 38   LYS A CD  
322 C CE  . LYS A 39 ? 0.1375 0.1522 0.1478 0.0147  -0.0111 -0.0006 38   LYS A CE  
323 N NZ  . LYS A 39 ? 0.1454 0.1834 0.1479 0.0233  -0.0047 0.0129  38   LYS A NZ  
324 N N   . CYS A 40 ? 0.0498 0.0887 0.1126 -0.0167 0.0074  -0.0134 39   CYS A N   
325 C CA  . CYS A 40 ? 0.0430 0.0824 0.1130 -0.0126 0.0036  -0.0097 39   CYS A CA  
326 C C   . CYS A 40 ? 0.0522 0.0858 0.1028 -0.0118 -0.0072 -0.0051 39   CYS A C   
327 O O   . CYS A 40 ? 0.0375 0.1024 0.1015 -0.0117 -0.0104 -0.0003 39   CYS A O   
328 C CB  . CYS A 40 ? 0.0691 0.0874 0.1180 -0.0321 0.0119  -0.0066 39   CYS A CB  
329 S SG  . CYS A 40 ? 0.0941 0.1158 0.1402 -0.0357 0.0120  -0.0142 39   CYS A SG  
330 N N   . TRP A 41 ? 0.0352 0.0860 0.0886 -0.0109 -0.0007 -0.0022 40   TRP A N   
331 C CA  . TRP A 41 ? 0.0415 0.0897 0.0887 -0.0034 0.0035  -0.0059 40   TRP A CA  
332 C C   . TRP A 41 ? 0.0383 0.0939 0.0856 0.0001  0.0074  -0.0025 40   TRP A C   
333 O O   . TRP A 41 ? 0.0534 0.1021 0.0887 -0.0057 0.0121  0.0018  40   TRP A O   
334 C CB  . TRP A 41 ? 0.0577 0.0944 0.1017 -0.0073 0.0043  -0.0051 40   TRP A CB  
335 C CG  . TRP A 41 ? 0.0454 0.0974 0.0948 -0.0065 0.0114  -0.0046 40   TRP A CG  
336 C CD1 . TRP A 41 ? 0.0488 0.1029 0.1096 -0.0071 0.0130  -0.0084 40   TRP A CD1 
337 C CD2 . TRP A 41 ? 0.0582 0.0925 0.0855 -0.0153 0.0119  -0.0026 40   TRP A CD2 
338 N NE1 . TRP A 41 ? 0.0763 0.1030 0.1142 -0.0162 0.0150  0.0008  40   TRP A NE1 
339 C CE2 . TRP A 41 ? 0.0701 0.0939 0.0983 -0.0147 0.0176  0.0011  40   TRP A CE2 
340 C CE3 . TRP A 41 ? 0.0585 0.1004 0.1055 -0.0056 0.0050  0.0082  40   TRP A CE3 
341 C CZ2 . TRP A 41 ? 0.0792 0.1076 0.1126 -0.0167 0.0217  0.0143  40   TRP A CZ2 
342 C CZ3 . TRP A 41 ? 0.0802 0.1034 0.1208 -0.0053 0.0083  0.0035  40   TRP A CZ3 
343 C CH2 . TRP A 41 ? 0.0850 0.1103 0.1256 -0.0025 0.0119  0.0075  40   TRP A CH2 
344 N N   . LYS A 42 ? 0.0374 0.0985 0.1378 -0.0023 0.0160  -0.0041 41   LYS A N   
345 C CA  . LYS A 42 ? 0.0332 0.1170 0.1298 -0.0020 0.0177  -0.0045 41   LYS A CA  
346 C C   . LYS A 42 ? 0.0298 0.1162 0.1302 -0.0059 0.0207  0.0036  41   LYS A C   
347 O O   . LYS A 42 ? 0.0307 0.1134 0.1244 -0.0020 0.0151  0.0073  41   LYS A O   
348 C CB  . LYS A 42 ? 0.0415 0.1491 0.1408 -0.0001 0.0011  -0.0039 41   LYS A CB  
349 C CG  . LYS A 42 ? 0.0836 0.1846 0.1736 -0.0065 -0.0022 -0.0125 41   LYS A CG  
350 C CD  . LYS A 42 ? 0.1720 0.2272 0.2020 -0.0047 0.0011  -0.0107 41   LYS A CD  
351 C CE  . LYS A 42 ? 0.2069 0.2456 0.2367 -0.0006 0.0041  -0.0152 41   LYS A CE  
352 N NZ  . LYS A 42 ? 0.2544 0.2737 0.2561 -0.0010 0.0103  -0.0092 41   LYS A NZ  
353 N N   . PHE A 43 ? 0.0396 0.1250 0.1228 0.0040  0.0235  0.0084  42   PHE A N   
354 C CA  . PHE A 43 ? 0.0435 0.1211 0.1213 -0.0006 0.0106  0.0146  42   PHE A CA  
355 C C   . PHE A 43 ? 0.0285 0.1295 0.1172 0.0024  0.0074  0.0158  42   PHE A C   
356 O O   . PHE A 43 ? 0.0392 0.1353 0.1119 -0.0135 -0.0035 0.0202  42   PHE A O   
357 C CB  . PHE A 43 ? 0.0534 0.1264 0.1233 0.0125  0.0232  0.0175  42   PHE A CB  
358 C CG  . PHE A 43 ? 0.0397 0.1306 0.1236 0.0220  0.0245  0.0090  42   PHE A CG  
359 C CD1 . PHE A 43 ? 0.0850 0.1410 0.1315 0.0179  0.0085  0.0150  42   PHE A CD1 
360 C CD2 . PHE A 43 ? 0.0646 0.1407 0.1334 0.0108  0.0206  0.0175  42   PHE A CD2 
361 C CE1 . PHE A 43 ? 0.1066 0.1534 0.1331 0.0322  0.0117  0.0127  42   PHE A CE1 
362 C CE2 . PHE A 43 ? 0.0634 0.1576 0.1419 0.0070  0.0105  0.0215  42   PHE A CE2 
363 C CZ  . PHE A 43 ? 0.0655 0.1590 0.1384 0.0174  0.0154  0.0161  42   PHE A CZ  
364 N N   . GLU A 44 ? 0.0438 0.1351 0.1194 -0.0039 0.0202  0.0240  43   GLU A N   
365 C CA  . GLU A 44 ? 0.0695 0.1553 0.1295 -0.0136 0.0139  0.0199  43   GLU A CA  
366 C C   . GLU A 44 ? 0.0474 0.1400 0.1109 -0.0161 0.0065  0.0192  43   GLU A C   
367 O O   . GLU A 44 ? 0.0595 0.1455 0.1406 -0.0183 0.0166  0.0166  43   GLU A O   
368 C CB  . GLU A 44 ? 0.1002 0.1746 0.1350 -0.0023 0.0200  0.0177  43   GLU A CB  
369 C CG  . GLU A 44 ? 0.1466 0.2200 0.1713 -0.0012 0.0049  0.0033  43   GLU A CG  
370 C CD  . GLU A 44 ? 0.1774 0.2339 0.1919 -0.0041 0.0049  0.0030  43   GLU A CD  
371 O OE1 . GLU A 44 ? 0.2372 0.2820 0.2373 0.0021  0.0188  0.0018  43   GLU A OE1 
372 O OE2 . GLU A 44 ? 0.2420 0.2886 0.2333 -0.0056 -0.0018 0.0008  43   GLU A OE2 
373 N N   . HIS A 45 ? 0.0515 0.1292 0.1038 -0.0011 0.0020  0.0168  44   HIS A N   
374 C CA  . HIS A 45 ? 0.0501 0.1152 0.1115 -0.0140 0.0047  0.0155  44   HIS A CA  
375 C C   . HIS A 45 ? 0.0460 0.1095 0.1121 -0.0254 0.0047  0.0178  44   HIS A C   
376 O O   . HIS A 45 ? 0.0533 0.1110 0.1221 -0.0213 0.0147  0.0017  44   HIS A O   
377 C CB  . HIS A 45 ? 0.0603 0.1255 0.1128 -0.0141 0.0037  0.0164  44   HIS A CB  
378 C CG  . HIS A 45 ? 0.0682 0.1312 0.1137 0.0063  0.0041  0.0175  44   HIS A CG  
379 N ND1 . HIS A 45 ? 0.0735 0.1480 0.1121 0.0120  -0.0076 0.0140  44   HIS A ND1 
380 C CD2 . HIS A 45 ? 0.0915 0.1410 0.1215 0.0118  0.0071  0.0244  44   HIS A CD2 
381 C CE1 . HIS A 45 ? 0.0820 0.1529 0.1225 0.0090  0.0008  0.0142  44   HIS A CE1 
382 N NE2 . HIS A 45 ? 0.0961 0.1485 0.1216 0.0061  0.0036  0.0182  44   HIS A NE2 
383 N N   . CYS A 46 ? 0.0642 0.1119 0.1102 -0.0281 0.0037  0.0153  45   CYS A N   
384 C CA  . CYS A 46 ? 0.0892 0.1174 0.1155 -0.0179 0.0012  0.0150  45   CYS A CA  
385 C C   . CYS A 46 ? 0.0803 0.1318 0.1226 -0.0184 -0.0069 0.0099  45   CYS A C   
386 O O   . CYS A 46 ? 0.0904 0.1391 0.1320 -0.0150 -0.0185 0.0114  45   CYS A O   
387 C CB  A CYS A 46 ? 0.0969 0.1180 0.1164 -0.0218 0.0071  0.0114  45   CYS A CB  
388 C CB  B CYS A 46 ? 0.1139 0.1308 0.1282 -0.0152 0.0064  0.0109  45   CYS A CB  
389 S SG  A CYS A 46 ? 0.0638 0.1139 0.0992 -0.0186 0.0037  0.0119  45   CYS A SG  
390 S SG  B CYS A 46 ? 0.1404 0.1542 0.1400 -0.0145 0.0162  0.0062  45   CYS A SG  
391 N N   . ASN A 47 ? 0.0756 0.1193 0.1214 -0.0288 -0.0070 0.0097  46   ASN A N   
392 C CA  . ASN A 47 ? 0.0779 0.1208 0.1452 -0.0343 -0.0102 0.0020  46   ASN A CA  
393 C C   . ASN A 47 ? 0.0837 0.1082 0.1331 -0.0418 -0.0166 0.0055  46   ASN A C   
394 O O   . ASN A 47 ? 0.0798 0.1094 0.1297 -0.0325 -0.0185 0.0078  46   ASN A O   
395 C CB  . ASN A 47 ? 0.0779 0.1758 0.1987 -0.0149 0.0071  0.0010  46   ASN A CB  
396 C CG  . ASN A 47 ? 0.0609 0.1406 0.1805 -0.0254 0.0026  0.0041  46   ASN A CG  
397 O OD1 . ASN A 47 ? 0.0812 0.1478 0.1643 -0.0296 0.0016  0.0060  46   ASN A OD1 
398 N ND2 . ASN A 47 ? 0.0805 0.1540 0.1668 -0.0214 0.0205  0.0007  46   ASN A ND2 
399 N N   . PHE A 48 ? 0.0748 0.1301 0.1335 -0.0352 -0.0228 -0.0034 47   PHE A N   
400 C CA  . PHE A 48 ? 0.0939 0.1234 0.1236 -0.0362 -0.0206 -0.0021 47   PHE A CA  
401 C C   . PHE A 48 ? 0.0780 0.1205 0.1179 -0.0432 -0.0121 -0.0066 47   PHE A C   
402 O O   . PHE A 48 ? 0.0687 0.1357 0.1232 -0.0360 -0.0155 -0.0104 47   PHE A O   
403 C CB  . PHE A 48 ? 0.0806 0.1405 0.1363 -0.0482 -0.0218 -0.0076 47   PHE A CB  
404 C CG  . PHE A 48 ? 0.0786 0.1271 0.1288 -0.0627 -0.0093 -0.0108 47   PHE A CG  
405 C CD1 . PHE A 48 ? 0.0998 0.1582 0.1297 -0.0459 -0.0088 -0.0068 47   PHE A CD1 
406 C CD2 . PHE A 48 ? 0.0826 0.1301 0.1376 -0.0506 -0.0132 -0.0098 47   PHE A CD2 
407 C CE1 . PHE A 48 ? 0.0932 0.1630 0.1450 -0.0512 0.0007  -0.0115 47   PHE A CE1 
408 C CE2 . PHE A 48 ? 0.0914 0.1332 0.1539 -0.0625 -0.0077 -0.0172 47   PHE A CE2 
409 C CZ  . PHE A 48 ? 0.0969 0.1546 0.1593 -0.0455 -0.0100 -0.0174 47   PHE A CZ  
410 N N   . ASN A 49 ? 0.0738 0.1205 0.1423 -0.0440 -0.0086 0.0001  48   ASN A N   
411 C CA  . ASN A 49 ? 0.0604 0.1258 0.1326 -0.0489 -0.0035 -0.0002 48   ASN A CA  
412 C C   . ASN A 49 ? 0.0776 0.1104 0.1152 -0.0397 -0.0017 0.0064  48   ASN A C   
413 O O   . ASN A 49 ? 0.0846 0.1152 0.1263 -0.0332 -0.0001 0.0122  48   ASN A O   
414 C CB  . ASN A 49 ? 0.0892 0.1573 0.1624 -0.0472 0.0096  -0.0001 48   ASN A CB  
415 C CG  . ASN A 49 ? 0.1053 0.1874 0.1718 -0.0440 0.0087  -0.0007 48   ASN A CG  
416 O OD1 . ASN A 49 ? 0.1567 0.1837 0.1852 -0.0511 0.0003  0.0309  48   ASN A OD1 
417 N ND2 . ASN A 49 ? 0.1933 0.2229 0.1826 -0.0302 0.0059  -0.0029 48   ASN A ND2 
418 N N   . ASP A 50 ? 0.0828 0.1147 0.1105 -0.0277 -0.0021 0.0007  49   ASP A N   
419 C CA  . ASP A 50 ? 0.0781 0.1114 0.1016 -0.0354 0.0025  0.0041  49   ASP A CA  
420 C C   . ASP A 50 ? 0.0680 0.1070 0.1012 -0.0445 -0.0083 0.0012  49   ASP A C   
421 O O   . ASP A 50 ? 0.0849 0.1485 0.0911 -0.0495 -0.0183 0.0062  49   ASP A O   
422 C CB  . ASP A 50 ? 0.1129 0.1295 0.1320 -0.0151 0.0114  0.0098  49   ASP A CB  
423 C CG  . ASP A 50 ? 0.1533 0.1419 0.1554 -0.0097 0.0159  0.0224  49   ASP A CG  
424 O OD1 . ASP A 50 ? 0.2075 0.1732 0.1851 -0.0005 0.0409  0.0293  49   ASP A OD1 
425 O OD2 . ASP A 50 ? 0.1599 0.1513 0.1586 -0.0052 0.0241  0.0132  49   ASP A OD2 
426 N N   . VAL A 51 ? 0.0656 0.0982 0.0850 -0.0320 -0.0037 0.0084  50   VAL A N   
427 C CA  . VAL A 51 ? 0.0728 0.1172 0.0878 -0.0182 -0.0053 -0.0016 50   VAL A CA  
428 C C   . VAL A 51 ? 0.0805 0.1104 0.0869 -0.0119 -0.0133 -0.0017 50   VAL A C   
429 O O   . VAL A 51 ? 0.0865 0.1118 0.1106 -0.0070 -0.0173 -0.0024 50   VAL A O   
430 C CB  . VAL A 51 ? 0.0797 0.1093 0.0935 -0.0185 -0.0001 0.0039  50   VAL A CB  
431 C CG1 . VAL A 51 ? 0.0972 0.1278 0.1087 -0.0102 -0.0012 0.0073  50   VAL A CG1 
432 C CG2 . VAL A 51 ? 0.0837 0.1298 0.1014 -0.0099 0.0096  0.0074  50   VAL A CG2 
433 N N   . THR A 52 ? 0.1010 0.0963 0.1117 -0.0087 -0.0174 -0.0125 51   THR A N   
434 C CA  . THR A 52 ? 0.0995 0.1082 0.1327 -0.0123 -0.0204 -0.0118 51   THR A CA  
435 C C   . THR A 52 ? 0.0984 0.1136 0.1290 -0.0097 -0.0128 -0.0018 51   THR A C   
436 O O   . THR A 52 ? 0.1004 0.1175 0.1271 0.0001  -0.0168 -0.0110 51   THR A O   
437 C CB  . THR A 52 ? 0.1229 0.1198 0.1584 -0.0153 -0.0299 -0.0217 51   THR A CB  
438 O OG1 . THR A 52 ? 0.1398 0.1468 0.2071 -0.0219 -0.0146 -0.0297 51   THR A OG1 
439 C CG2 . THR A 52 ? 0.1566 0.1361 0.1796 -0.0099 -0.0424 -0.0250 51   THR A CG2 
440 N N   A THR A 53 ? 0.1009 0.1106 0.1259 -0.0067 -0.0133 0.0059  52   THR A N   
441 N N   B THR A 53 ? 0.0991 0.1070 0.1278 -0.0062 -0.0120 0.0053  52   THR A N   
442 C CA  A THR A 53 ? 0.1115 0.1286 0.1251 -0.0078 -0.0069 0.0114  52   THR A CA  
443 C CA  B THR A 53 ? 0.1089 0.1245 0.1302 -0.0055 -0.0016 0.0107  52   THR A CA  
444 C C   A THR A 53 ? 0.1064 0.1212 0.1027 -0.0022 -0.0120 0.0027  52   THR A C   
445 C C   B THR A 53 ? 0.0991 0.1161 0.1081 0.0000  -0.0047 0.0007  52   THR A C   
446 O O   A THR A 53 ? 0.1162 0.1304 0.1008 -0.0043 -0.0175 0.0121  52   THR A O   
447 O O   B THR A 53 ? 0.1130 0.1162 0.1164 0.0057  -0.0006 0.0020  52   THR A O   
448 C CB  A THR A 53 ? 0.1188 0.1386 0.1389 -0.0098 -0.0004 0.0127  52   THR A CB  
449 C CB  B THR A 53 ? 0.1184 0.1279 0.1444 -0.0069 0.0054  0.0126  52   THR A CB  
450 O OG1 A THR A 53 ? 0.1261 0.1492 0.1328 -0.0118 -0.0082 0.0098  52   THR A OG1 
451 O OG1 B THR A 53 ? 0.1354 0.1435 0.1718 -0.0142 0.0095  0.0143  52   THR A OG1 
452 C CG2 A THR A 53 ? 0.1311 0.1349 0.1539 -0.0131 0.0015  0.0152  52   THR A CG2 
453 C CG2 B THR A 53 ? 0.1316 0.1452 0.1516 0.0009  0.0014  0.0187  52   THR A CG2 
454 N N   . ARG A 54 ? 0.0778 0.1087 0.1054 -0.0114 -0.0027 0.0000  53   ARG A N   
455 C CA  . ARG A 54 ? 0.0662 0.1155 0.1176 -0.0116 -0.0050 -0.0072 53   ARG A CA  
456 C C   . ARG A 54 ? 0.0683 0.1288 0.1241 -0.0035 -0.0106 -0.0119 53   ARG A C   
457 O O   . ARG A 54 ? 0.0751 0.1613 0.1572 0.0027  -0.0101 -0.0325 53   ARG A O   
458 C CB  . ARG A 54 ? 0.0635 0.1164 0.1268 -0.0068 -0.0095 -0.0081 53   ARG A CB  
459 C CG  A ARG A 54 ? 0.0558 0.1207 0.0939 -0.0040 -0.0215 -0.0120 53   ARG A CG  
460 C CG  B ARG A 54 ? 0.0819 0.1286 0.1299 0.0032  -0.0091 -0.0084 53   ARG A CG  
461 C CD  A ARG A 54 ? 0.0483 0.1106 0.0949 -0.0056 0.0033  -0.0012 53   ARG A CD  
462 C CD  B ARG A 54 ? 0.0887 0.1229 0.1339 -0.0007 -0.0018 -0.0097 53   ARG A CD  
463 N NE  A ARG A 54 ? 0.0537 0.1085 0.0853 -0.0036 0.0012  -0.0053 53   ARG A NE  
464 N NE  B ARG A 54 ? 0.1053 0.1301 0.1399 -0.0036 -0.0003 -0.0068 53   ARG A NE  
465 C CZ  A ARG A 54 ? 0.0415 0.1043 0.0852 0.0059  -0.0013 -0.0014 53   ARG A CZ  
466 C CZ  B ARG A 54 ? 0.1018 0.1388 0.1411 0.0051  -0.0010 -0.0022 53   ARG A CZ  
467 N NH1 A ARG A 54 ? 0.0748 0.1149 0.1053 0.0094  0.0058  -0.0072 53   ARG A NH1 
468 N NH1 B ARG A 54 ? 0.1260 0.1459 0.1434 0.0059  0.0125  -0.0046 53   ARG A NH1 
469 N NH2 A ARG A 54 ? 0.0604 0.1122 0.1031 0.0053  -0.0025 0.0099  53   ARG A NH2 
470 N NH2 B ARG A 54 ? 0.0875 0.1306 0.1245 0.0178  -0.0115 -0.0001 53   ARG A NH2 
471 N N   . LEU A 55 ? 0.0788 0.1523 0.1180 -0.0047 0.0045  -0.0099 54   LEU A N   
472 C CA  . LEU A 55 ? 0.1002 0.1716 0.1459 -0.0053 0.0123  -0.0116 54   LEU A CA  
473 C C   . LEU A 55 ? 0.1155 0.1825 0.1447 0.0094  0.0127  -0.0151 54   LEU A C   
474 O O   . LEU A 55 ? 0.1222 0.2129 0.1858 0.0201  0.0239  -0.0264 54   LEU A O   
475 C CB  . LEU A 55 ? 0.1052 0.1994 0.1572 -0.0018 0.0231  -0.0060 54   LEU A CB  
476 C CG  . LEU A 55 ? 0.1160 0.2011 0.1677 -0.0185 0.0273  0.0048  54   LEU A CG  
477 C CD1 . LEU A 55 ? 0.1291 0.2223 0.1763 -0.0124 0.0322  0.0179  54   LEU A CD1 
478 C CD2 . LEU A 55 ? 0.1496 0.2074 0.1926 -0.0163 0.0147  0.0033  54   LEU A CD2 
479 N N   . ARG A 56 ? 0.1271 0.1608 0.1408 0.0146  0.0045  -0.0183 55   ARG A N   
480 C CA  . ARG A 56 ? 0.1603 0.1782 0.1556 0.0205  -0.0028 -0.0178 55   ARG A CA  
481 C C   . ARG A 56 ? 0.1522 0.1690 0.1575 0.0322  0.0027  -0.0185 55   ARG A C   
482 O O   . ARG A 56 ? 0.1709 0.2027 0.1704 0.0471  -0.0042 -0.0251 55   ARG A O   
483 C CB  . ARG A 56 ? 0.1768 0.1927 0.1616 0.0235  -0.0056 -0.0152 55   ARG A CB  
484 C CG  . ARG A 56 ? 0.1977 0.2088 0.1635 0.0148  -0.0101 -0.0175 55   ARG A CG  
485 C CD  . ARG A 56 ? 0.2123 0.2245 0.1844 0.0168  -0.0135 -0.0117 55   ARG A CD  
486 N NE  . ARG A 56 ? 0.2500 0.2594 0.2319 0.0042  -0.0006 -0.0052 55   ARG A NE  
487 C CZ  . ARG A 56 ? 0.2513 0.2689 0.2513 -0.0004 0.0009  -0.0059 55   ARG A CZ  
488 N NH1 . ARG A 56 ? 0.2651 0.2748 0.2592 0.0033  0.0021  -0.0076 55   ARG A NH1 
489 N NH2 . ARG A 56 ? 0.2685 0.2844 0.2687 -0.0042 0.0059  -0.0034 55   ARG A NH2 
490 N N   . GLU A 57 ? 0.1503 0.1599 0.1358 0.0111  0.0008  -0.0183 56   GLU A N   
491 C CA  . GLU A 57 ? 0.1795 0.1544 0.1481 0.0045  0.0024  -0.0148 56   GLU A CA  
492 C C   . GLU A 57 ? 0.1843 0.1699 0.1644 0.0000  0.0058  -0.0134 56   GLU A C   
493 O O   . GLU A 57 ? 0.1958 0.2118 0.1916 -0.0031 0.0084  -0.0287 56   GLU A O   
494 C CB  . GLU A 57 ? 0.1699 0.1359 0.1517 0.0207  0.0102  -0.0109 56   GLU A CB  
495 C CG  . GLU A 57 ? 0.1764 0.1348 0.1666 0.0217  0.0162  -0.0035 56   GLU A CG  
496 C CD  . GLU A 57 ? 0.1868 0.1226 0.1753 0.0147  0.0202  0.0044  56   GLU A CD  
497 O OE1 . GLU A 57 ? 0.2145 0.1262 0.1797 0.0293  0.0269  -0.0130 56   GLU A OE1 
498 O OE2 . GLU A 57 ? 0.1949 0.1394 0.2190 0.0276  0.0359  0.0124  56   GLU A OE2 
499 N N   . ASN A 58 ? 0.1993 0.1635 0.1855 -0.0183 0.0098  -0.0001 57   ASN A N   
500 C CA  . ASN A 58 ? 0.2055 0.1832 0.2148 -0.0174 0.0067  0.0068  57   ASN A CA  
501 C C   . ASN A 58 ? 0.1851 0.1611 0.2027 -0.0102 0.0121  -0.0041 57   ASN A C   
502 O O   . ASN A 58 ? 0.1892 0.1732 0.2128 -0.0212 0.0197  0.0011  57   ASN A O   
503 C CB  . ASN A 58 ? 0.2385 0.2050 0.2379 -0.0042 0.0066  0.0045  57   ASN A CB  
504 C CG  . ASN A 58 ? 0.2615 0.2295 0.2376 0.0022  0.0030  -0.0008 57   ASN A CG  
505 O OD1 . ASN A 58 ? 0.2742 0.2602 0.2475 -0.0009 0.0114  -0.0042 57   ASN A OD1 
506 N ND2 . ASN A 58 ? 0.2580 0.2358 0.2496 0.0108  0.0004  0.0041  57   ASN A ND2 
507 N N   . GLU A 59 ? 0.1783 0.1240 0.1949 -0.0165 0.0050  0.0101  58   GLU A N   
508 C CA  . GLU A 59 ? 0.1858 0.1454 0.2064 -0.0125 0.0072  0.0086  58   GLU A CA  
509 C C   . GLU A 59 ? 0.1506 0.1188 0.1840 -0.0201 0.0036  0.0017  58   GLU A C   
510 O O   . GLU A 59 ? 0.1404 0.1271 0.1985 -0.0212 0.0024  0.0063  58   GLU A O   
511 C CB  . GLU A 59 ? 0.2082 0.1725 0.2181 -0.0127 0.0056  -0.0035 58   GLU A CB  
512 C CG  . GLU A 59 ? 0.2436 0.2406 0.2538 -0.0070 -0.0012 -0.0037 58   GLU A CG  
513 C CD  . GLU A 59 ? 0.2599 0.2543 0.2637 -0.0047 0.0019  -0.0073 58   GLU A CD  
514 O OE1 . GLU A 59 ? 0.2878 0.3064 0.3096 0.0022  0.0081  -0.0033 58   GLU A OE1 
515 O OE2 . GLU A 59 ? 0.2783 0.2921 0.3054 -0.0066 0.0042  -0.0085 58   GLU A OE2 
516 N N   . LEU A 60 ? 0.1226 0.1059 0.1400 -0.0237 0.0138  0.0040  59   LEU A N   
517 C CA  . LEU A 60 ? 0.1130 0.0950 0.1361 -0.0250 0.0037  0.0030  59   LEU A CA  
518 C C   . LEU A 60 ? 0.0866 0.1093 0.1178 -0.0262 0.0076  -0.0037 59   LEU A C   
519 O O   . LEU A 60 ? 0.0853 0.1290 0.1384 -0.0341 0.0116  0.0007  59   LEU A O   
520 C CB  . LEU A 60 ? 0.1280 0.1169 0.1316 -0.0183 -0.0030 0.0050  59   LEU A CB  
521 C CG  . LEU A 60 ? 0.1644 0.1321 0.1178 -0.0113 -0.0055 0.0057  59   LEU A CG  
522 C CD1 . LEU A 60 ? 0.1494 0.1382 0.1230 -0.0141 -0.0028 0.0028  59   LEU A CD1 
523 C CD2 . LEU A 60 ? 0.1829 0.1651 0.1436 -0.0004 -0.0221 -0.0023 59   LEU A CD2 
524 N N   . THR A 61 ? 0.0841 0.0941 0.1100 -0.0182 -0.0047 -0.0075 60   THR A N   
525 C CA  . THR A 61 ? 0.0942 0.1058 0.1159 -0.0207 -0.0087 -0.0045 60   THR A CA  
526 C C   . THR A 61 ? 0.0824 0.0949 0.0981 -0.0216 -0.0057 -0.0015 60   THR A C   
527 O O   . THR A 61 ? 0.0746 0.1022 0.1132 -0.0182 -0.0048 -0.0092 60   THR A O   
528 C CB  . THR A 61 ? 0.1154 0.1302 0.1315 -0.0196 -0.0113 -0.0112 60   THR A CB  
529 O OG1 . THR A 61 ? 0.1526 0.1479 0.1318 -0.0230 0.0002  -0.0039 60   THR A OG1 
530 C CG2 . THR A 61 ? 0.1519 0.1497 0.1540 -0.0230 -0.0207 -0.0201 60   THR A CG2 
531 N N   . TYR A 62 ? 0.0705 0.0932 0.0998 -0.0288 0.0028  0.0047  61   TYR A N   
532 C CA  . TYR A 62 ? 0.0728 0.1022 0.1098 -0.0269 -0.0016 0.0041  61   TYR A CA  
533 C C   . TYR A 62 ? 0.0559 0.1016 0.1036 -0.0211 -0.0041 0.0028  61   TYR A C   
534 O O   . TYR A 62 ? 0.0523 0.1239 0.1148 -0.0219 -0.0113 -0.0008 61   TYR A O   
535 C CB  . TYR A 62 ? 0.0747 0.1310 0.1104 -0.0281 0.0023  0.0019  61   TYR A CB  
536 C CG  . TYR A 62 ? 0.0946 0.1446 0.1090 -0.0270 0.0010  0.0037  61   TYR A CG  
537 C CD1 . TYR A 62 ? 0.1152 0.1598 0.1206 -0.0189 0.0099  -0.0048 61   TYR A CD1 
538 C CD2 . TYR A 62 ? 0.1006 0.1610 0.1148 -0.0329 0.0047  0.0079  61   TYR A CD2 
539 C CE1 . TYR A 62 ? 0.1270 0.1723 0.1424 -0.0248 0.0101  -0.0027 61   TYR A CE1 
540 C CE2 . TYR A 62 ? 0.1091 0.1721 0.1368 -0.0357 0.0056  0.0048  61   TYR A CE2 
541 C CZ  . TYR A 62 ? 0.0945 0.1737 0.1400 -0.0363 0.0148  -0.0007 61   TYR A CZ  
542 O OH  . TYR A 62 ? 0.1131 0.2123 0.1802 -0.0279 0.0267  -0.0067 61   TYR A OH  
543 N N   . TYR A 63 ? 0.0400 0.1102 0.1158 -0.0154 -0.0020 0.0051  62   TYR A N   
544 C CA  . TYR A 63 ? 0.0674 0.1097 0.1120 -0.0134 0.0022  0.0054  62   TYR A CA  
545 C C   . TYR A 63 ? 0.0534 0.1047 0.0983 -0.0066 0.0038  0.0094  62   TYR A C   
546 O O   . TYR A 63 ? 0.0417 0.1132 0.1004 0.0032  0.0041  0.0048  62   TYR A O   
547 C CB  . TYR A 63 ? 0.0962 0.1274 0.1189 -0.0047 -0.0090 0.0087  62   TYR A CB  
548 C CG  . TYR A 63 ? 0.1179 0.1393 0.1297 -0.0066 -0.0073 0.0068  62   TYR A CG  
549 C CD1 . TYR A 63 ? 0.1343 0.1654 0.1669 0.0008  -0.0202 0.0099  62   TYR A CD1 
550 C CD2 . TYR A 63 ? 0.1256 0.1297 0.1298 -0.0064 0.0091  0.0090  62   TYR A CD2 
551 C CE1 . TYR A 63 ? 0.1803 0.1733 0.1856 0.0036  -0.0135 0.0147  62   TYR A CE1 
552 C CE2 . TYR A 63 ? 0.1745 0.1504 0.1458 0.0062  0.0042  0.0116  62   TYR A CE2 
553 C CZ  . TYR A 63 ? 0.1681 0.1441 0.1553 0.0108  -0.0044 0.0191  62   TYR A CZ  
554 O OH  . TYR A 63 ? 0.2044 0.1630 0.1900 0.0189  -0.0080 0.0269  62   TYR A OH  
555 N N   . CYS A 64 ? 0.0548 0.1130 0.1102 -0.0028 0.0050  0.0040  63   CYS A N   
556 C CA  . CYS A 64 ? 0.0636 0.1101 0.1144 -0.0022 0.0060  0.0115  63   CYS A CA  
557 C C   . CYS A 64 ? 0.0463 0.1195 0.1169 -0.0010 0.0045  0.0104  63   CYS A C   
558 O O   . CYS A 64 ? 0.0606 0.1312 0.1524 0.0076  -0.0161 0.0109  63   CYS A O   
559 C CB  . CYS A 64 ? 0.0757 0.1085 0.1137 0.0027  0.0002  0.0185  63   CYS A CB  
560 S SG  . CYS A 64 ? 0.0788 0.1321 0.1241 0.0073  0.0150  0.0204  63   CYS A SG  
561 N N   . CYS A 65 ? 0.0602 0.1054 0.1154 0.0065  0.0103  0.0149  64   CYS A N   
562 C CA  . CYS A 65 ? 0.0788 0.1023 0.1083 0.0089  0.0084  0.0104  64   CYS A CA  
563 C C   . CYS A 65 ? 0.0738 0.1083 0.1091 0.0125  0.0099  0.0056  64   CYS A C   
564 O O   . CYS A 65 ? 0.0716 0.1168 0.1357 0.0160  -0.0048 -0.0016 64   CYS A O   
565 C CB  . CYS A 65 ? 0.1095 0.1298 0.1220 -0.0007 0.0185  0.0117  64   CYS A CB  
566 S SG  . CYS A 65 ? 0.1108 0.1345 0.1433 -0.0003 0.0445  0.0129  64   CYS A SG  
567 N N   . LYS A 66 ? 0.0916 0.1047 0.1197 0.0180  0.0160  0.0108  65   LYS A N   
568 C CA  . LYS A 66 ? 0.0959 0.1118 0.1239 0.0209  0.0264  0.0056  65   LYS A CA  
569 C C   . LYS A 66 ? 0.0989 0.1121 0.1240 0.0280  0.0164  0.0058  65   LYS A C   
570 O O   . LYS A 66 ? 0.1635 0.1239 0.1469 0.0227  0.0324  0.0082  65   LYS A O   
571 C CB  . LYS A 66 ? 0.1102 0.1399 0.1618 0.0249  0.0285  0.0068  65   LYS A CB  
572 C CG  . LYS A 66 ? 0.1383 0.1831 0.2079 0.0286  0.0184  -0.0071 65   LYS A CG  
573 C CD  . LYS A 66 ? 0.1975 0.2355 0.2438 0.0189  0.0252  -0.0055 65   LYS A CD  
574 C CE  . LYS A 66 ? 0.2469 0.2735 0.2763 0.0127  0.0072  -0.0081 65   LYS A CE  
575 N NZ  . LYS A 66 ? 0.2847 0.3069 0.2903 0.0110  0.0109  -0.0025 65   LYS A NZ  
576 N N   . LYS A 67 ? 0.1195 0.1309 0.1185 0.0147  0.0257  0.0206  66   LYS A N   
577 C CA  . LYS A 67 ? 0.1353 0.1318 0.1326 0.0067  0.0166  0.0166  66   LYS A CA  
578 C C   . LYS A 67 ? 0.1240 0.1168 0.1248 0.0056  0.0196  0.0043  66   LYS A C   
579 O O   . LYS A 67 ? 0.1326 0.1019 0.1305 0.0010  0.0244  0.0075  66   LYS A O   
580 C CB  . LYS A 67 ? 0.1667 0.1778 0.1626 0.0099  0.0032  0.0235  66   LYS A CB  
581 C CG  . LYS A 67 ? 0.1988 0.2240 0.2133 0.0100  -0.0017 0.0213  66   LYS A CG  
582 C CD  . LYS A 67 ? 0.2599 0.2608 0.2594 0.0040  0.0024  0.0037  66   LYS A CD  
583 C CE  . LYS A 67 ? 0.2778 0.2907 0.2891 0.0038  0.0046  0.0022  66   LYS A CE  
584 N NZ  . LYS A 67 ? 0.3058 0.3009 0.3042 0.0026  0.0022  0.0034  66   LYS A NZ  
585 N N   . ASP A 68 ? 0.1383 0.1108 0.1540 0.0042  -0.0003 0.0059  67   ASP A N   
586 C CA  . ASP A 68 ? 0.1357 0.1233 0.1506 -0.0034 0.0096  -0.0125 67   ASP A CA  
587 C C   . ASP A 68 ? 0.1191 0.1113 0.1207 -0.0123 0.0151  -0.0032 67   ASP A C   
588 O O   . ASP A 68 ? 0.1250 0.1106 0.1302 -0.0096 0.0174  0.0124  67   ASP A O   
589 C CB  . ASP A 68 ? 0.1818 0.1379 0.1889 -0.0040 0.0093  -0.0150 67   ASP A CB  
590 C CG  . ASP A 68 ? 0.2042 0.1588 0.1899 -0.0097 0.0107  -0.0082 67   ASP A CG  
591 O OD1 . ASP A 68 ? 0.2114 0.1749 0.1818 0.0164  0.0126  -0.0068 67   ASP A OD1 
592 O OD2 . ASP A 68 ? 0.2379 0.1663 0.2214 -0.0269 0.0100  -0.0072 67   ASP A OD2 
593 N N   . LEU A 69 ? 0.1100 0.1130 0.1223 -0.0157 0.0145  0.0005  68   LEU A N   
594 C CA  . LEU A 69 ? 0.1022 0.1056 0.1109 -0.0149 0.0063  0.0006  68   LEU A CA  
595 C C   . LEU A 69 ? 0.1016 0.1085 0.1005 -0.0138 0.0038  0.0033  68   LEU A C   
596 O O   . LEU A 69 ? 0.0801 0.1201 0.1128 -0.0106 0.0087  0.0004  68   LEU A O   
597 C CB  . LEU A 69 ? 0.1146 0.1360 0.1275 -0.0134 -0.0023 -0.0045 68   LEU A CB  
598 C CG  . LEU A 69 ? 0.1230 0.1446 0.1335 -0.0228 -0.0018 -0.0058 68   LEU A CG  
599 C CD1 . LEU A 69 ? 0.1590 0.1640 0.1631 -0.0289 0.0053  0.0016  68   LEU A CD1 
600 C CD2 . LEU A 69 ? 0.1211 0.1540 0.1642 -0.0049 -0.0074 -0.0052 68   LEU A CD2 
601 N N   . CYS A 70 ? 0.0860 0.0933 0.0970 -0.0111 -0.0007 0.0071  69   CYS A N   
602 C CA  . CYS A 70 ? 0.0790 0.1052 0.0969 0.0014  0.0069  0.0107  69   CYS A CA  
603 C C   . CYS A 70 ? 0.0589 0.1010 0.0745 -0.0007 0.0179  0.0006  69   CYS A C   
604 O O   . CYS A 70 ? 0.0625 0.1095 0.0877 -0.0032 0.0018  0.0015  69   CYS A O   
605 C CB  . CYS A 70 ? 0.0770 0.1147 0.1144 0.0029  0.0071  0.0130  69   CYS A CB  
606 S SG  . CYS A 70 ? 0.0899 0.1332 0.1191 0.0103  0.0258  0.0076  69   CYS A SG  
607 N N   . ASN A 71 ? 0.0555 0.0967 0.0756 -0.0078 0.0123  0.0072  70   ASN A N   
608 C CA  . ASN A 71 ? 0.0546 0.0882 0.0760 -0.0180 0.0122  0.0019  70   ASN A CA  
609 C C   . ASN A 71 ? 0.0462 0.0855 0.0732 -0.0123 0.0081  0.0084  70   ASN A C   
610 O O   . ASN A 71 ? 0.0579 0.1057 0.0765 -0.0020 0.0087  0.0028  70   ASN A O   
611 C CB  . ASN A 71 ? 0.0466 0.0996 0.0780 -0.0088 0.0018  -0.0005 70   ASN A CB  
612 C CG  . ASN A 71 ? 0.0345 0.0899 0.0685 -0.0141 0.0139  -0.0057 70   ASN A CG  
613 O OD1 . ASN A 71 ? 0.0419 0.0948 0.0821 -0.0212 0.0094  0.0001  70   ASN A OD1 
614 N ND2 . ASN A 71 ? 0.0388 0.0989 0.0779 -0.0163 0.0071  0.0049  70   ASN A ND2 
615 N N   . PHE A 72 ? 0.0597 0.1094 0.0771 -0.0022 0.0050  0.0044  71   PHE A N   
616 C CA  . PHE A 72 ? 0.0472 0.1110 0.0830 -0.0036 0.0111  0.0078  71   PHE A CA  
617 C C   . PHE A 72 ? 0.0492 0.0999 0.0707 0.0027  0.0123  0.0202  71   PHE A C   
618 O O   . PHE A 72 ? 0.0536 0.1113 0.0749 -0.0073 0.0133  0.0095  71   PHE A O   
619 C CB  . PHE A 72 ? 0.0716 0.1031 0.1014 -0.0095 0.0216  0.0075  71   PHE A CB  
620 C CG  . PHE A 72 ? 0.0800 0.0888 0.0943 -0.0120 0.0222  0.0168  71   PHE A CG  
621 C CD1 . PHE A 72 ? 0.0865 0.0988 0.0804 -0.0123 0.0239  0.0251  71   PHE A CD1 
622 C CD2 . PHE A 72 ? 0.0972 0.0981 0.0880 -0.0053 0.0173  0.0194  71   PHE A CD2 
623 C CE1 . PHE A 72 ? 0.1011 0.1097 0.0997 0.0000  0.0126  0.0228  71   PHE A CE1 
624 C CE2 . PHE A 72 ? 0.1147 0.0983 0.0966 -0.0025 0.0149  0.0215  71   PHE A CE2 
625 C CZ  . PHE A 72 ? 0.1076 0.1185 0.0978 0.0026  0.0181  0.0198  71   PHE A CZ  
626 N N   . ASN A 73 ? 0.0491 0.1133 0.0854 -0.0041 0.0068  0.0052  72   ASN A N   
627 C CA  . ASN A 73 ? 0.0611 0.1143 0.1076 -0.0038 0.0055  0.0006  72   ASN A CA  
628 C C   . ASN A 73 ? 0.0685 0.1107 0.0855 -0.0065 0.0016  0.0002  72   ASN A C   
629 O O   . ASN A 73 ? 0.0894 0.1093 0.0969 -0.0141 0.0125  0.0072  72   ASN A O   
630 C CB  . ASN A 73 ? 0.0771 0.1251 0.1334 -0.0035 0.0064  -0.0070 72   ASN A CB  
631 C CG  . ASN A 73 ? 0.0873 0.1477 0.1551 -0.0079 0.0099  -0.0050 72   ASN A CG  
632 O OD1 . ASN A 73 ? 0.1342 0.1693 0.1466 -0.0208 0.0216  -0.0073 72   ASN A OD1 
633 N ND2 . ASN A 73 ? 0.1401 0.1575 0.2075 -0.0038 -0.0069 0.0015  72   ASN A ND2 
634 N N   . GLU A 74 ? 0.0722 0.1017 0.0742 -0.0133 0.0060  0.0031  73   GLU A N   
635 C CA  . GLU A 74 ? 0.0546 0.1262 0.0864 -0.0205 0.0040  0.0044  73   GLU A CA  
636 C C   . GLU A 74 ? 0.0670 0.1250 0.0865 -0.0238 -0.0040 0.0046  73   GLU A C   
637 O O   . GLU A 74 ? 0.0757 0.1648 0.0886 -0.0335 -0.0067 -0.0048 73   GLU A O   
638 C CB  . GLU A 74 ? 0.0510 0.1334 0.0930 -0.0173 0.0174  0.0090  73   GLU A CB  
639 C CG  . GLU A 74 ? 0.0618 0.1409 0.0931 -0.0203 0.0122  0.0014  73   GLU A CG  
640 C CD  . GLU A 74 ? 0.0584 0.1242 0.0965 -0.0215 0.0218  0.0143  73   GLU A CD  
641 O OE1 . GLU A 74 ? 0.0618 0.1278 0.0994 -0.0121 0.0193  0.0079  73   GLU A OE1 
642 O OE2 . GLU A 74 ? 0.0782 0.1573 0.1176 -0.0205 0.0322  0.0032  73   GLU A OE2 
643 N N   . GLN A 75 ? 0.0488 0.1334 0.0913 -0.0144 0.0074  -0.0047 74   GLN A N   
644 C CA  . GLN A 75 ? 0.0543 0.1562 0.1049 -0.0295 0.0129  -0.0059 74   GLN A CA  
645 C C   . GLN A 75 ? 0.0736 0.1642 0.1086 -0.0298 0.0142  0.0047  74   GLN A C   
646 O O   . GLN A 75 ? 0.0661 0.1785 0.1645 -0.0353 0.0071  0.0059  74   GLN A O   
647 C CB  . GLN A 75 ? 0.0753 0.1418 0.1056 -0.0177 0.0030  -0.0126 74   GLN A CB  
648 C CG  . GLN A 75 ? 0.0754 0.1414 0.1262 -0.0048 0.0043  -0.0099 74   GLN A CG  
649 C CD  . GLN A 75 ? 0.0865 0.1612 0.1248 -0.0041 -0.0165 -0.0037 74   GLN A CD  
650 O OE1 . GLN A 75 ? 0.1352 0.1963 0.1712 -0.0021 -0.0427 -0.0097 74   GLN A OE1 
651 N NE2 . GLN A 75 ? 0.0632 0.1603 0.1225 -0.0003 -0.0010 0.0015  74   GLN A NE2 
652 N N   . LEU A 76 ? 0.0838 0.1526 0.0991 -0.0427 0.0111  0.0041  75   LEU A N   
653 C CA  . LEU A 76 ? 0.1189 0.1782 0.1481 -0.0346 0.0099  0.0312  75   LEU A CA  
654 C C   . LEU A 76 ? 0.1465 0.1806 0.1952 -0.0306 0.0125  0.0206  75   LEU A C   
655 O O   . LEU A 76 ? 0.1576 0.1822 0.2147 -0.0230 0.0217  0.0223  75   LEU A O   
656 C CB  . LEU A 76 ? 0.1542 0.2153 0.1699 -0.0255 -0.0013 0.0371  75   LEU A CB  
657 C CG  . LEU A 76 ? 0.1713 0.2368 0.1745 -0.0116 -0.0045 0.0253  75   LEU A CG  
658 C CD1 . LEU A 76 ? 0.1693 0.2215 0.1388 -0.0088 -0.0038 0.0125  75   LEU A CD1 
659 C CD2 . LEU A 76 ? 0.1543 0.2161 0.1482 -0.0073 0.0062  0.0217  75   LEU A CD2 
660 N N   . GLU A 77 ? 0.1793 0.2252 0.2338 -0.0357 0.0102  0.0158  76   GLU A N   
661 C CA  . GLU A 77 ? 0.2620 0.2746 0.2809 -0.0202 0.0084  0.0005  76   GLU A CA  
662 C C   . GLU A 77 ? 0.2690 0.2810 0.2957 -0.0173 0.0060  -0.0022 76   GLU A C   
663 O O   . GLU A 77 ? 0.2934 0.2886 0.3162 -0.0188 0.0154  -0.0001 76   GLU A O   
664 C CB  . GLU A 77 ? 0.2664 0.2925 0.2944 -0.0142 0.0027  -0.0009 76   GLU A CB  
665 C CG  . GLU A 77 ? 0.3026 0.3127 0.3203 -0.0082 -0.0007 0.0009  76   GLU A CG  
666 C CD  . GLU A 77 ? 0.3053 0.3203 0.3258 -0.0049 -0.0023 0.0004  76   GLU A CD  
667 O OE1 . GLU A 77 ? 0.3262 0.3345 0.3493 -0.0107 -0.0008 -0.0041 76   GLU A OE1 
668 O OE2 . GLU A 77 ? 0.3317 0.3381 0.3507 -0.0003 -0.0050 0.0016  76   GLU A OE2 
669 N N   . ASN A 78 ? 0.2899 0.2889 0.3070 -0.0161 0.0032  0.0021  77   ASN A N   
670 C CA  . ASN A 78 ? 0.2978 0.2988 0.3212 -0.0076 -0.0005 -0.0009 77   ASN A CA  
671 C C   . ASN A 78 ? 0.3065 0.3007 0.3251 -0.0039 0.0049  -0.0009 77   ASN A C   
672 O O   . ASN A 78 ? 0.2929 0.2852 0.3251 -0.0138 0.0046  -0.0050 77   ASN A O   
673 C CB  . ASN A 78 ? 0.3040 0.3114 0.3256 -0.0092 0.0007  -0.0005 77   ASN A CB  
674 C CG  . ASN A 78 ? 0.3106 0.3209 0.3330 -0.0046 0.0009  0.0005  77   ASN A CG  
675 O OD1 . ASN A 78 ? 0.3277 0.3221 0.3324 -0.0082 0.0019  -0.0003 77   ASN A OD1 
676 N ND2 . ASN A 78 ? 0.3068 0.3165 0.3297 -0.0038 0.0009  -0.0066 77   ASN A ND2 
677 O O   . HOH B .  ? 0.1568 0.1403 0.2227 -0.0089 0.0368  -0.0284 2001 HOH A O   
678 O O   . HOH B .  ? 0.1952 0.1348 0.1956 -0.0134 -0.0040 -0.0095 2002 HOH A O   
679 O O   . HOH B .  ? 0.3978 0.3954 0.4000 -0.0191 -0.0017 0.0011  2003 HOH A O   
680 O O   . HOH B .  ? 0.4787 0.4652 0.4760 0.0010  0.0002  -0.0032 2004 HOH A O   
681 O O   . HOH B .  ? 0.4352 0.4577 0.4520 -0.0112 0.0006  0.0022  2005 HOH A O   
682 O O   . HOH B .  ? 0.4361 0.4475 0.4305 0.0015  -0.0066 0.0106  2006 HOH A O   
683 O O   . HOH B .  ? 0.1834 0.1701 0.2044 0.0000  0.0102  -0.0093 2007 HOH A O   
684 O O   . HOH B .  ? 0.4862 0.4950 0.4927 -0.0030 -0.0030 -0.0022 2008 HOH A O   
685 O O   . HOH B .  ? 0.3129 0.3308 0.3414 -0.0201 -0.0015 0.0062  2009 HOH A O   
686 O O   . HOH B .  ? 0.2446 0.2749 0.3064 0.0210  -0.0205 0.0039  2010 HOH A O   
687 O O   . HOH B .  ? 0.5667 0.5725 0.5642 0.0007  0.0019  -0.0018 2011 HOH A O   
688 O O   . HOH B .  ? 0.1594 0.2504 0.1926 0.0109  0.0260  -0.0108 2012 HOH A O   
689 O O   . HOH B .  ? 0.2090 0.2271 0.2192 -0.0123 -0.0133 0.0037  2013 HOH A O   
690 O O   . HOH B .  ? 0.2668 0.2971 0.2517 -0.0177 0.0205  0.0356  2014 HOH A O   
691 O O   . HOH B .  ? 0.2749 0.2873 0.2869 -0.0315 -0.0262 -0.0044 2015 HOH A O   
692 O O   . HOH B .  ? 0.1828 0.2811 0.2530 0.0063  -0.0359 0.0044  2016 HOH A O   
693 O O   . HOH B .  ? 0.0777 0.1377 0.1367 0.0062  -0.0190 0.0109  2017 HOH A O   
694 O O   . HOH B .  ? 0.4685 0.4742 0.4504 -0.0031 -0.0031 0.0055  2018 HOH A O   
695 O O   . HOH B .  ? 0.2679 0.3060 0.2970 0.0042  -0.0257 0.0096  2019 HOH A O   
696 O O   . HOH B .  ? 0.3960 0.4086 0.4091 0.0041  0.0013  0.0044  2020 HOH A O   
697 O O   . HOH B .  ? 0.0982 0.1524 0.1247 -0.0077 0.0164  -0.0108 2021 HOH A O   
698 O O   . HOH B .  ? 0.2423 0.3524 0.2984 -0.0144 0.0230  0.0076  2022 HOH A O   
699 O O   . HOH B .  ? 0.2360 0.2293 0.2278 -0.0068 0.0030  -0.0254 2023 HOH A O   
700 O O   . HOH B .  ? 0.3402 0.3576 0.3636 0.0127  -0.0019 0.0058  2024 HOH A O   
701 O O   . HOH B .  ? 0.3821 0.3841 0.3742 0.0048  0.0055  0.0045  2025 HOH A O   
702 O O   . HOH B .  ? 0.2084 0.2973 0.2672 0.0178  -0.0056 0.0031  2026 HOH A O   
703 O O   . HOH B .  ? 0.3506 0.3477 0.3488 0.0096  -0.0094 -0.0096 2027 HOH A O   
704 O O   . HOH B .  ? 0.3020 0.3236 0.3003 -0.0075 0.0069  0.0124  2028 HOH A O   
705 O O   . HOH B .  ? 0.1672 0.2721 0.2442 -0.0011 -0.0270 0.0177  2029 HOH A O   
706 O O   . HOH B .  ? 0.3675 0.3979 0.3849 0.0015  -0.0092 0.0097  2030 HOH A O   
707 O O   . HOH B .  ? 0.2229 0.2270 0.1740 0.0279  -0.0186 -0.0237 2031 HOH A O   
708 O O   . HOH B .  ? 0.3567 0.3654 0.3557 -0.0100 0.0038  0.0017  2032 HOH A O   
709 O O   . HOH B .  ? 0.1638 0.2665 0.2861 -0.0181 -0.0048 -0.0030 2033 HOH A O   
710 O O   . HOH B .  ? 0.3446 0.3829 0.3845 -0.0099 0.0027  -0.0021 2034 HOH A O   
711 O O   . HOH B .  ? 0.4025 0.4215 0.4144 -0.0019 -0.0019 -0.0022 2035 HOH A O   
712 O O   . HOH B .  ? 0.3574 0.3824 0.3733 -0.0017 -0.0053 -0.0002 2036 HOH A O   
713 O O   . HOH B .  ? 0.2353 0.2857 0.3508 -0.0480 0.0190  -0.0082 2037 HOH A O   
714 O O   . HOH B .  ? 0.6032 0.5961 0.5977 0.0002  -0.0005 0.0018  2038 HOH A O   
715 O O   . HOH B .  ? 0.3494 0.3869 0.3692 -0.0074 -0.0124 -0.0027 2039 HOH A O   
716 O O   . HOH B .  ? 0.2873 0.3465 0.3185 -0.0208 -0.0113 0.0076  2040 HOH A O   
717 O O   . HOH B .  ? 0.2417 0.2692 0.2957 0.0018  0.0242  -0.0070 2041 HOH A O   
718 O O   . HOH B .  ? 0.2635 0.1904 0.1652 0.0203  0.0189  0.0142  2042 HOH A O   
719 O O   . HOH B .  ? 0.2164 0.2136 0.2194 -0.0068 -0.0240 -0.0074 2043 HOH A O   
720 O O   . HOH B .  ? 0.2805 0.2765 0.2405 -0.0303 0.0123  -0.0272 2044 HOH A O   
721 O O   . HOH B .  ? 0.3190 0.2791 0.3020 -0.0100 -0.0059 -0.0301 2045 HOH A O   
722 O O   . HOH B .  ? 0.4777 0.4732 0.4758 0.0003  0.0010  -0.0018 2046 HOH A O   
723 O O   . HOH B .  ? 0.4416 0.4202 0.4214 -0.0021 0.0032  0.0009  2047 HOH A O   
724 O O   . HOH B .  ? 0.3176 0.3170 0.2812 -0.0283 0.0045  0.0091  2048 HOH A O   
725 O O   . HOH B .  ? 0.2948 0.2863 0.3027 0.0095  0.0237  0.0103  2049 HOH A O   
726 O O   . HOH B .  ? 0.2432 0.2558 0.2447 -0.0392 0.0195  -0.0003 2050 HOH A O   
727 O O   . HOH B .  ? 0.0740 0.1960 0.2553 0.0062  0.0469  -0.0535 2051 HOH A O   
728 O O   . HOH B .  ? 0.2860 0.1719 0.2194 0.0834  0.0072  -0.0040 2052 HOH A O   
729 O O   . HOH B .  ? 0.0791 0.1599 0.1415 0.0156  0.0195  -0.0052 2053 HOH A O   
730 O O   . HOH B .  ? 0.1775 0.2172 0.2160 0.0117  0.0001  -0.0025 2054 HOH A O   
731 O O   . HOH B .  ? 0.1544 0.2454 0.1882 -0.0821 0.0133  0.0050  2055 HOH A O   
732 O O   . HOH B .  ? 0.2788 0.2773 0.2908 0.0179  -0.0069 0.0023  2056 HOH A O   
733 O O   . HOH B .  ? 0.3928 0.3771 0.3786 -0.0046 0.0110  0.0026  2057 HOH A O   
734 O O   . HOH B .  ? 0.1381 0.2092 0.2611 -0.0084 0.0357  -0.0032 2058 HOH A O   
735 O O   . HOH B .  ? 0.2621 0.3148 0.2858 -0.0094 -0.0014 0.0068  2059 HOH A O   
736 O O   . HOH B .  ? 0.0794 0.1627 0.1726 -0.0143 0.0085  -0.0017 2060 HOH A O   
737 O O   . HOH B .  ? 0.3161 0.2514 0.2392 0.0292  -0.0309 0.0086  2061 HOH A O   
738 O O   . HOH B .  ? 0.3667 0.3544 0.3223 0.0128  -0.0067 -0.0035 2062 HOH A O   
739 O O   . HOH B .  ? 0.3141 0.3275 0.2711 0.0065  0.0043  0.0046  2063 HOH A O   
740 O O   . HOH B .  ? 0.3303 0.3483 0.3237 -0.0037 -0.0053 -0.0001 2064 HOH A O   
741 O O   . HOH B .  ? 0.0942 0.1744 0.2105 -0.0291 0.0563  0.0196  2065 HOH A O   
742 O O   . HOH B .  ? 0.3007 0.2840 0.3118 0.0078  -0.0253 -0.0007 2066 HOH A O   
743 O O   . HOH B .  ? 0.2342 0.2648 0.1908 0.0163  0.0065  0.0068  2067 HOH A O   
744 O O   . HOH B .  ? 0.3631 0.3420 0.3784 -0.0129 0.0062  -0.0035 2068 HOH A O   
745 O O   . HOH B .  ? 0.1572 0.2205 0.2677 -0.0204 0.0365  0.0023  2069 HOH A O   
746 O O   . HOH B .  ? 0.2058 0.2714 0.1850 0.0200  0.0046  0.0155  2070 HOH A O   
747 O O   . HOH B .  ? 0.2302 0.2386 0.2393 -0.0204 -0.0126 0.0024  2071 HOH A O   
748 O O   . HOH B .  ? 0.3871 0.3990 0.3718 0.0082  0.0030  0.0025  2072 HOH A O   
749 O O   . HOH B .  ? 0.3560 0.3369 0.3601 -0.0011 -0.0021 0.0030  2073 HOH A O   
750 O O   . HOH B .  ? 0.2593 0.2035 0.2501 -0.0030 -0.0141 0.0171  2074 HOH A O   
751 O O   . HOH B .  ? 0.0863 0.1707 0.1731 -0.0033 0.0087  -0.0047 2075 HOH A O   
752 O O   . HOH B .  ? 0.3226 0.3191 0.2951 0.0026  -0.0079 -0.0106 2076 HOH A O   
753 O O   . HOH B .  ? 0.1521 0.2653 0.2695 -0.0182 0.0301  -0.0396 2077 HOH A O   
754 O O   . HOH B .  ? 0.3071 0.3267 0.3376 -0.0070 0.0032  -0.0017 2078 HOH A O   
755 O O   . HOH B .  ? 0.1556 0.1435 0.1203 0.0036  0.0144  0.0211  2079 HOH A O   
756 O O   . HOH B .  ? 0.4900 0.4904 0.4929 -0.0018 0.0017  0.0006  2080 HOH A O   
757 O O   . HOH B .  ? 0.4630 0.4658 0.4590 0.0036  0.0012  -0.0087 2081 HOH A O   
758 O O   . HOH B .  ? 0.3640 0.2988 0.3201 0.0198  0.0269  -0.0089 2082 HOH A O   
759 O O   . HOH B .  ? 0.3458 0.3386 0.3360 0.0109  0.0266  0.0052  2083 HOH A O   
760 O O   . HOH B .  ? 0.2212 0.2690 0.2931 -0.0087 0.0219  -0.0167 2084 HOH A O   
761 O O   . HOH B .  ? 0.3978 0.3865 0.3922 -0.0106 -0.0097 0.0025  2085 HOH A O   
762 O O   . HOH B .  ? 0.3791 0.3551 0.3892 0.0021  -0.0030 -0.0014 2086 HOH A O   
763 O O   . HOH B .  ? 0.2906 0.2534 0.2712 -0.0004 0.0186  0.0006  2087 HOH A O   
764 O O   . HOH B .  ? 0.2767 0.2253 0.2650 -0.0040 0.0020  -0.0331 2088 HOH A O   
765 O O   . HOH B .  ? 0.2534 0.2181 0.2661 0.0041  0.0113  0.0099  2089 HOH A O   
766 O O   . HOH B .  ? 0.2894 0.2190 0.2272 0.0277  0.0276  -0.0045 2090 HOH A O   
767 O O   . HOH B .  ? 0.2181 0.3089 0.2698 -0.0218 0.0041  0.0176  2091 HOH A O   
768 O O   . HOH B .  ? 0.2251 0.2394 0.2315 -0.0358 -0.0020 -0.0034 2092 HOH A O   
769 O O   . HOH B .  ? 0.1797 0.2740 0.1989 -0.0259 -0.0087 0.0298  2093 HOH A O   
770 O O   . HOH B .  ? 0.0989 0.1675 0.1559 -0.0378 -0.0233 -0.0048 2094 HOH A O   
771 O O   . HOH B .  ? 0.3407 0.3451 0.3252 0.0123  -0.0074 -0.0059 2095 HOH A O   
772 O O   . HOH B .  ? 0.3872 0.4143 0.4107 0.0002  -0.0012 -0.0091 2096 HOH A O   
773 O O   . HOH B .  ? 0.2500 0.2907 0.2638 0.0121  -0.0112 0.0124  2097 HOH A O   
774 O O   . HOH B .  ? 0.0717 0.2300 0.2853 -0.0167 -0.0053 -0.0180 2098 HOH A O   
775 O O   . HOH B .  ? 0.2168 0.2766 0.2738 0.0225  -0.0139 0.0126  2099 HOH A O   
776 O O   . HOH B .  ? 0.3128 0.3173 0.2995 -0.0158 0.0080  0.0110  2100 HOH A O   
777 O O   . HOH B .  ? 0.2478 0.2633 0.2561 0.0275  0.0035  0.0094  2101 HOH A O   
778 O O   . HOH B .  ? 0.2288 0.2822 0.2851 0.0255  -0.0568 0.0155  2102 HOH A O   
779 O O   . HOH B .  ? 0.3889 0.3693 0.3916 0.0050  0.0046  -0.0043 2103 HOH A O   
780 O O   . HOH B .  ? 0.3303 0.3219 0.3809 -0.0097 -0.0011 0.0111  2104 HOH A O   
781 O O   . HOH B .  ? 0.3265 0.2485 0.3295 0.0150  0.0069  -0.0077 2105 HOH A O   
782 O O   . HOH B .  ? 0.2896 0.2594 0.3169 0.0033  -0.0140 -0.0304 2106 HOH A O   
783 O O   . HOH B .  ? 0.1838 0.2703 0.1977 -0.0508 0.0032  0.0088  2107 HOH A O   
784 O O   . HOH B .  ? 0.3012 0.2934 0.2557 0.0212  0.0135  0.0092  2108 HOH A O   
785 O O   . HOH B .  ? 0.3203 0.3299 0.3285 -0.0200 -0.0035 -0.0003 2109 HOH A O   
786 O O   . HOH B .  ? 0.2911 0.3638 0.3569 -0.0041 0.0017  0.0114  2110 HOH A O   
787 O O   . HOH B .  ? 0.1918 0.2838 0.2617 -0.0357 0.0073  0.0080  2111 HOH A O   
788 O O   . HOH B .  ? 0.4512 0.4595 0.4562 -0.0042 -0.0017 -0.0010 2112 HOH A O   
789 O O   . HOH B .  ? 0.2065 0.1854 0.2411 -0.0313 0.0149  0.0187  2113 HOH A O   
790 O O   . HOH B .  ? 0.2549 0.2850 0.2676 -0.0135 -0.0040 -0.0047 2114 HOH A O   
791 O O   . HOH B .  ? 0.5545 0.5618 0.5551 0.0027  -0.0031 0.0002  2115 HOH A O   
792 O O   . HOH B .  ? 0.2856 0.2795 0.2708 -0.0190 0.0116  0.0043  2116 HOH A O   
793 O O   . HOH B .  ? 0.2339 0.2467 0.2445 -0.0159 -0.0069 -0.0180 2117 HOH A O   
# 
